data_1W2L
# 
_entry.id   1W2L 
# 
_audit_conform.dict_name       mmcif_pdbx.dic 
_audit_conform.dict_version    5.398 
_audit_conform.dict_location   http://mmcif.pdb.org/dictionaries/ascii/mmcif_pdbx.dic 
# 
loop_
_database_2.database_id 
_database_2.database_code 
_database_2.pdbx_database_accession 
_database_2.pdbx_DOI 
PDB   1W2L         pdb_00001w2l 10.2210/pdb1w2l/pdb 
PDBE  EBI-20307    ?            ?                   
WWPDB D_1290020307 ?            ?                   
# 
loop_
_pdbx_audit_revision_history.ordinal 
_pdbx_audit_revision_history.data_content_type 
_pdbx_audit_revision_history.major_revision 
_pdbx_audit_revision_history.minor_revision 
_pdbx_audit_revision_history.revision_date 
1 'Structure model' 1 0 2005-01-19 
2 'Structure model' 1 1 2011-05-08 
3 'Structure model' 1 2 2011-07-13 
4 'Structure model' 2 0 2019-01-23 
5 'Structure model' 2 1 2019-05-22 
6 'Structure model' 2 2 2024-11-13 
# 
_pdbx_audit_revision_details.ordinal             1 
_pdbx_audit_revision_details.revision_ordinal    1 
_pdbx_audit_revision_details.data_content_type   'Structure model' 
_pdbx_audit_revision_details.provider            repository 
_pdbx_audit_revision_details.type                'Initial release' 
_pdbx_audit_revision_details.description         ? 
_pdbx_audit_revision_details.details             ? 
# 
loop_
_pdbx_audit_revision_group.ordinal 
_pdbx_audit_revision_group.revision_ordinal 
_pdbx_audit_revision_group.data_content_type 
_pdbx_audit_revision_group.group 
1  2 'Structure model' 'Version format compliance' 
2  3 'Structure model' 'Version format compliance' 
3  4 'Structure model' Advisory                    
4  4 'Structure model' 'Atomic model'              
5  4 'Structure model' 'Data collection'           
6  4 'Structure model' 'Database references'       
7  4 'Structure model' 'Derived calculations'      
8  4 'Structure model' 'Non-polymer description'   
9  4 'Structure model' 'Structure summary'         
10 5 'Structure model' 'Data collection'           
11 5 'Structure model' 'Derived calculations'      
12 5 'Structure model' 'Refinement description'    
13 6 'Structure model' 'Data collection'           
14 6 'Structure model' 'Database references'       
15 6 'Structure model' 'Derived calculations'      
16 6 'Structure model' 'Structure summary'         
# 
loop_
_pdbx_audit_revision_category.ordinal 
_pdbx_audit_revision_category.revision_ordinal 
_pdbx_audit_revision_category.data_content_type 
_pdbx_audit_revision_category.category 
1  4 'Structure model' atom_site                   
2  4 'Structure model' chem_comp                   
3  4 'Structure model' citation                    
4  4 'Structure model' citation_author             
5  4 'Structure model' entity                      
6  4 'Structure model' pdbx_entity_nonpoly         
7  4 'Structure model' pdbx_nonpoly_scheme         
8  4 'Structure model' pdbx_struct_conn_angle      
9  4 'Structure model' pdbx_validate_close_contact 
10 4 'Structure model' struct_conn                 
11 5 'Structure model' refine                      
12 5 'Structure model' struct_conn                 
13 6 'Structure model' chem_comp_atom              
14 6 'Structure model' chem_comp_bond              
15 6 'Structure model' database_2                  
16 6 'Structure model' pdbx_entry_details          
17 6 'Structure model' pdbx_modification_feature   
18 6 'Structure model' struct_conn                 
# 
loop_
_pdbx_audit_revision_item.ordinal 
_pdbx_audit_revision_item.revision_ordinal 
_pdbx_audit_revision_item.data_content_type 
_pdbx_audit_revision_item.item 
1  4 'Structure model' '_atom_site.B_iso_or_equiv'                   
2  4 'Structure model' '_atom_site.Cartn_x'                          
3  4 'Structure model' '_atom_site.Cartn_y'                          
4  4 'Structure model' '_atom_site.Cartn_z'                          
5  4 'Structure model' '_atom_site.auth_atom_id'                     
6  4 'Structure model' '_atom_site.auth_comp_id'                     
7  4 'Structure model' '_atom_site.label_atom_id'                    
8  4 'Structure model' '_atom_site.label_comp_id'                    
9  4 'Structure model' '_atom_site.type_symbol'                      
10 4 'Structure model' '_chem_comp.formula'                          
11 4 'Structure model' '_chem_comp.formula_weight'                   
12 4 'Structure model' '_chem_comp.id'                               
13 4 'Structure model' '_chem_comp.name'                             
14 4 'Structure model' '_chem_comp.pdbx_synonyms'                    
15 4 'Structure model' '_citation.journal_abbrev'                    
16 4 'Structure model' '_citation.page_last'                         
17 4 'Structure model' '_citation.pdbx_database_id_DOI'              
18 4 'Structure model' '_citation.title'                             
19 4 'Structure model' '_citation_author.name'                       
20 4 'Structure model' '_entity.formula_weight'                      
21 4 'Structure model' '_entity.pdbx_description'                    
22 4 'Structure model' '_pdbx_entity_nonpoly.comp_id'                
23 4 'Structure model' '_pdbx_entity_nonpoly.name'                   
24 4 'Structure model' '_pdbx_nonpoly_scheme.mon_id'                 
25 4 'Structure model' '_pdbx_nonpoly_scheme.pdb_mon_id'             
26 4 'Structure model' '_pdbx_struct_conn_angle.ptnr1_auth_comp_id'  
27 4 'Structure model' '_pdbx_struct_conn_angle.ptnr1_label_comp_id' 
28 4 'Structure model' '_pdbx_struct_conn_angle.ptnr2_auth_comp_id'  
29 4 'Structure model' '_pdbx_struct_conn_angle.ptnr2_label_comp_id' 
30 4 'Structure model' '_pdbx_struct_conn_angle.ptnr3_auth_comp_id'  
31 4 'Structure model' '_pdbx_struct_conn_angle.ptnr3_label_comp_id' 
32 5 'Structure model' '_refine.pdbx_ls_cross_valid_method'          
33 5 'Structure model' '_struct_conn.pdbx_leaving_atom_flag'         
34 6 'Structure model' '_database_2.pdbx_DOI'                        
35 6 'Structure model' '_database_2.pdbx_database_accession'         
36 6 'Structure model' '_struct_conn.ptnr1_auth_comp_id'             
37 6 'Structure model' '_struct_conn.ptnr1_auth_seq_id'              
38 6 'Structure model' '_struct_conn.ptnr1_label_asym_id'            
39 6 'Structure model' '_struct_conn.ptnr1_label_atom_id'            
40 6 'Structure model' '_struct_conn.ptnr1_label_comp_id'            
41 6 'Structure model' '_struct_conn.ptnr1_label_seq_id'             
42 6 'Structure model' '_struct_conn.ptnr2_auth_comp_id'             
43 6 'Structure model' '_struct_conn.ptnr2_auth_seq_id'              
44 6 'Structure model' '_struct_conn.ptnr2_label_asym_id'            
45 6 'Structure model' '_struct_conn.ptnr2_label_atom_id'            
46 6 'Structure model' '_struct_conn.ptnr2_label_comp_id'            
47 6 'Structure model' '_struct_conn.ptnr2_label_seq_id'             
# 
_pdbx_database_status.status_code                     REL 
_pdbx_database_status.entry_id                        1W2L 
_pdbx_database_status.deposit_site                    PDBE 
_pdbx_database_status.process_site                    PDBE 
_pdbx_database_status.SG_entry                        . 
_pdbx_database_status.recvd_initial_deposition_date   2004-07-06 
_pdbx_database_status.pdb_format_compatible           Y 
_pdbx_database_status.status_code_sf                  ? 
_pdbx_database_status.status_code_mr                  ? 
_pdbx_database_status.status_code_cs                  ? 
_pdbx_database_status.methods_development_category    ? 
_pdbx_database_status.status_code_nmr_data            ? 
# 
loop_
_audit_author.name 
_audit_author.pdbx_ordinal 
_audit_author.identifier_ORCID 
'Srinivasan, V.' 1 ? 
'Rajendran, C.'  2 ? 
'Sousa, F.L.'    3 ? 
'Melo, A.M.P.'   4 ? 
'Saraiva, L.M.'  5 ? 
'Pereira, M.M.'  6 ? 
'Santana, M.'    7 ? 
'Teixeira, M.'   8 ? 
'Michel, H.'     9 ? 
# 
_citation.id                        primary 
_citation.title                     'Structure at 1.3 A resolution of Rhodothermus marinus caa(3) cytochrome c domain.' 
_citation.journal_abbrev            'J. Mol. Biol.' 
_citation.journal_volume            345 
_citation.page_first                1047 
_citation.page_last                 1057 
_citation.year                      2005 
_citation.journal_id_ASTM           JMOBAK 
_citation.country                   UK 
_citation.journal_id_ISSN           0022-2836 
_citation.journal_id_CSD            0070 
_citation.book_publisher            ? 
_citation.pdbx_database_id_PubMed   15644203 
_citation.pdbx_database_id_DOI      10.1016/j.jmb.2004.10.069 
# 
loop_
_citation_author.citation_id 
_citation_author.name 
_citation_author.ordinal 
_citation_author.identifier_ORCID 
primary 'Srinivasan, V.' 1 ? 
primary 'Rajendran, C.'  2 ? 
primary 'Sousa, F.L.'    3 ? 
primary 'Melo, A.M.'     4 ? 
primary 'Saraiva, L.M.'  5 ? 
primary 'Pereira, M.M.'  6 ? 
primary 'Santana, M.'    7 ? 
primary 'Teixeira, M.'   8 ? 
primary 'Michel, H.'     9 ? 
# 
loop_
_entity.id 
_entity.type 
_entity.src_method 
_entity.pdbx_description 
_entity.formula_weight 
_entity.pdbx_number_of_molecules 
_entity.pdbx_ec 
_entity.pdbx_mutation 
_entity.pdbx_fragment 
_entity.details 
1 polymer     man 'CYTOCHROME OXIDASE SUBUNIT II'          10831.207 1   1.9.3.1 ? 'CYTOCHROME C DOMAIN, RESIDUES 218-316' ? 
2 non-polymer syn 'HEME C'                                 618.503   1   ?       ? ?                                       ? 
3 non-polymer syn 2-AMINO-2-HYDROXYMETHYL-PROPANE-1,3-DIOL 122.143   1   ?       ? ?                                       ? 
4 non-polymer syn 'ACETATE ION'                            59.044    1   ?       ? ?                                       ? 
5 water       nat water                                    18.015    131 ?       ? ?                                       ? 
# 
_entity_poly.entity_id                      1 
_entity_poly.type                           'polypeptide(L)' 
_entity_poly.nstd_linkage                   no 
_entity_poly.nstd_monomer                   no 
_entity_poly.pdbx_seq_one_letter_code       
;STMPLAELGARLYREKACFSCHSIDGSRLVGPSFKGLYGSTRTFEDGTTAVADENYLRESILQPGAKVVQGYPNVMPASY
ASLSEREVAALIEFIKQQQ
;
_entity_poly.pdbx_seq_one_letter_code_can   
;STMPLAELGARLYREKACFSCHSIDGSRLVGPSFKGLYGSTRTFEDGTTAVADENYLRESILQPGAKVVQGYPNVMPASY
ASLSEREVAALIEFIKQQQ
;
_entity_poly.pdbx_strand_id                 A 
_entity_poly.pdbx_target_identifier         ? 
# 
loop_
_pdbx_entity_nonpoly.entity_id 
_pdbx_entity_nonpoly.name 
_pdbx_entity_nonpoly.comp_id 
2 'HEME C'                                 HEC 
3 2-AMINO-2-HYDROXYMETHYL-PROPANE-1,3-DIOL TRS 
4 'ACETATE ION'                            ACT 
5 water                                    HOH 
# 
loop_
_entity_poly_seq.entity_id 
_entity_poly_seq.num 
_entity_poly_seq.mon_id 
_entity_poly_seq.hetero 
1 1  SER n 
1 2  THR n 
1 3  MET n 
1 4  PRO n 
1 5  LEU n 
1 6  ALA n 
1 7  GLU n 
1 8  LEU n 
1 9  GLY n 
1 10 ALA n 
1 11 ARG n 
1 12 LEU n 
1 13 TYR n 
1 14 ARG n 
1 15 GLU n 
1 16 LYS n 
1 17 ALA n 
1 18 CYS n 
1 19 PHE n 
1 20 SER n 
1 21 CYS n 
1 22 HIS n 
1 23 SER n 
1 24 ILE n 
1 25 ASP n 
1 26 GLY n 
1 27 SER n 
1 28 ARG n 
1 29 LEU n 
1 30 VAL n 
1 31 GLY n 
1 32 PRO n 
1 33 SER n 
1 34 PHE n 
1 35 LYS n 
1 36 GLY n 
1 37 LEU n 
1 38 TYR n 
1 39 GLY n 
1 40 SER n 
1 41 THR n 
1 42 ARG n 
1 43 THR n 
1 44 PHE n 
1 45 GLU n 
1 46 ASP n 
1 47 GLY n 
1 48 THR n 
1 49 THR n 
1 50 ALA n 
1 51 VAL n 
1 52 ALA n 
1 53 ASP n 
1 54 GLU n 
1 55 ASN n 
1 56 TYR n 
1 57 LEU n 
1 58 ARG n 
1 59 GLU n 
1 60 SER n 
1 61 ILE n 
1 62 LEU n 
1 63 GLN n 
1 64 PRO n 
1 65 GLY n 
1 66 ALA n 
1 67 LYS n 
1 68 VAL n 
1 69 VAL n 
1 70 GLN n 
1 71 GLY n 
1 72 TYR n 
1 73 PRO n 
1 74 ASN n 
1 75 VAL n 
1 76 MET n 
1 77 PRO n 
1 78 ALA n 
1 79 SER n 
1 80 TYR n 
1 81 ALA n 
1 82 SER n 
1 83 LEU n 
1 84 SER n 
1 85 GLU n 
1 86 ARG n 
1 87 GLU n 
1 88 VAL n 
1 89 ALA n 
1 90 ALA n 
1 91 LEU n 
1 92 ILE n 
1 93 GLU n 
1 94 PHE n 
1 95 ILE n 
1 96 LYS n 
1 97 GLN n 
1 98 GLN n 
1 99 GLN n 
# 
_entity_src_gen.entity_id                          1 
_entity_src_gen.pdbx_src_id                        1 
_entity_src_gen.pdbx_alt_source_flag               sample 
_entity_src_gen.pdbx_seq_type                      ? 
_entity_src_gen.pdbx_beg_seq_num                   ? 
_entity_src_gen.pdbx_end_seq_num                   ? 
_entity_src_gen.gene_src_common_name               ? 
_entity_src_gen.gene_src_genus                     ? 
_entity_src_gen.pdbx_gene_src_gene                 ? 
_entity_src_gen.gene_src_species                   ? 
_entity_src_gen.gene_src_strain                    ? 
_entity_src_gen.gene_src_tissue                    ? 
_entity_src_gen.gene_src_tissue_fraction           ? 
_entity_src_gen.gene_src_details                   ? 
_entity_src_gen.pdbx_gene_src_fragment             ? 
_entity_src_gen.pdbx_gene_src_scientific_name      'RHODOTHERMUS MARINUS' 
_entity_src_gen.pdbx_gene_src_ncbi_taxonomy_id     29549 
_entity_src_gen.pdbx_gene_src_variant              ? 
_entity_src_gen.pdbx_gene_src_cell_line            ? 
_entity_src_gen.pdbx_gene_src_atcc                 ? 
_entity_src_gen.pdbx_gene_src_organ                ? 
_entity_src_gen.pdbx_gene_src_organelle            ? 
_entity_src_gen.pdbx_gene_src_cell                 ? 
_entity_src_gen.pdbx_gene_src_cellular_location    ? 
_entity_src_gen.host_org_common_name               ? 
_entity_src_gen.pdbx_host_org_scientific_name      'ESCHERICHIA COLI' 
_entity_src_gen.pdbx_host_org_ncbi_taxonomy_id     511693 
_entity_src_gen.host_org_genus                     ? 
_entity_src_gen.pdbx_host_org_gene                 ? 
_entity_src_gen.pdbx_host_org_organ                ? 
_entity_src_gen.host_org_species                   ? 
_entity_src_gen.pdbx_host_org_tissue               ? 
_entity_src_gen.pdbx_host_org_tissue_fraction      ? 
_entity_src_gen.pdbx_host_org_strain               BL21 
_entity_src_gen.pdbx_host_org_variant              ? 
_entity_src_gen.pdbx_host_org_cell_line            ? 
_entity_src_gen.pdbx_host_org_atcc                 ? 
_entity_src_gen.pdbx_host_org_culture_collection   ? 
_entity_src_gen.pdbx_host_org_cell                 ? 
_entity_src_gen.pdbx_host_org_organelle            ? 
_entity_src_gen.pdbx_host_org_cellular_location    ? 
_entity_src_gen.pdbx_host_org_vector_type          ? 
_entity_src_gen.pdbx_host_org_vector               PET-12A 
_entity_src_gen.host_org_details                   ? 
_entity_src_gen.expression_system_id               ? 
_entity_src_gen.plasmid_name                       ? 
_entity_src_gen.plasmid_details                    ? 
_entity_src_gen.pdbx_description                   ? 
# 
loop_
_chem_comp.id 
_chem_comp.type 
_chem_comp.mon_nstd_flag 
_chem_comp.name 
_chem_comp.pdbx_synonyms 
_chem_comp.formula 
_chem_comp.formula_weight 
ACT non-polymer         . 'ACETATE ION'                            ?             'C2 H3 O2 -1'      59.044  
ALA 'L-peptide linking' y ALANINE                                  ?             'C3 H7 N O2'       89.093  
ARG 'L-peptide linking' y ARGININE                                 ?             'C6 H15 N4 O2 1'   175.209 
ASN 'L-peptide linking' y ASPARAGINE                               ?             'C4 H8 N2 O3'      132.118 
ASP 'L-peptide linking' y 'ASPARTIC ACID'                          ?             'C4 H7 N O4'       133.103 
CYS 'L-peptide linking' y CYSTEINE                                 ?             'C3 H7 N O2 S'     121.158 
GLN 'L-peptide linking' y GLUTAMINE                                ?             'C5 H10 N2 O3'     146.144 
GLU 'L-peptide linking' y 'GLUTAMIC ACID'                          ?             'C5 H9 N O4'       147.129 
GLY 'peptide linking'   y GLYCINE                                  ?             'C2 H5 N O2'       75.067  
HEC non-polymer         . 'HEME C'                                 ?             'C34 H34 Fe N4 O4' 618.503 
HIS 'L-peptide linking' y HISTIDINE                                ?             'C6 H10 N3 O2 1'   156.162 
HOH non-polymer         . WATER                                    ?             'H2 O'             18.015  
ILE 'L-peptide linking' y ISOLEUCINE                               ?             'C6 H13 N O2'      131.173 
LEU 'L-peptide linking' y LEUCINE                                  ?             'C6 H13 N O2'      131.173 
LYS 'L-peptide linking' y LYSINE                                   ?             'C6 H15 N2 O2 1'   147.195 
MET 'L-peptide linking' y METHIONINE                               ?             'C5 H11 N O2 S'    149.211 
PHE 'L-peptide linking' y PHENYLALANINE                            ?             'C9 H11 N O2'      165.189 
PRO 'L-peptide linking' y PROLINE                                  ?             'C5 H9 N O2'       115.130 
SER 'L-peptide linking' y SERINE                                   ?             'C3 H7 N O3'       105.093 
THR 'L-peptide linking' y THREONINE                                ?             'C4 H9 N O3'       119.119 
TRS non-polymer         . 2-AMINO-2-HYDROXYMETHYL-PROPANE-1,3-DIOL 'TRIS BUFFER' 'C4 H12 N O3 1'    122.143 
TYR 'L-peptide linking' y TYROSINE                                 ?             'C9 H11 N O3'      181.189 
VAL 'L-peptide linking' y VALINE                                   ?             'C5 H11 N O2'      117.146 
# 
loop_
_pdbx_poly_seq_scheme.asym_id 
_pdbx_poly_seq_scheme.entity_id 
_pdbx_poly_seq_scheme.seq_id 
_pdbx_poly_seq_scheme.mon_id 
_pdbx_poly_seq_scheme.ndb_seq_num 
_pdbx_poly_seq_scheme.pdb_seq_num 
_pdbx_poly_seq_scheme.auth_seq_num 
_pdbx_poly_seq_scheme.pdb_mon_id 
_pdbx_poly_seq_scheme.auth_mon_id 
_pdbx_poly_seq_scheme.pdb_strand_id 
_pdbx_poly_seq_scheme.pdb_ins_code 
_pdbx_poly_seq_scheme.hetero 
A 1 1  SER 1  1  ?  ?   ?   A . n 
A 1 2  THR 2  2  ?  ?   ?   A . n 
A 1 3  MET 3  3  3  MET MET A . n 
A 1 4  PRO 4  4  4  PRO PRO A . n 
A 1 5  LEU 5  5  5  LEU LEU A . n 
A 1 6  ALA 6  6  6  ALA ALA A . n 
A 1 7  GLU 7  7  7  GLU GLU A . n 
A 1 8  LEU 8  8  8  LEU LEU A . n 
A 1 9  GLY 9  9  9  GLY GLY A . n 
A 1 10 ALA 10 10 10 ALA ALA A . n 
A 1 11 ARG 11 11 11 ARG ARG A . n 
A 1 12 LEU 12 12 12 LEU LEU A . n 
A 1 13 TYR 13 13 13 TYR TYR A . n 
A 1 14 ARG 14 14 14 ARG ARG A . n 
A 1 15 GLU 15 15 15 GLU GLU A . n 
A 1 16 LYS 16 16 16 LYS LYS A . n 
A 1 17 ALA 17 17 17 ALA ALA A . n 
A 1 18 CYS 18 18 18 CYS CYS A . n 
A 1 19 PHE 19 19 19 PHE PHE A . n 
A 1 20 SER 20 20 20 SER SER A . n 
A 1 21 CYS 21 21 21 CYS CYS A . n 
A 1 22 HIS 22 22 22 HIS HIS A . n 
A 1 23 SER 23 23 23 SER SER A . n 
A 1 24 ILE 24 24 24 ILE ILE A . n 
A 1 25 ASP 25 25 25 ASP ASP A . n 
A 1 26 GLY 26 26 26 GLY GLY A . n 
A 1 27 SER 27 27 27 SER SER A . n 
A 1 28 ARG 28 28 28 ARG ARG A . n 
A 1 29 LEU 29 29 29 LEU LEU A . n 
A 1 30 VAL 30 30 30 VAL VAL A . n 
A 1 31 GLY 31 31 31 GLY GLY A . n 
A 1 32 PRO 32 32 32 PRO PRO A . n 
A 1 33 SER 33 33 33 SER SER A . n 
A 1 34 PHE 34 34 34 PHE PHE A . n 
A 1 35 LYS 35 35 35 LYS LYS A . n 
A 1 36 GLY 36 36 36 GLY GLY A . n 
A 1 37 LEU 37 37 37 LEU LEU A . n 
A 1 38 TYR 38 38 38 TYR TYR A . n 
A 1 39 GLY 39 39 39 GLY GLY A . n 
A 1 40 SER 40 40 40 SER SER A . n 
A 1 41 THR 41 41 41 THR THR A . n 
A 1 42 ARG 42 42 42 ARG ARG A . n 
A 1 43 THR 43 43 43 THR THR A . n 
A 1 44 PHE 44 44 44 PHE PHE A . n 
A 1 45 GLU 45 45 45 GLU GLU A . n 
A 1 46 ASP 46 46 46 ASP ASP A . n 
A 1 47 GLY 47 47 47 GLY GLY A . n 
A 1 48 THR 48 48 48 THR THR A . n 
A 1 49 THR 49 49 49 THR THR A . n 
A 1 50 ALA 50 50 50 ALA ALA A . n 
A 1 51 VAL 51 51 51 VAL VAL A . n 
A 1 52 ALA 52 52 52 ALA ALA A . n 
A 1 53 ASP 53 53 53 ASP ASP A . n 
A 1 54 GLU 54 54 54 GLU GLU A . n 
A 1 55 ASN 55 55 55 ASN ASN A . n 
A 1 56 TYR 56 56 56 TYR TYR A . n 
A 1 57 LEU 57 57 57 LEU LEU A . n 
A 1 58 ARG 58 58 58 ARG ARG A . n 
A 1 59 GLU 59 59 59 GLU GLU A . n 
A 1 60 SER 60 60 60 SER SER A . n 
A 1 61 ILE 61 61 61 ILE ILE A . n 
A 1 62 LEU 62 62 62 LEU LEU A . n 
A 1 63 GLN 63 63 63 GLN GLN A . n 
A 1 64 PRO 64 64 64 PRO PRO A . n 
A 1 65 GLY 65 65 65 GLY GLY A . n 
A 1 66 ALA 66 66 66 ALA ALA A . n 
A 1 67 LYS 67 67 67 LYS LYS A . n 
A 1 68 VAL 68 68 68 VAL VAL A . n 
A 1 69 VAL 69 69 69 VAL VAL A . n 
A 1 70 GLN 70 70 70 GLN GLN A . n 
A 1 71 GLY 71 71 71 GLY GLY A . n 
A 1 72 TYR 72 72 72 TYR TYR A . n 
A 1 73 PRO 73 73 73 PRO PRO A . n 
A 1 74 ASN 74 74 74 ASN ASN A . n 
A 1 75 VAL 75 75 75 VAL VAL A . n 
A 1 76 MET 76 76 76 MET MET A . n 
A 1 77 PRO 77 77 77 PRO PRO A . n 
A 1 78 ALA 78 78 78 ALA ALA A . n 
A 1 79 SER 79 79 79 SER SER A . n 
A 1 80 TYR 80 80 80 TYR TYR A . n 
A 1 81 ALA 81 81 81 ALA ALA A . n 
A 1 82 SER 82 82 82 SER SER A . n 
A 1 83 LEU 83 83 83 LEU LEU A . n 
A 1 84 SER 84 84 84 SER SER A . n 
A 1 85 GLU 85 85 85 GLU GLU A . n 
A 1 86 ARG 86 86 86 ARG ARG A . n 
A 1 87 GLU 87 87 87 GLU GLU A . n 
A 1 88 VAL 88 88 88 VAL VAL A . n 
A 1 89 ALA 89 89 89 ALA ALA A . n 
A 1 90 ALA 90 90 90 ALA ALA A . n 
A 1 91 LEU 91 91 91 LEU LEU A . n 
A 1 92 ILE 92 92 92 ILE ILE A . n 
A 1 93 GLU 93 93 93 GLU GLU A . n 
A 1 94 PHE 94 94 94 PHE PHE A . n 
A 1 95 ILE 95 95 95 ILE ILE A . n 
A 1 96 LYS 96 96 96 LYS LYS A . n 
A 1 97 GLN 97 97 97 GLN GLN A . n 
A 1 98 GLN 98 98 98 GLN GLN A . n 
A 1 99 GLN 99 99 99 GLN GLN A . n 
# 
loop_
_pdbx_nonpoly_scheme.asym_id 
_pdbx_nonpoly_scheme.entity_id 
_pdbx_nonpoly_scheme.mon_id 
_pdbx_nonpoly_scheme.ndb_seq_num 
_pdbx_nonpoly_scheme.pdb_seq_num 
_pdbx_nonpoly_scheme.auth_seq_num 
_pdbx_nonpoly_scheme.pdb_mon_id 
_pdbx_nonpoly_scheme.auth_mon_id 
_pdbx_nonpoly_scheme.pdb_strand_id 
_pdbx_nonpoly_scheme.pdb_ins_code 
B 2 HEC 1   1100 1100 HEC HEM A . 
C 3 TRS 1   1101 1101 TRS TRS A . 
D 4 ACT 1   1102 1102 ACT ACT A . 
E 5 HOH 1   2001 2001 HOH HOH A . 
E 5 HOH 2   2002 2002 HOH HOH A . 
E 5 HOH 3   2003 2003 HOH HOH A . 
E 5 HOH 4   2004 2004 HOH HOH A . 
E 5 HOH 5   2005 2005 HOH HOH A . 
E 5 HOH 6   2006 2006 HOH HOH A . 
E 5 HOH 7   2007 2007 HOH HOH A . 
E 5 HOH 8   2008 2008 HOH HOH A . 
E 5 HOH 9   2009 2009 HOH HOH A . 
E 5 HOH 10  2010 2010 HOH HOH A . 
E 5 HOH 11  2011 2011 HOH HOH A . 
E 5 HOH 12  2012 2012 HOH HOH A . 
E 5 HOH 13  2013 2013 HOH HOH A . 
E 5 HOH 14  2014 2014 HOH HOH A . 
E 5 HOH 15  2015 2015 HOH HOH A . 
E 5 HOH 16  2016 2016 HOH HOH A . 
E 5 HOH 17  2017 2017 HOH HOH A . 
E 5 HOH 18  2018 2018 HOH HOH A . 
E 5 HOH 19  2019 2019 HOH HOH A . 
E 5 HOH 20  2020 2020 HOH HOH A . 
E 5 HOH 21  2021 2021 HOH HOH A . 
E 5 HOH 22  2022 2022 HOH HOH A . 
E 5 HOH 23  2023 2023 HOH HOH A . 
E 5 HOH 24  2024 2024 HOH HOH A . 
E 5 HOH 25  2025 2025 HOH HOH A . 
E 5 HOH 26  2026 2026 HOH HOH A . 
E 5 HOH 27  2027 2027 HOH HOH A . 
E 5 HOH 28  2028 2028 HOH HOH A . 
E 5 HOH 29  2029 2029 HOH HOH A . 
E 5 HOH 30  2030 2030 HOH HOH A . 
E 5 HOH 31  2031 2031 HOH HOH A . 
E 5 HOH 32  2032 2032 HOH HOH A . 
E 5 HOH 33  2033 2033 HOH HOH A . 
E 5 HOH 34  2034 2034 HOH HOH A . 
E 5 HOH 35  2035 2035 HOH HOH A . 
E 5 HOH 36  2036 2036 HOH HOH A . 
E 5 HOH 37  2037 2037 HOH HOH A . 
E 5 HOH 38  2038 2038 HOH HOH A . 
E 5 HOH 39  2039 2039 HOH HOH A . 
E 5 HOH 40  2040 2040 HOH HOH A . 
E 5 HOH 41  2041 2041 HOH HOH A . 
E 5 HOH 42  2042 2042 HOH HOH A . 
E 5 HOH 43  2043 2043 HOH HOH A . 
E 5 HOH 44  2044 2044 HOH HOH A . 
E 5 HOH 45  2045 2045 HOH HOH A . 
E 5 HOH 46  2046 2046 HOH HOH A . 
E 5 HOH 47  2047 2047 HOH HOH A . 
E 5 HOH 48  2048 2048 HOH HOH A . 
E 5 HOH 49  2049 2049 HOH HOH A . 
E 5 HOH 50  2050 2050 HOH HOH A . 
E 5 HOH 51  2051 2051 HOH HOH A . 
E 5 HOH 52  2052 2052 HOH HOH A . 
E 5 HOH 53  2053 2053 HOH HOH A . 
E 5 HOH 54  2054 2054 HOH HOH A . 
E 5 HOH 55  2055 2055 HOH HOH A . 
E 5 HOH 56  2056 2056 HOH HOH A . 
E 5 HOH 57  2057 2057 HOH HOH A . 
E 5 HOH 58  2058 2058 HOH HOH A . 
E 5 HOH 59  2059 2059 HOH HOH A . 
E 5 HOH 60  2060 2060 HOH HOH A . 
E 5 HOH 61  2061 2061 HOH HOH A . 
E 5 HOH 62  2062 2062 HOH HOH A . 
E 5 HOH 63  2063 2063 HOH HOH A . 
E 5 HOH 64  2064 2064 HOH HOH A . 
E 5 HOH 65  2065 2065 HOH HOH A . 
E 5 HOH 66  2066 2066 HOH HOH A . 
E 5 HOH 67  2067 2067 HOH HOH A . 
E 5 HOH 68  2068 2068 HOH HOH A . 
E 5 HOH 69  2069 2069 HOH HOH A . 
E 5 HOH 70  2070 2070 HOH HOH A . 
E 5 HOH 71  2071 2071 HOH HOH A . 
E 5 HOH 72  2072 2072 HOH HOH A . 
E 5 HOH 73  2073 2073 HOH HOH A . 
E 5 HOH 74  2074 2074 HOH HOH A . 
E 5 HOH 75  2075 2075 HOH HOH A . 
E 5 HOH 76  2076 2076 HOH HOH A . 
E 5 HOH 77  2077 2077 HOH HOH A . 
E 5 HOH 78  2078 2078 HOH HOH A . 
E 5 HOH 79  2079 2079 HOH HOH A . 
E 5 HOH 80  2080 2080 HOH HOH A . 
E 5 HOH 81  2081 2081 HOH HOH A . 
E 5 HOH 82  2082 2082 HOH HOH A . 
E 5 HOH 83  2083 2083 HOH HOH A . 
E 5 HOH 84  2084 2084 HOH HOH A . 
E 5 HOH 85  2085 2085 HOH HOH A . 
E 5 HOH 86  2086 2086 HOH HOH A . 
E 5 HOH 87  2087 2087 HOH HOH A . 
E 5 HOH 88  2088 2088 HOH HOH A . 
E 5 HOH 89  2089 2089 HOH HOH A . 
E 5 HOH 90  2090 2090 HOH HOH A . 
E 5 HOH 91  2091 2091 HOH HOH A . 
E 5 HOH 92  2092 2092 HOH HOH A . 
E 5 HOH 93  2093 2093 HOH HOH A . 
E 5 HOH 94  2094 2094 HOH HOH A . 
E 5 HOH 95  2095 2095 HOH HOH A . 
E 5 HOH 96  2096 2096 HOH HOH A . 
E 5 HOH 97  2097 2097 HOH HOH A . 
E 5 HOH 98  2098 2098 HOH HOH A . 
E 5 HOH 99  2099 2099 HOH HOH A . 
E 5 HOH 100 2100 2100 HOH HOH A . 
E 5 HOH 101 2101 2101 HOH HOH A . 
E 5 HOH 102 2102 2102 HOH HOH A . 
E 5 HOH 103 2103 2103 HOH HOH A . 
E 5 HOH 104 2104 2104 HOH HOH A . 
E 5 HOH 105 2105 2105 HOH HOH A . 
E 5 HOH 106 2106 2106 HOH HOH A . 
E 5 HOH 107 2107 2107 HOH HOH A . 
E 5 HOH 108 2108 2108 HOH HOH A . 
E 5 HOH 109 2109 2109 HOH HOH A . 
E 5 HOH 110 2110 2110 HOH HOH A . 
E 5 HOH 111 2111 2111 HOH HOH A . 
E 5 HOH 112 2112 2112 HOH HOH A . 
E 5 HOH 113 2113 2113 HOH HOH A . 
E 5 HOH 114 2114 2114 HOH HOH A . 
E 5 HOH 115 2115 2115 HOH HOH A . 
E 5 HOH 116 2116 2116 HOH HOH A . 
E 5 HOH 117 2117 2117 HOH HOH A . 
E 5 HOH 118 2118 2118 HOH HOH A . 
E 5 HOH 119 2119 2119 HOH HOH A . 
E 5 HOH 120 2120 2120 HOH HOH A . 
E 5 HOH 121 2121 2121 HOH HOH A . 
E 5 HOH 122 2122 2122 HOH HOH A . 
E 5 HOH 123 2123 2123 HOH HOH A . 
E 5 HOH 124 2124 2124 HOH HOH A . 
E 5 HOH 125 2125 2125 HOH HOH A . 
E 5 HOH 126 2126 2126 HOH HOH A . 
E 5 HOH 127 2127 2127 HOH HOH A . 
E 5 HOH 128 2128 2128 HOH HOH A . 
E 5 HOH 129 2129 2129 HOH HOH A . 
E 5 HOH 130 2130 2130 HOH HOH A . 
E 5 HOH 131 2131 2131 HOH HOH A . 
# 
loop_
_software.name 
_software.classification 
_software.version 
_software.citation_id 
_software.pdbx_ordinal 
_software.date 
_software.type 
_software.location 
_software.language 
SHELXL-97 refinement       . ? 1 ? ? ? ? 
DENZO     'data reduction' . ? 2 ? ? ? ? 
SCALEPACK 'data scaling'   . ? 3 ? ? ? ? 
SHARP     phasing          . ? 4 ? ? ? ? 
# 
_cell.entry_id           1W2L 
_cell.length_a           54.049 
_cell.length_b           54.049 
_cell.length_c           91.347 
_cell.angle_alpha        90.00 
_cell.angle_beta         90.00 
_cell.angle_gamma        90.00 
_cell.Z_PDB              8 
_cell.pdbx_unique_axis   ? 
# 
_symmetry.entry_id                         1W2L 
_symmetry.space_group_name_H-M             'P 41 21 2' 
_symmetry.pdbx_full_space_group_name_H-M   ? 
_symmetry.cell_setting                     ? 
_symmetry.Int_Tables_number                92 
# 
_exptl.entry_id          1W2L 
_exptl.method            'X-RAY DIFFRACTION' 
_exptl.crystals_number   1 
# 
_exptl_crystal.id                    1 
_exptl_crystal.density_meas          ? 
_exptl_crystal.density_Matthews      2.7 
_exptl_crystal.density_percent_sol   54.4 
_exptl_crystal.description           ? 
_exptl_crystal.preparation           ? 
# 
_exptl_crystal_grow.crystal_id      1 
_exptl_crystal_grow.method          ? 
_exptl_crystal_grow.temp            ? 
_exptl_crystal_grow.temp_details    ? 
_exptl_crystal_grow.pH              ? 
_exptl_crystal_grow.pdbx_pH_range   ? 
_exptl_crystal_grow.pdbx_details    '1.5 M AMMONIUM SULPHATE, 0.2 M SODIUM ACETATE TRIHYDRATE' 
# 
_diffrn.id                               1 
_diffrn.ambient_temp                     100.0 
_diffrn.ambient_temp_details             ? 
_diffrn.crystal_id                       1 
_diffrn.pdbx_serial_crystal_experiment   ? 
# 
_diffrn_detector.diffrn_id              1 
_diffrn_detector.detector               CCD 
_diffrn_detector.type                   'ADSC CCD' 
_diffrn_detector.pdbx_collection_date   ? 
_diffrn_detector.details                ? 
# 
_diffrn_radiation.diffrn_id                        1 
_diffrn_radiation.wavelength_id                    1 
_diffrn_radiation.pdbx_monochromatic_or_laue_m_l   M 
_diffrn_radiation.monochromator                    ? 
_diffrn_radiation.pdbx_diffrn_protocol             MAD 
_diffrn_radiation.pdbx_scattering_type             x-ray 
# 
loop_
_diffrn_radiation_wavelength.id 
_diffrn_radiation_wavelength.wavelength 
_diffrn_radiation_wavelength.wt 
1 0.97   1.0 
2 1.7373 1.0 
# 
_diffrn_source.diffrn_id                   1 
_diffrn_source.source                      SYNCHROTRON 
_diffrn_source.type                        'ESRF BEAMLINE ID29' 
_diffrn_source.pdbx_synchrotron_site       ESRF 
_diffrn_source.pdbx_synchrotron_beamline   ID29 
_diffrn_source.pdbx_wavelength             ? 
_diffrn_source.pdbx_wavelength_list        '0.97, 1.7373' 
# 
_reflns.pdbx_diffrn_id               1 
_reflns.pdbx_ordinal                 1 
_reflns.entry_id                     1W2L 
_reflns.observed_criterion_sigma_I   ? 
_reflns.observed_criterion_sigma_F   ? 
_reflns.d_resolution_low             30.000 
_reflns.d_resolution_high            1.300 
_reflns.number_obs                   31867 
_reflns.number_all                   ? 
_reflns.percent_possible_obs         98.4 
_reflns.pdbx_Rmerge_I_obs            0.06000 
_reflns.pdbx_Rsym_value              ? 
_reflns.pdbx_netI_over_sigmaI        14.7300 
_reflns.B_iso_Wilson_estimate        ? 
_reflns.pdbx_redundancy              ? 
_reflns.pdbx_CC_half                 ? 
_reflns.pdbx_Rpim_I_all              ? 
_reflns.pdbx_Rrim_I_all              ? 
# 
_reflns_shell.pdbx_diffrn_id         1 
_reflns_shell.pdbx_ordinal           1 
_reflns_shell.d_res_high             1.30 
_reflns_shell.d_res_low              1.40 
_reflns_shell.percent_possible_all   90.4 
_reflns_shell.Rmerge_I_obs           ? 
_reflns_shell.pdbx_Rsym_value        ? 
_reflns_shell.meanI_over_sigI_obs    ? 
_reflns_shell.pdbx_redundancy        ? 
_reflns_shell.number_measured_obs    ? 
_reflns_shell.number_unique_all      ? 
_reflns_shell.number_unique_obs      ? 
_reflns_shell.pdbx_CC_half           ? 
_reflns_shell.pdbx_Rpim_I_all        ? 
_reflns_shell.pdbx_Rrim_I_all        ? 
# 
_refine.pdbx_refine_id                           'X-RAY DIFFRACTION' 
_refine.entry_id                                 1W2L 
_refine.pdbx_diffrn_id                           1 
_refine.pdbx_TLS_residual_ADP_flag               ? 
_refine.ls_number_reflns_obs                     ? 
_refine.ls_number_reflns_all                     31867 
_refine.pdbx_ls_sigma_I                          ? 
_refine.pdbx_ls_sigma_F                          0.0 
_refine.pdbx_data_cutoff_high_absF               ? 
_refine.pdbx_data_cutoff_low_absF                ? 
_refine.pdbx_data_cutoff_high_rms_absF           ? 
_refine.ls_d_res_low                             10.00 
_refine.ls_d_res_high                            1.30 
_refine.ls_percent_reflns_obs                    93.8 
_refine.ls_R_factor_obs                          0.1423 
_refine.ls_R_factor_all                          0.1423 
_refine.ls_R_factor_R_work                       ? 
_refine.ls_R_factor_R_free                       0.1697 
_refine.ls_R_factor_R_free_error                 ? 
_refine.ls_R_factor_R_free_error_details         ? 
_refine.ls_percent_reflns_R_free                 5.2 
_refine.ls_number_reflns_R_free                  1673 
_refine.ls_number_parameters                     8341 
_refine.ls_number_restraints                     9829 
_refine.occupancy_min                            ? 
_refine.occupancy_max                            ? 
_refine.correlation_coeff_Fo_to_Fc               ? 
_refine.correlation_coeff_Fo_to_Fc_free          ? 
_refine.B_iso_mean                               ? 
_refine.aniso_B[1][1]                            ? 
_refine.aniso_B[2][2]                            ? 
_refine.aniso_B[3][3]                            ? 
_refine.aniso_B[1][2]                            ? 
_refine.aniso_B[1][3]                            ? 
_refine.aniso_B[2][3]                            ? 
_refine.solvent_model_details                    ? 
_refine.solvent_model_param_ksol                 ? 
_refine.solvent_model_param_bsol                 ? 
_refine.pdbx_solvent_vdw_probe_radii             ? 
_refine.pdbx_solvent_ion_probe_radii             ? 
_refine.pdbx_solvent_shrinkage_radii             ? 
_refine.pdbx_ls_cross_valid_method               'FREE R-VALUE' 
_refine.details                                  ? 
_refine.pdbx_starting_model                      ? 
_refine.pdbx_method_to_determine_struct          MAD 
_refine.pdbx_isotropic_thermal_model             ? 
_refine.pdbx_stereochemistry_target_values       'ENGH AND HUBER' 
_refine.pdbx_stereochem_target_val_spec_case     ? 
_refine.pdbx_R_Free_selection_details            RANDOM 
_refine.pdbx_overall_ESU_R                       ? 
_refine.pdbx_overall_ESU_R_Free                  ? 
_refine.overall_SU_ML                            ? 
_refine.pdbx_overall_phase_error                 ? 
_refine.overall_SU_B                             ? 
_refine.overall_SU_R_Cruickshank_DPI             ? 
_refine.pdbx_overall_SU_R_free_Cruickshank_DPI   ? 
_refine.pdbx_overall_SU_R_Blow_DPI               ? 
_refine.pdbx_overall_SU_R_free_Blow_DPI          ? 
# 
_refine_analyze.pdbx_refine_id                  'X-RAY DIFFRACTION' 
_refine_analyze.entry_id                        1W2L 
_refine_analyze.Luzzati_coordinate_error_obs    ? 
_refine_analyze.Luzzati_sigma_a_obs             ? 
_refine_analyze.Luzzati_d_res_low_obs           ? 
_refine_analyze.Luzzati_coordinate_error_free   ? 
_refine_analyze.Luzzati_sigma_a_free            ? 
_refine_analyze.Luzzati_d_res_low_free          ? 
_refine_analyze.number_disordered_residues      0 
_refine_analyze.occupancy_sum_hydrogen          730.00 
_refine_analyze.occupancy_sum_non_hydrogen      932.00 
# 
_refine_hist.pdbx_refine_id                   'X-RAY DIFFRACTION' 
_refine_hist.cycle_id                         LAST 
_refine_hist.pdbx_number_atoms_protein        746 
_refine_hist.pdbx_number_atoms_nucleic_acid   0 
_refine_hist.pdbx_number_atoms_ligand         55 
_refine_hist.number_atoms_solvent             131 
_refine_hist.number_atoms_total               932 
_refine_hist.d_res_high                       1.30 
_refine_hist.d_res_low                        10.00 
# 
loop_
_refine_ls_restr.type 
_refine_ls_restr.dev_ideal 
_refine_ls_restr.dev_ideal_target 
_refine_ls_restr.weight 
_refine_ls_restr.number 
_refine_ls_restr.pdbx_refine_id 
_refine_ls_restr.pdbx_restraint_function 
s_bond_d               0.014  ? ? ? 'X-RAY DIFFRACTION' ? 
s_angle_d              0.032  ? ? ? 'X-RAY DIFFRACTION' ? 
s_similar_dist         0.000  ? ? ? 'X-RAY DIFFRACTION' ? 
s_from_restr_planes    0.0233 ? ? ? 'X-RAY DIFFRACTION' ? 
s_zero_chiral_vol      0.096  ? ? ? 'X-RAY DIFFRACTION' ? 
s_non_zero_chiral_vol  0.086  ? ? ? 'X-RAY DIFFRACTION' ? 
s_anti_bump_dis_restr  0.111  ? ? ? 'X-RAY DIFFRACTION' ? 
s_rigid_bond_adp_cmpnt 0.005  ? ? ? 'X-RAY DIFFRACTION' ? 
s_similar_adp_cmpnt    0.056  ? ? ? 'X-RAY DIFFRACTION' ? 
s_approx_iso_adps      0.096  ? ? ? 'X-RAY DIFFRACTION' ? 
# 
_pdbx_refine.pdbx_refine_id                              'X-RAY DIFFRACTION' 
_pdbx_refine.entry_id                                    1W2L 
_pdbx_refine.R_factor_all_no_cutoff                      0.1423 
_pdbx_refine.R_factor_obs_no_cutoff                      0.1423 
_pdbx_refine.free_R_factor_no_cutoff                     0.1697 
_pdbx_refine.free_R_error_no_cutoff                      ? 
_pdbx_refine.free_R_val_test_set_size_perc_no_cutoff     5.2 
_pdbx_refine.free_R_val_test_set_ct_no_cutoff            1673 
_pdbx_refine.R_factor_all_4sig_cutoff                    0.1398 
_pdbx_refine.R_factor_obs_4sig_cutoff                    0.1398 
_pdbx_refine.free_R_factor_4sig_cutoff                   0.1676 
_pdbx_refine.free_R_val_test_set_size_perc_4sig_cutoff   5.2 
_pdbx_refine.free_R_val_test_set_ct_4sig_cutoff          1608 
_pdbx_refine.number_reflns_obs_4sig_cutoff               30634 
# 
_struct.entry_id                  1W2L 
_struct.title                     'Cytochrome c domain of caa3 oxygen oxidoreductase' 
_struct.pdbx_model_details        ? 
_struct.pdbx_CASP_flag            ? 
_struct.pdbx_model_type_details   ? 
# 
_struct_keywords.entry_id        1W2L 
_struct_keywords.pdbx_keywords   OXIDOREDUCTASE 
_struct_keywords.text            'CYTOCHROME C DOMAIN, OXIDOREDUCTASE' 
# 
loop_
_struct_asym.id 
_struct_asym.pdbx_blank_PDB_chainid_flag 
_struct_asym.pdbx_modified 
_struct_asym.entity_id 
_struct_asym.details 
A N N 1 ? 
B N N 2 ? 
C N N 3 ? 
D N N 4 ? 
E N N 5 ? 
# 
loop_
_struct_ref.id 
_struct_ref.db_name 
_struct_ref.db_code 
_struct_ref.entity_id 
_struct_ref.pdbx_seq_one_letter_code 
_struct_ref.pdbx_align_begin 
_struct_ref.pdbx_db_accession 
_struct_ref.pdbx_db_isoform 
1 PDB 1W2L   1 ? ? 1W2L   ? 
2 UNP Q9F3S9 1 ? ? Q9F3S9 ? 
# 
loop_
_struct_ref_seq.align_id 
_struct_ref_seq.ref_id 
_struct_ref_seq.pdbx_PDB_id_code 
_struct_ref_seq.pdbx_strand_id 
_struct_ref_seq.seq_align_beg 
_struct_ref_seq.pdbx_seq_align_beg_ins_code 
_struct_ref_seq.seq_align_end 
_struct_ref_seq.pdbx_seq_align_end_ins_code 
_struct_ref_seq.pdbx_db_accession 
_struct_ref_seq.db_align_beg 
_struct_ref_seq.pdbx_db_align_beg_ins_code 
_struct_ref_seq.db_align_end 
_struct_ref_seq.pdbx_db_align_end_ins_code 
_struct_ref_seq.pdbx_auth_seq_align_beg 
_struct_ref_seq.pdbx_auth_seq_align_end 
1 1 1W2L A 1 ? 2  ? 1W2L   1   ? 2   ? 1 2  
2 2 1W2L A 3 ? 99 ? Q9F3S9 220 ? 316 ? 3 99 
# 
_pdbx_struct_assembly.id                   1 
_pdbx_struct_assembly.details              author_and_software_defined_assembly 
_pdbx_struct_assembly.method_details       PQS 
_pdbx_struct_assembly.oligomeric_details   monomeric 
_pdbx_struct_assembly.oligomeric_count     1 
# 
_pdbx_struct_assembly_gen.assembly_id       1 
_pdbx_struct_assembly_gen.oper_expression   1 
_pdbx_struct_assembly_gen.asym_id_list      A,B,C,D,E 
# 
_pdbx_struct_oper_list.id                   1 
_pdbx_struct_oper_list.type                 'identity operation' 
_pdbx_struct_oper_list.name                 1_555 
_pdbx_struct_oper_list.symmetry_operation   x,y,z 
_pdbx_struct_oper_list.matrix[1][1]         1.0000000000 
_pdbx_struct_oper_list.matrix[1][2]         0.0000000000 
_pdbx_struct_oper_list.matrix[1][3]         0.0000000000 
_pdbx_struct_oper_list.vector[1]            0.0000000000 
_pdbx_struct_oper_list.matrix[2][1]         0.0000000000 
_pdbx_struct_oper_list.matrix[2][2]         1.0000000000 
_pdbx_struct_oper_list.matrix[2][3]         0.0000000000 
_pdbx_struct_oper_list.vector[2]            0.0000000000 
_pdbx_struct_oper_list.matrix[3][1]         0.0000000000 
_pdbx_struct_oper_list.matrix[3][2]         0.0000000000 
_pdbx_struct_oper_list.matrix[3][3]         1.0000000000 
_pdbx_struct_oper_list.vector[3]            0.0000000000 
# 
loop_
_struct_conf.conf_type_id 
_struct_conf.id 
_struct_conf.pdbx_PDB_helix_id 
_struct_conf.beg_label_comp_id 
_struct_conf.beg_label_asym_id 
_struct_conf.beg_label_seq_id 
_struct_conf.pdbx_beg_PDB_ins_code 
_struct_conf.end_label_comp_id 
_struct_conf.end_label_asym_id 
_struct_conf.end_label_seq_id 
_struct_conf.pdbx_end_PDB_ins_code 
_struct_conf.beg_auth_comp_id 
_struct_conf.beg_auth_asym_id 
_struct_conf.beg_auth_seq_id 
_struct_conf.end_auth_comp_id 
_struct_conf.end_auth_asym_id 
_struct_conf.end_auth_seq_id 
_struct_conf.pdbx_PDB_helix_class 
_struct_conf.details 
_struct_conf.pdbx_PDB_helix_length 
HELX_P HELX_P1 1 PRO A 4  ? LYS A 16 ? PRO A 4  LYS A 16 1 ? 13 
HELX_P HELX_P2 2 ALA A 17 ? CYS A 21 ? ALA A 17 CYS A 21 5 ? 5  
HELX_P HELX_P3 3 ASP A 53 ? GLN A 63 ? ASP A 53 GLN A 63 1 ? 11 
HELX_P HELX_P4 4 PRO A 77 ? LEU A 83 ? PRO A 77 LEU A 83 5 ? 7  
HELX_P HELX_P5 5 SER A 84 ? GLN A 97 ? SER A 84 GLN A 97 1 ? 14 
# 
_struct_conf_type.id          HELX_P 
_struct_conf_type.criteria    ? 
_struct_conf_type.reference   ? 
# 
loop_
_struct_conn.id 
_struct_conn.conn_type_id 
_struct_conn.pdbx_leaving_atom_flag 
_struct_conn.pdbx_PDB_id 
_struct_conn.ptnr1_label_asym_id 
_struct_conn.ptnr1_label_comp_id 
_struct_conn.ptnr1_label_seq_id 
_struct_conn.ptnr1_label_atom_id 
_struct_conn.pdbx_ptnr1_label_alt_id 
_struct_conn.pdbx_ptnr1_PDB_ins_code 
_struct_conn.pdbx_ptnr1_standard_comp_id 
_struct_conn.ptnr1_symmetry 
_struct_conn.ptnr2_label_asym_id 
_struct_conn.ptnr2_label_comp_id 
_struct_conn.ptnr2_label_seq_id 
_struct_conn.ptnr2_label_atom_id 
_struct_conn.pdbx_ptnr2_label_alt_id 
_struct_conn.pdbx_ptnr2_PDB_ins_code 
_struct_conn.ptnr1_auth_asym_id 
_struct_conn.ptnr1_auth_comp_id 
_struct_conn.ptnr1_auth_seq_id 
_struct_conn.ptnr2_auth_asym_id 
_struct_conn.ptnr2_auth_comp_id 
_struct_conn.ptnr2_auth_seq_id 
_struct_conn.ptnr2_symmetry 
_struct_conn.pdbx_ptnr3_label_atom_id 
_struct_conn.pdbx_ptnr3_label_seq_id 
_struct_conn.pdbx_ptnr3_label_comp_id 
_struct_conn.pdbx_ptnr3_label_asym_id 
_struct_conn.pdbx_ptnr3_label_alt_id 
_struct_conn.pdbx_ptnr3_PDB_ins_code 
_struct_conn.details 
_struct_conn.pdbx_dist_value 
_struct_conn.pdbx_value_order 
_struct_conn.pdbx_role 
covale1 covale none ? A CYS 18 SG  ? ? ? 1_555 B HEC . CAB ? ? A CYS 18 A HEC 1100 1_555 ? ? ? ? ? ? ? 1.872 ? ? 
covale2 covale none ? A CYS 21 SG  ? ? ? 1_555 B HEC . CAC ? ? A CYS 21 A HEC 1100 1_555 ? ? ? ? ? ? ? 1.874 ? ? 
metalc1 metalc ?    ? A HIS 22 NE2 ? ? ? 1_555 B HEC . FE  ? ? A HIS 22 A HEC 1100 1_555 ? ? ? ? ? ? ? 2.020 ? ? 
metalc2 metalc ?    ? A MET 76 SD  ? ? ? 1_555 B HEC . FE  ? ? A MET 76 A HEC 1100 1_555 ? ? ? ? ? ? ? 2.276 ? ? 
# 
loop_
_struct_conn_type.id 
_struct_conn_type.criteria 
_struct_conn_type.reference 
covale ? ? 
metalc ? ? 
# 
loop_
_pdbx_struct_conn_angle.id 
_pdbx_struct_conn_angle.ptnr1_label_atom_id 
_pdbx_struct_conn_angle.ptnr1_label_alt_id 
_pdbx_struct_conn_angle.ptnr1_label_asym_id 
_pdbx_struct_conn_angle.ptnr1_label_comp_id 
_pdbx_struct_conn_angle.ptnr1_label_seq_id 
_pdbx_struct_conn_angle.ptnr1_auth_atom_id 
_pdbx_struct_conn_angle.ptnr1_auth_asym_id 
_pdbx_struct_conn_angle.ptnr1_auth_comp_id 
_pdbx_struct_conn_angle.ptnr1_auth_seq_id 
_pdbx_struct_conn_angle.ptnr1_PDB_ins_code 
_pdbx_struct_conn_angle.ptnr1_symmetry 
_pdbx_struct_conn_angle.ptnr2_label_atom_id 
_pdbx_struct_conn_angle.ptnr2_label_alt_id 
_pdbx_struct_conn_angle.ptnr2_label_asym_id 
_pdbx_struct_conn_angle.ptnr2_label_comp_id 
_pdbx_struct_conn_angle.ptnr2_label_seq_id 
_pdbx_struct_conn_angle.ptnr2_auth_atom_id 
_pdbx_struct_conn_angle.ptnr2_auth_asym_id 
_pdbx_struct_conn_angle.ptnr2_auth_comp_id 
_pdbx_struct_conn_angle.ptnr2_auth_seq_id 
_pdbx_struct_conn_angle.ptnr2_PDB_ins_code 
_pdbx_struct_conn_angle.ptnr2_symmetry 
_pdbx_struct_conn_angle.ptnr3_label_atom_id 
_pdbx_struct_conn_angle.ptnr3_label_alt_id 
_pdbx_struct_conn_angle.ptnr3_label_asym_id 
_pdbx_struct_conn_angle.ptnr3_label_comp_id 
_pdbx_struct_conn_angle.ptnr3_label_seq_id 
_pdbx_struct_conn_angle.ptnr3_auth_atom_id 
_pdbx_struct_conn_angle.ptnr3_auth_asym_id 
_pdbx_struct_conn_angle.ptnr3_auth_comp_id 
_pdbx_struct_conn_angle.ptnr3_auth_seq_id 
_pdbx_struct_conn_angle.ptnr3_PDB_ins_code 
_pdbx_struct_conn_angle.ptnr3_symmetry 
_pdbx_struct_conn_angle.value 
_pdbx_struct_conn_angle.value_esd 
1  NE2 ? A HIS 22 ? A HIS 22   ? 1_555 FE ? B HEC . ? A HEC 1100 ? 1_555 NA ? B HEC .  ? A HEC 1100 ? 1_555 88.6  ? 
2  NE2 ? A HIS 22 ? A HIS 22   ? 1_555 FE ? B HEC . ? A HEC 1100 ? 1_555 NB ? B HEC .  ? A HEC 1100 ? 1_555 88.7  ? 
3  NA  ? B HEC .  ? A HEC 1100 ? 1_555 FE ? B HEC . ? A HEC 1100 ? 1_555 NB ? B HEC .  ? A HEC 1100 ? 1_555 90.2  ? 
4  NE2 ? A HIS 22 ? A HIS 22   ? 1_555 FE ? B HEC . ? A HEC 1100 ? 1_555 NC ? B HEC .  ? A HEC 1100 ? 1_555 90.1  ? 
5  NA  ? B HEC .  ? A HEC 1100 ? 1_555 FE ? B HEC . ? A HEC 1100 ? 1_555 NC ? B HEC .  ? A HEC 1100 ? 1_555 178.6 ? 
6  NB  ? B HEC .  ? A HEC 1100 ? 1_555 FE ? B HEC . ? A HEC 1100 ? 1_555 NC ? B HEC .  ? A HEC 1100 ? 1_555 90.0  ? 
7  NE2 ? A HIS 22 ? A HIS 22   ? 1_555 FE ? B HEC . ? A HEC 1100 ? 1_555 ND ? B HEC .  ? A HEC 1100 ? 1_555 88.8  ? 
8  NA  ? B HEC .  ? A HEC 1100 ? 1_555 FE ? B HEC . ? A HEC 1100 ? 1_555 ND ? B HEC .  ? A HEC 1100 ? 1_555 89.0  ? 
9  NB  ? B HEC .  ? A HEC 1100 ? 1_555 FE ? B HEC . ? A HEC 1100 ? 1_555 ND ? B HEC .  ? A HEC 1100 ? 1_555 177.5 ? 
10 NC  ? B HEC .  ? A HEC 1100 ? 1_555 FE ? B HEC . ? A HEC 1100 ? 1_555 ND ? B HEC .  ? A HEC 1100 ? 1_555 90.7  ? 
11 NE2 ? A HIS 22 ? A HIS 22   ? 1_555 FE ? B HEC . ? A HEC 1100 ? 1_555 SD ? A MET 76 ? A MET 76   ? 1_555 175.6 ? 
12 NA  ? B HEC .  ? A HEC 1100 ? 1_555 FE ? B HEC . ? A HEC 1100 ? 1_555 SD ? A MET 76 ? A MET 76   ? 1_555 95.7  ? 
13 NB  ? B HEC .  ? A HEC 1100 ? 1_555 FE ? B HEC . ? A HEC 1100 ? 1_555 SD ? A MET 76 ? A MET 76   ? 1_555 90.1  ? 
14 NC  ? B HEC .  ? A HEC 1100 ? 1_555 FE ? B HEC . ? A HEC 1100 ? 1_555 SD ? A MET 76 ? A MET 76   ? 1_555 85.7  ? 
15 ND  ? B HEC .  ? A HEC 1100 ? 1_555 FE ? B HEC . ? A HEC 1100 ? 1_555 SD ? A MET 76 ? A MET 76   ? 1_555 92.4  ? 
# 
loop_
_pdbx_modification_feature.ordinal 
_pdbx_modification_feature.label_comp_id 
_pdbx_modification_feature.label_asym_id 
_pdbx_modification_feature.label_seq_id 
_pdbx_modification_feature.label_alt_id 
_pdbx_modification_feature.modified_residue_label_comp_id 
_pdbx_modification_feature.modified_residue_label_asym_id 
_pdbx_modification_feature.modified_residue_label_seq_id 
_pdbx_modification_feature.modified_residue_label_alt_id 
_pdbx_modification_feature.auth_comp_id 
_pdbx_modification_feature.auth_asym_id 
_pdbx_modification_feature.auth_seq_id 
_pdbx_modification_feature.PDB_ins_code 
_pdbx_modification_feature.symmetry 
_pdbx_modification_feature.modified_residue_auth_comp_id 
_pdbx_modification_feature.modified_residue_auth_asym_id 
_pdbx_modification_feature.modified_residue_auth_seq_id 
_pdbx_modification_feature.modified_residue_PDB_ins_code 
_pdbx_modification_feature.modified_residue_symmetry 
_pdbx_modification_feature.comp_id_linking_atom 
_pdbx_modification_feature.modified_residue_id_linking_atom 
_pdbx_modification_feature.modified_residue_id 
_pdbx_modification_feature.ref_pcm_id 
_pdbx_modification_feature.ref_comp_id 
_pdbx_modification_feature.type 
_pdbx_modification_feature.category 
1 HEC B . ? CYS A 18 ? HEC A 1100 ? 1_555 CYS A 18 ? 1_555 CAB SG CYS 2 HEC None Heme/heme-like 
2 HEC B . ? CYS A 21 ? HEC A 1100 ? 1_555 CYS A 21 ? 1_555 CAC SG CYS 3 HEC None Heme/heme-like 
# 
_struct_sheet.id               AA 
_struct_sheet.type             ? 
_struct_sheet.number_strands   2 
_struct_sheet.details          ? 
# 
_struct_sheet_order.sheet_id     AA 
_struct_sheet_order.range_id_1   1 
_struct_sheet_order.range_id_2   2 
_struct_sheet_order.offset       ? 
_struct_sheet_order.sense        anti-parallel 
# 
loop_
_struct_sheet_range.sheet_id 
_struct_sheet_range.id 
_struct_sheet_range.beg_label_comp_id 
_struct_sheet_range.beg_label_asym_id 
_struct_sheet_range.beg_label_seq_id 
_struct_sheet_range.pdbx_beg_PDB_ins_code 
_struct_sheet_range.end_label_comp_id 
_struct_sheet_range.end_label_asym_id 
_struct_sheet_range.end_label_seq_id 
_struct_sheet_range.pdbx_end_PDB_ins_code 
_struct_sheet_range.beg_auth_comp_id 
_struct_sheet_range.beg_auth_asym_id 
_struct_sheet_range.beg_auth_seq_id 
_struct_sheet_range.end_auth_comp_id 
_struct_sheet_range.end_auth_asym_id 
_struct_sheet_range.end_auth_seq_id 
AA 1 THR A 41 ? THR A 43 ? THR A 41 THR A 43 
AA 2 THR A 49 ? VAL A 51 ? THR A 49 VAL A 51 
# 
_pdbx_struct_sheet_hbond.sheet_id                AA 
_pdbx_struct_sheet_hbond.range_id_1              1 
_pdbx_struct_sheet_hbond.range_id_2              2 
_pdbx_struct_sheet_hbond.range_1_label_atom_id   N 
_pdbx_struct_sheet_hbond.range_1_label_comp_id   ARG 
_pdbx_struct_sheet_hbond.range_1_label_asym_id   A 
_pdbx_struct_sheet_hbond.range_1_label_seq_id    42 
_pdbx_struct_sheet_hbond.range_1_PDB_ins_code    ? 
_pdbx_struct_sheet_hbond.range_1_auth_atom_id    N 
_pdbx_struct_sheet_hbond.range_1_auth_comp_id    ARG 
_pdbx_struct_sheet_hbond.range_1_auth_asym_id    A 
_pdbx_struct_sheet_hbond.range_1_auth_seq_id     42 
_pdbx_struct_sheet_hbond.range_2_label_atom_id   O 
_pdbx_struct_sheet_hbond.range_2_label_comp_id   ALA 
_pdbx_struct_sheet_hbond.range_2_label_asym_id   A 
_pdbx_struct_sheet_hbond.range_2_label_seq_id    50 
_pdbx_struct_sheet_hbond.range_2_PDB_ins_code    ? 
_pdbx_struct_sheet_hbond.range_2_auth_atom_id    O 
_pdbx_struct_sheet_hbond.range_2_auth_comp_id    ALA 
_pdbx_struct_sheet_hbond.range_2_auth_asym_id    A 
_pdbx_struct_sheet_hbond.range_2_auth_seq_id     50 
# 
loop_
_struct_site.id 
_struct_site.pdbx_evidence_code 
_struct_site.pdbx_auth_asym_id 
_struct_site.pdbx_auth_comp_id 
_struct_site.pdbx_auth_seq_id 
_struct_site.pdbx_auth_ins_code 
_struct_site.pdbx_num_residues 
_struct_site.details 
AC1 Software ? ? ? ? 8  'BINDING SITE FOR RESIDUE ACT A1102' 
AC2 Software ? ? ? ? 22 'BINDING SITE FOR RESIDUE HEM A1100' 
AC3 Software ? ? ? ? 10 'BINDING SITE FOR RESIDUE TRS A1101' 
# 
loop_
_struct_site_gen.id 
_struct_site_gen.site_id 
_struct_site_gen.pdbx_num_res 
_struct_site_gen.label_comp_id 
_struct_site_gen.label_asym_id 
_struct_site_gen.label_seq_id 
_struct_site_gen.pdbx_auth_ins_code 
_struct_site_gen.auth_comp_id 
_struct_site_gen.auth_asym_id 
_struct_site_gen.auth_seq_id 
_struct_site_gen.label_atom_id 
_struct_site_gen.label_alt_id 
_struct_site_gen.symmetry 
_struct_site_gen.details 
1  AC1 8  ALA A 17 ? ALA A 17   . ? 1_555 ? 
2  AC1 8  SER A 20 ? SER A 20   . ? 1_555 ? 
3  AC1 8  TYR A 38 ? TYR A 38   . ? 1_555 ? 
4  AC1 8  ASP A 53 ? ASP A 53   . ? 1_555 ? 
5  AC1 8  GLU A 54 ? GLU A 54   . ? 1_555 ? 
6  AC1 8  PRO A 73 ? PRO A 73   . ? 1_555 ? 
7  AC1 8  HOH E .  ? HOH A 2130 . ? 1_555 ? 
8  AC1 8  HOH E .  ? HOH A 2131 . ? 1_555 ? 
9  AC2 22 ALA A 17 ? ALA A 17   . ? 1_555 ? 
10 AC2 22 CYS A 18 ? CYS A 18   . ? 1_555 ? 
11 AC2 22 CYS A 21 ? CYS A 21   . ? 1_555 ? 
12 AC2 22 HIS A 22 ? HIS A 22   . ? 1_555 ? 
13 AC2 22 VAL A 30 ? VAL A 30   . ? 1_555 ? 
14 AC2 22 PRO A 32 ? PRO A 32   . ? 1_555 ? 
15 AC2 22 LEU A 37 ? LEU A 37   . ? 1_555 ? 
16 AC2 22 ARG A 42 ? ARG A 42   . ? 1_555 ? 
17 AC2 22 TYR A 56 ? TYR A 56   . ? 1_555 ? 
18 AC2 22 LEU A 57 ? LEU A 57   . ? 1_555 ? 
19 AC2 22 SER A 60 ? SER A 60   . ? 1_555 ? 
20 AC2 22 LYS A 67 ? LYS A 67   . ? 1_555 ? 
21 AC2 22 VAL A 68 ? VAL A 68   . ? 1_555 ? 
22 AC2 22 VAL A 69 ? VAL A 69   . ? 1_555 ? 
23 AC2 22 PRO A 73 ? PRO A 73   . ? 1_555 ? 
24 AC2 22 MET A 76 ? MET A 76   . ? 1_555 ? 
25 AC2 22 PRO A 77 ? PRO A 77   . ? 1_555 ? 
26 AC2 22 TYR A 80 ? TYR A 80   . ? 1_555 ? 
27 AC2 22 HOH E .  ? HOH A 2046 . ? 1_555 ? 
28 AC2 22 HOH E .  ? HOH A 2124 . ? 1_555 ? 
29 AC2 22 HOH E .  ? HOH A 2125 . ? 1_555 ? 
30 AC2 22 HOH E .  ? HOH A 2126 . ? 1_555 ? 
31 AC3 10 ARG A 42 ? ARG A 42   . ? 1_555 ? 
32 AC3 10 VAL A 69 ? VAL A 69   . ? 1_555 ? 
33 AC3 10 GLN A 70 ? GLN A 70   . ? 1_555 ? 
34 AC3 10 TYR A 72 ? TYR A 72   . ? 1_555 ? 
35 AC3 10 GLU A 85 ? GLU A 85   . ? 1_555 ? 
36 AC3 10 HOH E .  ? HOH A 2044 . ? 1_555 ? 
37 AC3 10 HOH E .  ? HOH A 2058 . ? 1_555 ? 
38 AC3 10 HOH E .  ? HOH A 2127 . ? 1_555 ? 
39 AC3 10 HOH E .  ? HOH A 2128 . ? 1_555 ? 
40 AC3 10 HOH E .  ? HOH A 2129 . ? 1_555 ? 
# 
_pdbx_entry_details.entry_id                   1W2L 
_pdbx_entry_details.compound_details           ? 
_pdbx_entry_details.source_details             ? 
_pdbx_entry_details.nonpolymer_details         ? 
_pdbx_entry_details.sequence_details           ? 
_pdbx_entry_details.has_ligand_of_interest     ? 
_pdbx_entry_details.has_protein_modification   Y 
# 
loop_
_pdbx_validate_close_contact.id 
_pdbx_validate_close_contact.PDB_model_num 
_pdbx_validate_close_contact.auth_atom_id_1 
_pdbx_validate_close_contact.auth_asym_id_1 
_pdbx_validate_close_contact.auth_comp_id_1 
_pdbx_validate_close_contact.auth_seq_id_1 
_pdbx_validate_close_contact.PDB_ins_code_1 
_pdbx_validate_close_contact.label_alt_id_1 
_pdbx_validate_close_contact.auth_atom_id_2 
_pdbx_validate_close_contact.auth_asym_id_2 
_pdbx_validate_close_contact.auth_comp_id_2 
_pdbx_validate_close_contact.auth_seq_id_2 
_pdbx_validate_close_contact.PDB_ins_code_2 
_pdbx_validate_close_contact.label_alt_id_2 
_pdbx_validate_close_contact.dist 
1 1 O1  A TRS 1101 ? ? O  A HOH 2128 ? ? 1.94 
2 1 NH1 A ARG 42   ? ? O1 A TRS 1101 ? ? 1.94 
3 1 O2  A TRS 1101 ? ? O  A HOH 2128 ? ? 2.05 
# 
loop_
_pdbx_validate_rmsd_angle.id 
_pdbx_validate_rmsd_angle.PDB_model_num 
_pdbx_validate_rmsd_angle.auth_atom_id_1 
_pdbx_validate_rmsd_angle.auth_asym_id_1 
_pdbx_validate_rmsd_angle.auth_comp_id_1 
_pdbx_validate_rmsd_angle.auth_seq_id_1 
_pdbx_validate_rmsd_angle.PDB_ins_code_1 
_pdbx_validate_rmsd_angle.label_alt_id_1 
_pdbx_validate_rmsd_angle.auth_atom_id_2 
_pdbx_validate_rmsd_angle.auth_asym_id_2 
_pdbx_validate_rmsd_angle.auth_comp_id_2 
_pdbx_validate_rmsd_angle.auth_seq_id_2 
_pdbx_validate_rmsd_angle.PDB_ins_code_2 
_pdbx_validate_rmsd_angle.label_alt_id_2 
_pdbx_validate_rmsd_angle.auth_atom_id_3 
_pdbx_validate_rmsd_angle.auth_asym_id_3 
_pdbx_validate_rmsd_angle.auth_comp_id_3 
_pdbx_validate_rmsd_angle.auth_seq_id_3 
_pdbx_validate_rmsd_angle.PDB_ins_code_3 
_pdbx_validate_rmsd_angle.label_alt_id_3 
_pdbx_validate_rmsd_angle.angle_value 
_pdbx_validate_rmsd_angle.angle_target_value 
_pdbx_validate_rmsd_angle.angle_deviation 
_pdbx_validate_rmsd_angle.angle_standard_deviation 
_pdbx_validate_rmsd_angle.linker_flag 
1 1 CD A ARG 11 ? ? NE A ARG 11 ? ? CZ  A ARG 11 ? ? 132.28 123.60 8.68  1.40 N 
2 1 NE A ARG 11 ? ? CZ A ARG 11 ? ? NH2 A ARG 11 ? ? 116.67 120.30 -3.63 0.50 N 
3 1 CD A ARG 14 ? ? NE A ARG 14 ? ? CZ  A ARG 14 ? ? 151.28 123.60 27.68 1.40 N 
4 1 NE A ARG 58 ? ? CZ A ARG 58 ? ? NH1 A ARG 58 ? ? 116.88 120.30 -3.42 0.50 N 
5 1 CD A ARG 86 ? ? NE A ARG 86 ? ? CZ  A ARG 86 ? ? 171.10 123.60 47.50 1.40 N 
6 1 NE A ARG 86 ? ? CZ A ARG 86 ? ? NH2 A ARG 86 ? ? 125.40 120.30 5.10  0.50 N 
# 
loop_
_pdbx_validate_torsion.id 
_pdbx_validate_torsion.PDB_model_num 
_pdbx_validate_torsion.auth_comp_id 
_pdbx_validate_torsion.auth_asym_id 
_pdbx_validate_torsion.auth_seq_id 
_pdbx_validate_torsion.PDB_ins_code 
_pdbx_validate_torsion.label_alt_id 
_pdbx_validate_torsion.phi 
_pdbx_validate_torsion.psi 
1 1 ALA A 17 ? ? 80.23   6.78    
2 1 LEU A 29 ? ? -114.66 -142.70 
# 
_pdbx_distant_solvent_atoms.id                                1 
_pdbx_distant_solvent_atoms.PDB_model_num                     1 
_pdbx_distant_solvent_atoms.auth_atom_id                      O 
_pdbx_distant_solvent_atoms.label_alt_id                      ? 
_pdbx_distant_solvent_atoms.auth_asym_id                      A 
_pdbx_distant_solvent_atoms.auth_comp_id                      HOH 
_pdbx_distant_solvent_atoms.auth_seq_id                       2053 
_pdbx_distant_solvent_atoms.PDB_ins_code                      ? 
_pdbx_distant_solvent_atoms.neighbor_macromolecule_distance   6.25 
_pdbx_distant_solvent_atoms.neighbor_ligand_distance          . 
# 
loop_
_pdbx_unobs_or_zero_occ_residues.id 
_pdbx_unobs_or_zero_occ_residues.PDB_model_num 
_pdbx_unobs_or_zero_occ_residues.polymer_flag 
_pdbx_unobs_or_zero_occ_residues.occupancy_flag 
_pdbx_unobs_or_zero_occ_residues.auth_asym_id 
_pdbx_unobs_or_zero_occ_residues.auth_comp_id 
_pdbx_unobs_or_zero_occ_residues.auth_seq_id 
_pdbx_unobs_or_zero_occ_residues.PDB_ins_code 
_pdbx_unobs_or_zero_occ_residues.label_asym_id 
_pdbx_unobs_or_zero_occ_residues.label_comp_id 
_pdbx_unobs_or_zero_occ_residues.label_seq_id 
1 1 Y 1 A SER 1 ? A SER 1 
2 1 Y 1 A THR 2 ? A THR 2 
# 
loop_
_chem_comp_atom.comp_id 
_chem_comp_atom.atom_id 
_chem_comp_atom.type_symbol 
_chem_comp_atom.pdbx_aromatic_flag 
_chem_comp_atom.pdbx_stereo_config 
_chem_comp_atom.pdbx_ordinal 
ACT C    C  N N 1   
ACT O    O  N N 2   
ACT OXT  O  N N 3   
ACT CH3  C  N N 4   
ACT H1   H  N N 5   
ACT H2   H  N N 6   
ACT H3   H  N N 7   
ALA N    N  N N 8   
ALA CA   C  N S 9   
ALA C    C  N N 10  
ALA O    O  N N 11  
ALA CB   C  N N 12  
ALA OXT  O  N N 13  
ALA H    H  N N 14  
ALA H2   H  N N 15  
ALA HA   H  N N 16  
ALA HB1  H  N N 17  
ALA HB2  H  N N 18  
ALA HB3  H  N N 19  
ALA HXT  H  N N 20  
ARG N    N  N N 21  
ARG CA   C  N S 22  
ARG C    C  N N 23  
ARG O    O  N N 24  
ARG CB   C  N N 25  
ARG CG   C  N N 26  
ARG CD   C  N N 27  
ARG NE   N  N N 28  
ARG CZ   C  N N 29  
ARG NH1  N  N N 30  
ARG NH2  N  N N 31  
ARG OXT  O  N N 32  
ARG H    H  N N 33  
ARG H2   H  N N 34  
ARG HA   H  N N 35  
ARG HB2  H  N N 36  
ARG HB3  H  N N 37  
ARG HG2  H  N N 38  
ARG HG3  H  N N 39  
ARG HD2  H  N N 40  
ARG HD3  H  N N 41  
ARG HE   H  N N 42  
ARG HH11 H  N N 43  
ARG HH12 H  N N 44  
ARG HH21 H  N N 45  
ARG HH22 H  N N 46  
ARG HXT  H  N N 47  
ASN N    N  N N 48  
ASN CA   C  N S 49  
ASN C    C  N N 50  
ASN O    O  N N 51  
ASN CB   C  N N 52  
ASN CG   C  N N 53  
ASN OD1  O  N N 54  
ASN ND2  N  N N 55  
ASN OXT  O  N N 56  
ASN H    H  N N 57  
ASN H2   H  N N 58  
ASN HA   H  N N 59  
ASN HB2  H  N N 60  
ASN HB3  H  N N 61  
ASN HD21 H  N N 62  
ASN HD22 H  N N 63  
ASN HXT  H  N N 64  
ASP N    N  N N 65  
ASP CA   C  N S 66  
ASP C    C  N N 67  
ASP O    O  N N 68  
ASP CB   C  N N 69  
ASP CG   C  N N 70  
ASP OD1  O  N N 71  
ASP OD2  O  N N 72  
ASP OXT  O  N N 73  
ASP H    H  N N 74  
ASP H2   H  N N 75  
ASP HA   H  N N 76  
ASP HB2  H  N N 77  
ASP HB3  H  N N 78  
ASP HD2  H  N N 79  
ASP HXT  H  N N 80  
CYS N    N  N N 81  
CYS CA   C  N R 82  
CYS C    C  N N 83  
CYS O    O  N N 84  
CYS CB   C  N N 85  
CYS SG   S  N N 86  
CYS OXT  O  N N 87  
CYS H    H  N N 88  
CYS H2   H  N N 89  
CYS HA   H  N N 90  
CYS HB2  H  N N 91  
CYS HB3  H  N N 92  
CYS HG   H  N N 93  
CYS HXT  H  N N 94  
GLN N    N  N N 95  
GLN CA   C  N S 96  
GLN C    C  N N 97  
GLN O    O  N N 98  
GLN CB   C  N N 99  
GLN CG   C  N N 100 
GLN CD   C  N N 101 
GLN OE1  O  N N 102 
GLN NE2  N  N N 103 
GLN OXT  O  N N 104 
GLN H    H  N N 105 
GLN H2   H  N N 106 
GLN HA   H  N N 107 
GLN HB2  H  N N 108 
GLN HB3  H  N N 109 
GLN HG2  H  N N 110 
GLN HG3  H  N N 111 
GLN HE21 H  N N 112 
GLN HE22 H  N N 113 
GLN HXT  H  N N 114 
GLU N    N  N N 115 
GLU CA   C  N S 116 
GLU C    C  N N 117 
GLU O    O  N N 118 
GLU CB   C  N N 119 
GLU CG   C  N N 120 
GLU CD   C  N N 121 
GLU OE1  O  N N 122 
GLU OE2  O  N N 123 
GLU OXT  O  N N 124 
GLU H    H  N N 125 
GLU H2   H  N N 126 
GLU HA   H  N N 127 
GLU HB2  H  N N 128 
GLU HB3  H  N N 129 
GLU HG2  H  N N 130 
GLU HG3  H  N N 131 
GLU HE2  H  N N 132 
GLU HXT  H  N N 133 
GLY N    N  N N 134 
GLY CA   C  N N 135 
GLY C    C  N N 136 
GLY O    O  N N 137 
GLY OXT  O  N N 138 
GLY H    H  N N 139 
GLY H2   H  N N 140 
GLY HA2  H  N N 141 
GLY HA3  H  N N 142 
GLY HXT  H  N N 143 
HEC FE   FE N N 144 
HEC CHA  C  N N 145 
HEC CHB  C  N N 146 
HEC CHC  C  N N 147 
HEC CHD  C  N N 148 
HEC NA   N  Y N 149 
HEC C1A  C  Y N 150 
HEC C2A  C  Y N 151 
HEC C3A  C  Y N 152 
HEC C4A  C  Y N 153 
HEC CMA  C  N N 154 
HEC CAA  C  N N 155 
HEC CBA  C  N N 156 
HEC CGA  C  N N 157 
HEC O1A  O  N N 158 
HEC O2A  O  N N 159 
HEC NB   N  Y N 160 
HEC C1B  C  Y N 161 
HEC C2B  C  Y N 162 
HEC C3B  C  Y N 163 
HEC C4B  C  Y N 164 
HEC CMB  C  N N 165 
HEC CAB  C  N N 166 
HEC CBB  C  N N 167 
HEC NC   N  Y N 168 
HEC C1C  C  Y N 169 
HEC C2C  C  Y N 170 
HEC C3C  C  Y N 171 
HEC C4C  C  Y N 172 
HEC CMC  C  N N 173 
HEC CAC  C  N N 174 
HEC CBC  C  N N 175 
HEC ND   N  Y N 176 
HEC C1D  C  Y N 177 
HEC C2D  C  Y N 178 
HEC C3D  C  Y N 179 
HEC C4D  C  Y N 180 
HEC CMD  C  N N 181 
HEC CAD  C  N N 182 
HEC CBD  C  N N 183 
HEC CGD  C  N N 184 
HEC O1D  O  N N 185 
HEC O2D  O  N N 186 
HEC HHA  H  N N 187 
HEC HHB  H  N N 188 
HEC HHC  H  N N 189 
HEC HHD  H  N N 190 
HEC HMA1 H  N N 191 
HEC HMA2 H  N N 192 
HEC HMA3 H  N N 193 
HEC HAA1 H  N N 194 
HEC HAA2 H  N N 195 
HEC HBA1 H  N N 196 
HEC HBA2 H  N N 197 
HEC H2A  H  N N 198 
HEC HMB1 H  N N 199 
HEC HMB2 H  N N 200 
HEC HMB3 H  N N 201 
HEC HAB  H  N N 202 
HEC HBB1 H  N N 203 
HEC HBB2 H  N N 204 
HEC HBB3 H  N N 205 
HEC HMC1 H  N N 206 
HEC HMC2 H  N N 207 
HEC HMC3 H  N N 208 
HEC HAC  H  N N 209 
HEC HBC1 H  N N 210 
HEC HBC2 H  N N 211 
HEC HBC3 H  N N 212 
HEC HMD1 H  N N 213 
HEC HMD2 H  N N 214 
HEC HMD3 H  N N 215 
HEC HAD1 H  N N 216 
HEC HAD2 H  N N 217 
HEC HBD1 H  N N 218 
HEC HBD2 H  N N 219 
HEC H2D  H  N N 220 
HIS N    N  N N 221 
HIS CA   C  N S 222 
HIS C    C  N N 223 
HIS O    O  N N 224 
HIS CB   C  N N 225 
HIS CG   C  Y N 226 
HIS ND1  N  Y N 227 
HIS CD2  C  Y N 228 
HIS CE1  C  Y N 229 
HIS NE2  N  Y N 230 
HIS OXT  O  N N 231 
HIS H    H  N N 232 
HIS H2   H  N N 233 
HIS HA   H  N N 234 
HIS HB2  H  N N 235 
HIS HB3  H  N N 236 
HIS HD1  H  N N 237 
HIS HD2  H  N N 238 
HIS HE1  H  N N 239 
HIS HE2  H  N N 240 
HIS HXT  H  N N 241 
HOH O    O  N N 242 
HOH H1   H  N N 243 
HOH H2   H  N N 244 
ILE N    N  N N 245 
ILE CA   C  N S 246 
ILE C    C  N N 247 
ILE O    O  N N 248 
ILE CB   C  N S 249 
ILE CG1  C  N N 250 
ILE CG2  C  N N 251 
ILE CD1  C  N N 252 
ILE OXT  O  N N 253 
ILE H    H  N N 254 
ILE H2   H  N N 255 
ILE HA   H  N N 256 
ILE HB   H  N N 257 
ILE HG12 H  N N 258 
ILE HG13 H  N N 259 
ILE HG21 H  N N 260 
ILE HG22 H  N N 261 
ILE HG23 H  N N 262 
ILE HD11 H  N N 263 
ILE HD12 H  N N 264 
ILE HD13 H  N N 265 
ILE HXT  H  N N 266 
LEU N    N  N N 267 
LEU CA   C  N S 268 
LEU C    C  N N 269 
LEU O    O  N N 270 
LEU CB   C  N N 271 
LEU CG   C  N N 272 
LEU CD1  C  N N 273 
LEU CD2  C  N N 274 
LEU OXT  O  N N 275 
LEU H    H  N N 276 
LEU H2   H  N N 277 
LEU HA   H  N N 278 
LEU HB2  H  N N 279 
LEU HB3  H  N N 280 
LEU HG   H  N N 281 
LEU HD11 H  N N 282 
LEU HD12 H  N N 283 
LEU HD13 H  N N 284 
LEU HD21 H  N N 285 
LEU HD22 H  N N 286 
LEU HD23 H  N N 287 
LEU HXT  H  N N 288 
LYS N    N  N N 289 
LYS CA   C  N S 290 
LYS C    C  N N 291 
LYS O    O  N N 292 
LYS CB   C  N N 293 
LYS CG   C  N N 294 
LYS CD   C  N N 295 
LYS CE   C  N N 296 
LYS NZ   N  N N 297 
LYS OXT  O  N N 298 
LYS H    H  N N 299 
LYS H2   H  N N 300 
LYS HA   H  N N 301 
LYS HB2  H  N N 302 
LYS HB3  H  N N 303 
LYS HG2  H  N N 304 
LYS HG3  H  N N 305 
LYS HD2  H  N N 306 
LYS HD3  H  N N 307 
LYS HE2  H  N N 308 
LYS HE3  H  N N 309 
LYS HZ1  H  N N 310 
LYS HZ2  H  N N 311 
LYS HZ3  H  N N 312 
LYS HXT  H  N N 313 
MET N    N  N N 314 
MET CA   C  N S 315 
MET C    C  N N 316 
MET O    O  N N 317 
MET CB   C  N N 318 
MET CG   C  N N 319 
MET SD   S  N N 320 
MET CE   C  N N 321 
MET OXT  O  N N 322 
MET H    H  N N 323 
MET H2   H  N N 324 
MET HA   H  N N 325 
MET HB2  H  N N 326 
MET HB3  H  N N 327 
MET HG2  H  N N 328 
MET HG3  H  N N 329 
MET HE1  H  N N 330 
MET HE2  H  N N 331 
MET HE3  H  N N 332 
MET HXT  H  N N 333 
PHE N    N  N N 334 
PHE CA   C  N S 335 
PHE C    C  N N 336 
PHE O    O  N N 337 
PHE CB   C  N N 338 
PHE CG   C  Y N 339 
PHE CD1  C  Y N 340 
PHE CD2  C  Y N 341 
PHE CE1  C  Y N 342 
PHE CE2  C  Y N 343 
PHE CZ   C  Y N 344 
PHE OXT  O  N N 345 
PHE H    H  N N 346 
PHE H2   H  N N 347 
PHE HA   H  N N 348 
PHE HB2  H  N N 349 
PHE HB3  H  N N 350 
PHE HD1  H  N N 351 
PHE HD2  H  N N 352 
PHE HE1  H  N N 353 
PHE HE2  H  N N 354 
PHE HZ   H  N N 355 
PHE HXT  H  N N 356 
PRO N    N  N N 357 
PRO CA   C  N S 358 
PRO C    C  N N 359 
PRO O    O  N N 360 
PRO CB   C  N N 361 
PRO CG   C  N N 362 
PRO CD   C  N N 363 
PRO OXT  O  N N 364 
PRO H    H  N N 365 
PRO HA   H  N N 366 
PRO HB2  H  N N 367 
PRO HB3  H  N N 368 
PRO HG2  H  N N 369 
PRO HG3  H  N N 370 
PRO HD2  H  N N 371 
PRO HD3  H  N N 372 
PRO HXT  H  N N 373 
SER N    N  N N 374 
SER CA   C  N S 375 
SER C    C  N N 376 
SER O    O  N N 377 
SER CB   C  N N 378 
SER OG   O  N N 379 
SER OXT  O  N N 380 
SER H    H  N N 381 
SER H2   H  N N 382 
SER HA   H  N N 383 
SER HB2  H  N N 384 
SER HB3  H  N N 385 
SER HG   H  N N 386 
SER HXT  H  N N 387 
THR N    N  N N 388 
THR CA   C  N S 389 
THR C    C  N N 390 
THR O    O  N N 391 
THR CB   C  N R 392 
THR OG1  O  N N 393 
THR CG2  C  N N 394 
THR OXT  O  N N 395 
THR H    H  N N 396 
THR H2   H  N N 397 
THR HA   H  N N 398 
THR HB   H  N N 399 
THR HG1  H  N N 400 
THR HG21 H  N N 401 
THR HG22 H  N N 402 
THR HG23 H  N N 403 
THR HXT  H  N N 404 
TRS C    C  N N 405 
TRS C1   C  N N 406 
TRS C2   C  N N 407 
TRS C3   C  N N 408 
TRS N    N  N N 409 
TRS O1   O  N N 410 
TRS O2   O  N N 411 
TRS O3   O  N N 412 
TRS H11  H  N N 413 
TRS H12  H  N N 414 
TRS H21  H  N N 415 
TRS H22  H  N N 416 
TRS H31  H  N N 417 
TRS H32  H  N N 418 
TRS HN1  H  N N 419 
TRS HN2  H  N N 420 
TRS HN3  H  N N 421 
TRS HO1  H  N N 422 
TRS HO2  H  N N 423 
TRS HO3  H  N N 424 
TYR N    N  N N 425 
TYR CA   C  N S 426 
TYR C    C  N N 427 
TYR O    O  N N 428 
TYR CB   C  N N 429 
TYR CG   C  Y N 430 
TYR CD1  C  Y N 431 
TYR CD2  C  Y N 432 
TYR CE1  C  Y N 433 
TYR CE2  C  Y N 434 
TYR CZ   C  Y N 435 
TYR OH   O  N N 436 
TYR OXT  O  N N 437 
TYR H    H  N N 438 
TYR H2   H  N N 439 
TYR HA   H  N N 440 
TYR HB2  H  N N 441 
TYR HB3  H  N N 442 
TYR HD1  H  N N 443 
TYR HD2  H  N N 444 
TYR HE1  H  N N 445 
TYR HE2  H  N N 446 
TYR HH   H  N N 447 
TYR HXT  H  N N 448 
VAL N    N  N N 449 
VAL CA   C  N S 450 
VAL C    C  N N 451 
VAL O    O  N N 452 
VAL CB   C  N N 453 
VAL CG1  C  N N 454 
VAL CG2  C  N N 455 
VAL OXT  O  N N 456 
VAL H    H  N N 457 
VAL H2   H  N N 458 
VAL HA   H  N N 459 
VAL HB   H  N N 460 
VAL HG11 H  N N 461 
VAL HG12 H  N N 462 
VAL HG13 H  N N 463 
VAL HG21 H  N N 464 
VAL HG22 H  N N 465 
VAL HG23 H  N N 466 
VAL HXT  H  N N 467 
# 
loop_
_chem_comp_bond.comp_id 
_chem_comp_bond.atom_id_1 
_chem_comp_bond.atom_id_2 
_chem_comp_bond.value_order 
_chem_comp_bond.pdbx_aromatic_flag 
_chem_comp_bond.pdbx_stereo_config 
_chem_comp_bond.pdbx_ordinal 
ACT C   O    doub N N 1   
ACT C   OXT  sing N N 2   
ACT C   CH3  sing N N 3   
ACT CH3 H1   sing N N 4   
ACT CH3 H2   sing N N 5   
ACT CH3 H3   sing N N 6   
ALA N   CA   sing N N 7   
ALA N   H    sing N N 8   
ALA N   H2   sing N N 9   
ALA CA  C    sing N N 10  
ALA CA  CB   sing N N 11  
ALA CA  HA   sing N N 12  
ALA C   O    doub N N 13  
ALA C   OXT  sing N N 14  
ALA CB  HB1  sing N N 15  
ALA CB  HB2  sing N N 16  
ALA CB  HB3  sing N N 17  
ALA OXT HXT  sing N N 18  
ARG N   CA   sing N N 19  
ARG N   H    sing N N 20  
ARG N   H2   sing N N 21  
ARG CA  C    sing N N 22  
ARG CA  CB   sing N N 23  
ARG CA  HA   sing N N 24  
ARG C   O    doub N N 25  
ARG C   OXT  sing N N 26  
ARG CB  CG   sing N N 27  
ARG CB  HB2  sing N N 28  
ARG CB  HB3  sing N N 29  
ARG CG  CD   sing N N 30  
ARG CG  HG2  sing N N 31  
ARG CG  HG3  sing N N 32  
ARG CD  NE   sing N N 33  
ARG CD  HD2  sing N N 34  
ARG CD  HD3  sing N N 35  
ARG NE  CZ   sing N N 36  
ARG NE  HE   sing N N 37  
ARG CZ  NH1  sing N N 38  
ARG CZ  NH2  doub N N 39  
ARG NH1 HH11 sing N N 40  
ARG NH1 HH12 sing N N 41  
ARG NH2 HH21 sing N N 42  
ARG NH2 HH22 sing N N 43  
ARG OXT HXT  sing N N 44  
ASN N   CA   sing N N 45  
ASN N   H    sing N N 46  
ASN N   H2   sing N N 47  
ASN CA  C    sing N N 48  
ASN CA  CB   sing N N 49  
ASN CA  HA   sing N N 50  
ASN C   O    doub N N 51  
ASN C   OXT  sing N N 52  
ASN CB  CG   sing N N 53  
ASN CB  HB2  sing N N 54  
ASN CB  HB3  sing N N 55  
ASN CG  OD1  doub N N 56  
ASN CG  ND2  sing N N 57  
ASN ND2 HD21 sing N N 58  
ASN ND2 HD22 sing N N 59  
ASN OXT HXT  sing N N 60  
ASP N   CA   sing N N 61  
ASP N   H    sing N N 62  
ASP N   H2   sing N N 63  
ASP CA  C    sing N N 64  
ASP CA  CB   sing N N 65  
ASP CA  HA   sing N N 66  
ASP C   O    doub N N 67  
ASP C   OXT  sing N N 68  
ASP CB  CG   sing N N 69  
ASP CB  HB2  sing N N 70  
ASP CB  HB3  sing N N 71  
ASP CG  OD1  doub N N 72  
ASP CG  OD2  sing N N 73  
ASP OD2 HD2  sing N N 74  
ASP OXT HXT  sing N N 75  
CYS N   CA   sing N N 76  
CYS N   H    sing N N 77  
CYS N   H2   sing N N 78  
CYS CA  C    sing N N 79  
CYS CA  CB   sing N N 80  
CYS CA  HA   sing N N 81  
CYS C   O    doub N N 82  
CYS C   OXT  sing N N 83  
CYS CB  SG   sing N N 84  
CYS CB  HB2  sing N N 85  
CYS CB  HB3  sing N N 86  
CYS SG  HG   sing N N 87  
CYS OXT HXT  sing N N 88  
GLN N   CA   sing N N 89  
GLN N   H    sing N N 90  
GLN N   H2   sing N N 91  
GLN CA  C    sing N N 92  
GLN CA  CB   sing N N 93  
GLN CA  HA   sing N N 94  
GLN C   O    doub N N 95  
GLN C   OXT  sing N N 96  
GLN CB  CG   sing N N 97  
GLN CB  HB2  sing N N 98  
GLN CB  HB3  sing N N 99  
GLN CG  CD   sing N N 100 
GLN CG  HG2  sing N N 101 
GLN CG  HG3  sing N N 102 
GLN CD  OE1  doub N N 103 
GLN CD  NE2  sing N N 104 
GLN NE2 HE21 sing N N 105 
GLN NE2 HE22 sing N N 106 
GLN OXT HXT  sing N N 107 
GLU N   CA   sing N N 108 
GLU N   H    sing N N 109 
GLU N   H2   sing N N 110 
GLU CA  C    sing N N 111 
GLU CA  CB   sing N N 112 
GLU CA  HA   sing N N 113 
GLU C   O    doub N N 114 
GLU C   OXT  sing N N 115 
GLU CB  CG   sing N N 116 
GLU CB  HB2  sing N N 117 
GLU CB  HB3  sing N N 118 
GLU CG  CD   sing N N 119 
GLU CG  HG2  sing N N 120 
GLU CG  HG3  sing N N 121 
GLU CD  OE1  doub N N 122 
GLU CD  OE2  sing N N 123 
GLU OE2 HE2  sing N N 124 
GLU OXT HXT  sing N N 125 
GLY N   CA   sing N N 126 
GLY N   H    sing N N 127 
GLY N   H2   sing N N 128 
GLY CA  C    sing N N 129 
GLY CA  HA2  sing N N 130 
GLY CA  HA3  sing N N 131 
GLY C   O    doub N N 132 
GLY C   OXT  sing N N 133 
GLY OXT HXT  sing N N 134 
HEC FE  NA   sing N N 135 
HEC FE  NB   sing N N 136 
HEC FE  NC   sing N N 137 
HEC FE  ND   sing N N 138 
HEC CHA C1A  doub N N 139 
HEC CHA C4D  sing N N 140 
HEC CHA HHA  sing N N 141 
HEC CHB C4A  doub N N 142 
HEC CHB C1B  sing N N 143 
HEC CHB HHB  sing N N 144 
HEC CHC C4B  doub N N 145 
HEC CHC C1C  sing N N 146 
HEC CHC HHC  sing N N 147 
HEC CHD C4C  doub N N 148 
HEC CHD C1D  sing N N 149 
HEC CHD HHD  sing N N 150 
HEC NA  C1A  sing Y N 151 
HEC NA  C4A  sing Y N 152 
HEC C1A C2A  sing Y N 153 
HEC C2A C3A  doub Y N 154 
HEC C2A CAA  sing N N 155 
HEC C3A C4A  sing Y N 156 
HEC C3A CMA  sing N N 157 
HEC CMA HMA1 sing N N 158 
HEC CMA HMA2 sing N N 159 
HEC CMA HMA3 sing N N 160 
HEC CAA CBA  sing N N 161 
HEC CAA HAA1 sing N N 162 
HEC CAA HAA2 sing N N 163 
HEC CBA CGA  sing N N 164 
HEC CBA HBA1 sing N N 165 
HEC CBA HBA2 sing N N 166 
HEC CGA O1A  doub N N 167 
HEC CGA O2A  sing N N 168 
HEC O2A H2A  sing N N 169 
HEC NB  C1B  sing Y N 170 
HEC NB  C4B  sing Y N 171 
HEC C1B C2B  doub Y N 172 
HEC C2B C3B  sing Y N 173 
HEC C2B CMB  sing N N 174 
HEC C3B C4B  sing Y N 175 
HEC C3B CAB  doub N E 176 
HEC CMB HMB1 sing N N 177 
HEC CMB HMB2 sing N N 178 
HEC CMB HMB3 sing N N 179 
HEC CAB CBB  sing N N 180 
HEC CAB HAB  sing N N 181 
HEC CBB HBB1 sing N N 182 
HEC CBB HBB2 sing N N 183 
HEC CBB HBB3 sing N N 184 
HEC NC  C1C  sing Y N 185 
HEC NC  C4C  sing Y N 186 
HEC C1C C2C  doub Y N 187 
HEC C2C C3C  sing Y N 188 
HEC C2C CMC  sing N N 189 
HEC C3C C4C  sing Y N 190 
HEC C3C CAC  doub N E 191 
HEC CMC HMC1 sing N N 192 
HEC CMC HMC2 sing N N 193 
HEC CMC HMC3 sing N N 194 
HEC CAC CBC  sing N N 195 
HEC CAC HAC  sing N N 196 
HEC CBC HBC1 sing N N 197 
HEC CBC HBC2 sing N N 198 
HEC CBC HBC3 sing N N 199 
HEC ND  C1D  sing Y N 200 
HEC ND  C4D  sing Y N 201 
HEC C1D C2D  doub Y N 202 
HEC C2D C3D  sing Y N 203 
HEC C2D CMD  sing N N 204 
HEC C3D C4D  doub Y N 205 
HEC C3D CAD  sing N N 206 
HEC CMD HMD1 sing N N 207 
HEC CMD HMD2 sing N N 208 
HEC CMD HMD3 sing N N 209 
HEC CAD CBD  sing N N 210 
HEC CAD HAD1 sing N N 211 
HEC CAD HAD2 sing N N 212 
HEC CBD CGD  sing N N 213 
HEC CBD HBD1 sing N N 214 
HEC CBD HBD2 sing N N 215 
HEC CGD O1D  doub N N 216 
HEC CGD O2D  sing N N 217 
HEC O2D H2D  sing N N 218 
HIS N   CA   sing N N 219 
HIS N   H    sing N N 220 
HIS N   H2   sing N N 221 
HIS CA  C    sing N N 222 
HIS CA  CB   sing N N 223 
HIS CA  HA   sing N N 224 
HIS C   O    doub N N 225 
HIS C   OXT  sing N N 226 
HIS CB  CG   sing N N 227 
HIS CB  HB2  sing N N 228 
HIS CB  HB3  sing N N 229 
HIS CG  ND1  sing Y N 230 
HIS CG  CD2  doub Y N 231 
HIS ND1 CE1  doub Y N 232 
HIS ND1 HD1  sing N N 233 
HIS CD2 NE2  sing Y N 234 
HIS CD2 HD2  sing N N 235 
HIS CE1 NE2  sing Y N 236 
HIS CE1 HE1  sing N N 237 
HIS NE2 HE2  sing N N 238 
HIS OXT HXT  sing N N 239 
HOH O   H1   sing N N 240 
HOH O   H2   sing N N 241 
ILE N   CA   sing N N 242 
ILE N   H    sing N N 243 
ILE N   H2   sing N N 244 
ILE CA  C    sing N N 245 
ILE CA  CB   sing N N 246 
ILE CA  HA   sing N N 247 
ILE C   O    doub N N 248 
ILE C   OXT  sing N N 249 
ILE CB  CG1  sing N N 250 
ILE CB  CG2  sing N N 251 
ILE CB  HB   sing N N 252 
ILE CG1 CD1  sing N N 253 
ILE CG1 HG12 sing N N 254 
ILE CG1 HG13 sing N N 255 
ILE CG2 HG21 sing N N 256 
ILE CG2 HG22 sing N N 257 
ILE CG2 HG23 sing N N 258 
ILE CD1 HD11 sing N N 259 
ILE CD1 HD12 sing N N 260 
ILE CD1 HD13 sing N N 261 
ILE OXT HXT  sing N N 262 
LEU N   CA   sing N N 263 
LEU N   H    sing N N 264 
LEU N   H2   sing N N 265 
LEU CA  C    sing N N 266 
LEU CA  CB   sing N N 267 
LEU CA  HA   sing N N 268 
LEU C   O    doub N N 269 
LEU C   OXT  sing N N 270 
LEU CB  CG   sing N N 271 
LEU CB  HB2  sing N N 272 
LEU CB  HB3  sing N N 273 
LEU CG  CD1  sing N N 274 
LEU CG  CD2  sing N N 275 
LEU CG  HG   sing N N 276 
LEU CD1 HD11 sing N N 277 
LEU CD1 HD12 sing N N 278 
LEU CD1 HD13 sing N N 279 
LEU CD2 HD21 sing N N 280 
LEU CD2 HD22 sing N N 281 
LEU CD2 HD23 sing N N 282 
LEU OXT HXT  sing N N 283 
LYS N   CA   sing N N 284 
LYS N   H    sing N N 285 
LYS N   H2   sing N N 286 
LYS CA  C    sing N N 287 
LYS CA  CB   sing N N 288 
LYS CA  HA   sing N N 289 
LYS C   O    doub N N 290 
LYS C   OXT  sing N N 291 
LYS CB  CG   sing N N 292 
LYS CB  HB2  sing N N 293 
LYS CB  HB3  sing N N 294 
LYS CG  CD   sing N N 295 
LYS CG  HG2  sing N N 296 
LYS CG  HG3  sing N N 297 
LYS CD  CE   sing N N 298 
LYS CD  HD2  sing N N 299 
LYS CD  HD3  sing N N 300 
LYS CE  NZ   sing N N 301 
LYS CE  HE2  sing N N 302 
LYS CE  HE3  sing N N 303 
LYS NZ  HZ1  sing N N 304 
LYS NZ  HZ2  sing N N 305 
LYS NZ  HZ3  sing N N 306 
LYS OXT HXT  sing N N 307 
MET N   CA   sing N N 308 
MET N   H    sing N N 309 
MET N   H2   sing N N 310 
MET CA  C    sing N N 311 
MET CA  CB   sing N N 312 
MET CA  HA   sing N N 313 
MET C   O    doub N N 314 
MET C   OXT  sing N N 315 
MET CB  CG   sing N N 316 
MET CB  HB2  sing N N 317 
MET CB  HB3  sing N N 318 
MET CG  SD   sing N N 319 
MET CG  HG2  sing N N 320 
MET CG  HG3  sing N N 321 
MET SD  CE   sing N N 322 
MET CE  HE1  sing N N 323 
MET CE  HE2  sing N N 324 
MET CE  HE3  sing N N 325 
MET OXT HXT  sing N N 326 
PHE N   CA   sing N N 327 
PHE N   H    sing N N 328 
PHE N   H2   sing N N 329 
PHE CA  C    sing N N 330 
PHE CA  CB   sing N N 331 
PHE CA  HA   sing N N 332 
PHE C   O    doub N N 333 
PHE C   OXT  sing N N 334 
PHE CB  CG   sing N N 335 
PHE CB  HB2  sing N N 336 
PHE CB  HB3  sing N N 337 
PHE CG  CD1  doub Y N 338 
PHE CG  CD2  sing Y N 339 
PHE CD1 CE1  sing Y N 340 
PHE CD1 HD1  sing N N 341 
PHE CD2 CE2  doub Y N 342 
PHE CD2 HD2  sing N N 343 
PHE CE1 CZ   doub Y N 344 
PHE CE1 HE1  sing N N 345 
PHE CE2 CZ   sing Y N 346 
PHE CE2 HE2  sing N N 347 
PHE CZ  HZ   sing N N 348 
PHE OXT HXT  sing N N 349 
PRO N   CA   sing N N 350 
PRO N   CD   sing N N 351 
PRO N   H    sing N N 352 
PRO CA  C    sing N N 353 
PRO CA  CB   sing N N 354 
PRO CA  HA   sing N N 355 
PRO C   O    doub N N 356 
PRO C   OXT  sing N N 357 
PRO CB  CG   sing N N 358 
PRO CB  HB2  sing N N 359 
PRO CB  HB3  sing N N 360 
PRO CG  CD   sing N N 361 
PRO CG  HG2  sing N N 362 
PRO CG  HG3  sing N N 363 
PRO CD  HD2  sing N N 364 
PRO CD  HD3  sing N N 365 
PRO OXT HXT  sing N N 366 
SER N   CA   sing N N 367 
SER N   H    sing N N 368 
SER N   H2   sing N N 369 
SER CA  C    sing N N 370 
SER CA  CB   sing N N 371 
SER CA  HA   sing N N 372 
SER C   O    doub N N 373 
SER C   OXT  sing N N 374 
SER CB  OG   sing N N 375 
SER CB  HB2  sing N N 376 
SER CB  HB3  sing N N 377 
SER OG  HG   sing N N 378 
SER OXT HXT  sing N N 379 
THR N   CA   sing N N 380 
THR N   H    sing N N 381 
THR N   H2   sing N N 382 
THR CA  C    sing N N 383 
THR CA  CB   sing N N 384 
THR CA  HA   sing N N 385 
THR C   O    doub N N 386 
THR C   OXT  sing N N 387 
THR CB  OG1  sing N N 388 
THR CB  CG2  sing N N 389 
THR CB  HB   sing N N 390 
THR OG1 HG1  sing N N 391 
THR CG2 HG21 sing N N 392 
THR CG2 HG22 sing N N 393 
THR CG2 HG23 sing N N 394 
THR OXT HXT  sing N N 395 
TRS C   C1   sing N N 396 
TRS C   C2   sing N N 397 
TRS C   C3   sing N N 398 
TRS C   N    sing N N 399 
TRS C1  O1   sing N N 400 
TRS C1  H11  sing N N 401 
TRS C1  H12  sing N N 402 
TRS C2  O2   sing N N 403 
TRS C2  H21  sing N N 404 
TRS C2  H22  sing N N 405 
TRS C3  O3   sing N N 406 
TRS C3  H31  sing N N 407 
TRS C3  H32  sing N N 408 
TRS N   HN1  sing N N 409 
TRS N   HN2  sing N N 410 
TRS N   HN3  sing N N 411 
TRS O1  HO1  sing N N 412 
TRS O2  HO2  sing N N 413 
TRS O3  HO3  sing N N 414 
TYR N   CA   sing N N 415 
TYR N   H    sing N N 416 
TYR N   H2   sing N N 417 
TYR CA  C    sing N N 418 
TYR CA  CB   sing N N 419 
TYR CA  HA   sing N N 420 
TYR C   O    doub N N 421 
TYR C   OXT  sing N N 422 
TYR CB  CG   sing N N 423 
TYR CB  HB2  sing N N 424 
TYR CB  HB3  sing N N 425 
TYR CG  CD1  doub Y N 426 
TYR CG  CD2  sing Y N 427 
TYR CD1 CE1  sing Y N 428 
TYR CD1 HD1  sing N N 429 
TYR CD2 CE2  doub Y N 430 
TYR CD2 HD2  sing N N 431 
TYR CE1 CZ   doub Y N 432 
TYR CE1 HE1  sing N N 433 
TYR CE2 CZ   sing Y N 434 
TYR CE2 HE2  sing N N 435 
TYR CZ  OH   sing N N 436 
TYR OH  HH   sing N N 437 
TYR OXT HXT  sing N N 438 
VAL N   CA   sing N N 439 
VAL N   H    sing N N 440 
VAL N   H2   sing N N 441 
VAL CA  C    sing N N 442 
VAL CA  CB   sing N N 443 
VAL CA  HA   sing N N 444 
VAL C   O    doub N N 445 
VAL C   OXT  sing N N 446 
VAL CB  CG1  sing N N 447 
VAL CB  CG2  sing N N 448 
VAL CB  HB   sing N N 449 
VAL CG1 HG11 sing N N 450 
VAL CG1 HG12 sing N N 451 
VAL CG1 HG13 sing N N 452 
VAL CG2 HG21 sing N N 453 
VAL CG2 HG22 sing N N 454 
VAL CG2 HG23 sing N N 455 
VAL OXT HXT  sing N N 456 
# 
_atom_sites.entry_id                    1W2L 
_atom_sites.fract_transf_matrix[1][1]   -0.00287824 
_atom_sites.fract_transf_matrix[1][2]   -0.00319218 
_atom_sites.fract_transf_matrix[1][3]   -0.01799582 
_atom_sites.fract_transf_matrix[2][1]   0.01784092 
_atom_sites.fract_transf_matrix[2][2]   -0.00444543 
_atom_sites.fract_transf_matrix[2][3]   -0.00206492 
_atom_sites.fract_transf_matrix[3][1]   -0.00234746 
_atom_sites.fract_transf_matrix[3][2]   -0.01045713 
_atom_sites.fract_transf_matrix[3][3]   0.00223039 
_atom_sites.fract_transf_vector[1]      -0.039924 
_atom_sites.fract_transf_vector[2]      0.297971 
_atom_sites.fract_transf_vector[3]      0.337715 
# 
loop_
_atom_type.symbol 
C  
FE 
N  
O  
S  
# 
loop_
_atom_site.group_PDB 
_atom_site.id 
_atom_site.type_symbol 
_atom_site.label_atom_id 
_atom_site.label_alt_id 
_atom_site.label_comp_id 
_atom_site.label_asym_id 
_atom_site.label_entity_id 
_atom_site.label_seq_id 
_atom_site.pdbx_PDB_ins_code 
_atom_site.Cartn_x 
_atom_site.Cartn_y 
_atom_site.Cartn_z 
_atom_site.occupancy 
_atom_site.B_iso_or_equiv 
_atom_site.pdbx_formal_charge 
_atom_site.auth_seq_id 
_atom_site.auth_comp_id 
_atom_site.auth_asym_id 
_atom_site.auth_atom_id 
_atom_site.pdbx_PDB_model_num 
ATOM   1   N  N   . MET A 1 3  ? 9.877   5.571   -18.376 1.00 48.23 ? 3    MET A N   1 
ATOM   2   C  CA  . MET A 1 3  ? 10.568  4.948   -17.248 1.00 40.98 ? 3    MET A CA  1 
ATOM   3   C  C   . MET A 1 3  ? 9.796   3.686   -16.816 1.00 31.67 ? 3    MET A C   1 
ATOM   4   O  O   . MET A 1 3  ? 8.576   3.778   -16.739 1.00 33.43 ? 3    MET A O   1 
ATOM   5   C  CB  . MET A 1 3  ? 10.738  5.949   -16.117 1.00 37.24 ? 3    MET A CB  1 
ATOM   6   C  CG  . MET A 1 3  ? 10.853  5.394   -14.716 1.00 36.91 ? 3    MET A CG  1 
ATOM   7   S  SD  . MET A 1 3  ? 11.077  6.735   -13.504 1.00 37.84 ? 3    MET A SD  1 
ATOM   8   C  CE  . MET A 1 3  ? 12.189  5.986   -12.335 1.00 57.08 ? 3    MET A CE  1 
ATOM   9   N  N   . PRO A 1 4  ? 10.497  2.579   -16.574 1.00 33.61 ? 4    PRO A N   1 
ATOM   10  C  CA  . PRO A 1 4  ? 9.874   1.337   -16.101 1.00 30.66 ? 4    PRO A CA  1 
ATOM   11  C  C   . PRO A 1 4  ? 9.088   1.481   -14.818 1.00 29.13 ? 4    PRO A C   1 
ATOM   12  O  O   . PRO A 1 4  ? 9.440   2.232   -13.918 1.00 28.05 ? 4    PRO A O   1 
ATOM   13  C  CB  . PRO A 1 4  ? 11.090  0.447   -15.751 1.00 35.06 ? 4    PRO A CB  1 
ATOM   14  C  CG  . PRO A 1 4  ? 12.143  0.904   -16.718 1.00 41.17 ? 4    PRO A CG  1 
ATOM   15  C  CD  . PRO A 1 4  ? 11.969  2.398   -16.793 1.00 40.02 ? 4    PRO A CD  1 
ATOM   16  N  N   . LEU A 1 5  ? 7.994   0.756   -14.693 1.00 25.98 ? 5    LEU A N   1 
ATOM   17  C  CA  . LEU A 1 5  ? 7.069   0.989   -13.591 1.00 22.21 ? 5    LEU A CA  1 
ATOM   18  C  C   . LEU A 1 5  ? 7.709   0.748   -12.257 1.00 20.31 ? 5    LEU A C   1 
ATOM   19  O  O   . LEU A 1 5  ? 7.432   1.507   -11.357 1.00 19.82 ? 5    LEU A O   1 
ATOM   20  C  CB  . LEU A 1 5  ? 5.879   0.025   -13.779 1.00 24.27 ? 5    LEU A CB  1 
ATOM   21  C  CG  . LEU A 1 5  ? 4.835   0.461   -14.811 1.00 26.57 ? 5    LEU A CG  1 
ATOM   22  C  CD1 . LEU A 1 5  ? 3.807   -0.654  -14.947 1.00 27.83 ? 5    LEU A CD1 1 
ATOM   23  C  CD2 . LEU A 1 5  ? 4.180   1.780   -14.447 1.00 30.06 ? 5    LEU A CD2 1 
ATOM   24  N  N   . ALA A 1 6  ? 8.512   -0.270  -12.011 1.00 22.76 ? 6    ALA A N   1 
ATOM   25  C  CA  . ALA A 1 6  ? 9.088   -0.528  -10.701 1.00 22.61 ? 6    ALA A CA  1 
ATOM   26  C  C   . ALA A 1 6  ? 9.925   0.671   -10.275 1.00 24.25 ? 6    ALA A C   1 
ATOM   27  O  O   . ALA A 1 6  ? 9.952   1.064   -9.111  1.00 23.44 ? 6    ALA A O   1 
ATOM   28  C  CB  . ALA A 1 6  ? 9.930   -1.810  -10.761 1.00 34.09 ? 6    ALA A CB  1 
ATOM   29  N  N   . GLU A 1 7  ? 10.630  1.271   -11.231 1.00 24.11 ? 7    GLU A N   1 
ATOM   30  C  CA  . GLU A 1 7  ? 11.552  2.364   -10.947 1.00 24.87 ? 7    GLU A CA  1 
ATOM   31  C  C   . GLU A 1 7  ? 10.752  3.604   -10.596 1.00 22.14 ? 7    GLU A C   1 
ATOM   32  O  O   . GLU A 1 7  ? 11.043  4.370   -9.659  1.00 21.58 ? 7    GLU A O   1 
ATOM   33  C  CB  . GLU A 1 7  ? 12.508  2.608   -12.125 1.00 30.70 ? 7    GLU A CB  1 
ATOM   34  C  CG  . GLU A 1 7  ? 13.859  3.209   -11.801 1.00 39.68 ? 7    GLU A CG  1 
ATOM   35  C  CD  . GLU A 1 7  ? 14.559  3.802   -13.012 1.00 45.87 ? 7    GLU A CD  1 
ATOM   36  O  OE1 . GLU A 1 7  ? 14.435  3.171   -14.083 1.00 54.27 ? 7    GLU A OE1 1 
ATOM   37  O  OE2 . GLU A 1 7  ? 15.222  4.863   -12.923 1.00 57.54 ? 7    GLU A OE2 1 
ATOM   38  N  N   . LEU A 1 8  ? 9.691   3.844   -11.389 1.00 20.53 ? 8    LEU A N   1 
ATOM   39  C  CA  . LEU A 1 8  ? 8.839   5.005   -11.066 1.00 19.01 ? 8    LEU A CA  1 
ATOM   40  C  C   . LEU A 1 8  ? 8.192   4.750   -9.706  1.00 15.83 ? 8    LEU A C   1 
ATOM   41  O  O   . LEU A 1 8  ? 8.040   5.671   -8.906  1.00 16.24 ? 8    LEU A O   1 
ATOM   42  C  CB  . LEU A 1 8  ? 7.796   5.216   -12.129 1.00 20.06 ? 8    LEU A CB  1 
ATOM   43  C  CG  . LEU A 1 8  ? 6.652   6.181   -11.938 1.00 19.12 ? 8    LEU A CG  1 
ATOM   44  C  CD1 . LEU A 1 8  ? 7.146   7.598   -11.710 1.00 25.36 ? 8    LEU A CD1 1 
ATOM   45  C  CD2 . LEU A 1 8  ? 5.691   6.086   -13.111 1.00 25.21 ? 8    LEU A CD2 1 
ATOM   46  N  N   . GLY A 1 9  ? 7.817   3.513   -9.413  1.00 16.26 ? 9    GLY A N   1 
ATOM   47  C  CA  . GLY A 1 9  ? 7.176   3.280   -8.139  1.00 13.62 ? 9    GLY A CA  1 
ATOM   48  C  C   . GLY A 1 9  ? 8.083   3.511   -6.950  1.00 14.02 ? 9    GLY A C   1 
ATOM   49  O  O   . GLY A 1 9  ? 7.652   4.009   -5.920  1.00 14.11 ? 9    GLY A O   1 
ATOM   50  N  N   . ALA A 1 10 ? 9.370   3.220   -7.128  1.00 16.63 ? 10   ALA A N   1 
ATOM   51  C  CA  . ALA A 1 10 ? 10.334  3.530   -6.053  1.00 17.07 ? 10   ALA A CA  1 
ATOM   52  C  C   . ALA A 1 10 ? 10.432  5.030   -5.815  1.00 15.31 ? 10   ALA A C   1 
ATOM   53  O  O   . ALA A 1 10 ? 10.527  5.540   -4.680  1.00 16.67 ? 10   ALA A O   1 
ATOM   54  C  CB  . ALA A 1 10 ? 11.685  2.950   -6.439  1.00 21.25 ? 10   ALA A CB  1 
ATOM   55  N  N   . ARG A 1 11 ? 10.396  5.798   -6.926  1.00 16.42 ? 11   ARG A N   1 
ATOM   56  C  CA  . ARG A 1 11 ? 10.417  7.246   -6.789  1.00 15.91 ? 11   ARG A CA  1 
ATOM   57  C  C   . ARG A 1 11 ? 9.155   7.769   -6.101  1.00 15.34 ? 11   ARG A C   1 
ATOM   58  O  O   . ARG A 1 11 ? 9.231   8.653   -5.268  1.00 15.50 ? 11   ARG A O   1 
ATOM   59  C  CB  . ARG A 1 11 ? 10.567  7.928   -8.146  1.00 18.60 ? 11   ARG A CB  1 
ATOM   60  C  CG  . ARG A 1 11 ? 11.897  7.765   -8.808  1.00 24.36 ? 11   ARG A CG  1 
ATOM   61  C  CD  . ARG A 1 11 ? 11.826  8.632   -10.106 1.00 38.53 ? 11   ARG A CD  1 
ATOM   62  N  NE  . ARG A 1 11 ? 13.182  8.757   -10.564 1.00 44.79 ? 11   ARG A NE  1 
ATOM   63  C  CZ  . ARG A 1 11 ? 13.956  9.785   -10.732 1.00 50.10 ? 11   ARG A CZ  1 
ATOM   64  N  NH1 . ARG A 1 11 ? 13.518  11.010  -10.460 1.00 54.82 ? 11   ARG A NH1 1 
ATOM   65  N  NH2 . ARG A 1 11 ? 15.190  9.539   -11.182 1.00 57.56 ? 11   ARG A NH2 1 
ATOM   66  N  N   . LEU A 1 12 ? 7.993   7.245   -6.458  1.00 13.76 ? 12   LEU A N   1 
ATOM   67  C  CA  . LEU A 1 12 ? 6.722   7.670   -5.874  1.00 13.31 ? 12   LEU A CA  1 
ATOM   68  C  C   . LEU A 1 12 ? 6.640   7.251   -4.406  1.00 11.19 ? 12   LEU A C   1 
ATOM   69  O  O   . LEU A 1 12 ? 6.039   7.992   -3.631  1.00 12.14 ? 12   LEU A O   1 
ATOM   70  C  CB  . LEU A 1 12 ? 5.566   7.084   -6.648  1.00 13.56 ? 12   LEU A CB  1 
ATOM   71  C  CG  . LEU A 1 12 ? 5.376   7.607   -8.087  1.00 16.41 ? 12   LEU A CG  1 
ATOM   72  C  CD1 . LEU A 1 12 ? 4.399   6.717   -8.819  1.00 16.34 ? 12   LEU A CD1 1 
ATOM   73  C  CD2 . LEU A 1 12 ? 4.923   9.055   -8.077  1.00 20.60 ? 12   LEU A CD2 1 
ATOM   74  N  N   . TYR A 1 13 ? 7.212   6.114   -4.053  1.00 11.54 ? 13   TYR A N   1 
ATOM   75  C  CA  . TYR A 1 13 ? 7.219   5.678   -2.655  1.00 10.61 ? 13   TYR A CA  1 
ATOM   76  C  C   . TYR A 1 13 ? 7.811   6.766   -1.765  1.00 10.55 ? 13   TYR A C   1 
ATOM   77  O  O   . TYR A 1 13 ? 7.395   6.974   -0.624  1.00 10.75 ? 13   TYR A O   1 
ATOM   78  C  CB  . TYR A 1 13 ? 7.994   4.364   -2.577  1.00 11.86 ? 13   TYR A CB  1 
ATOM   79  C  CG  . TYR A 1 13 ? 8.371   3.939   -1.180  1.00 10.86 ? 13   TYR A CG  1 
ATOM   80  C  CD1 . TYR A 1 13 ? 7.425   3.396   -0.342  1.00 11.14 ? 13   TYR A CD1 1 
ATOM   81  C  CD2 . TYR A 1 13 ? 9.678   4.080   -0.728  1.00 11.97 ? 13   TYR A CD2 1 
ATOM   82  C  CE1 . TYR A 1 13 ? 7.755   3.000   0.940   1.00 10.58 ? 13   TYR A CE1 1 
ATOM   83  C  CE2 . TYR A 1 13 ? 10.048  3.669   0.540   1.00 12.45 ? 13   TYR A CE2 1 
ATOM   84  C  CZ  . TYR A 1 13 ? 9.072   3.128   1.386   1.00 11.88 ? 13   TYR A CZ  1 
ATOM   85  O  OH  . TYR A 1 13 ? 9.428   2.729   2.647   1.00 12.60 ? 13   TYR A OH  1 
ATOM   86  N  N   . ARG A 1 14 ? 8.841   7.441   -2.317  1.00 11.36 ? 14   ARG A N   1 
ATOM   87  C  CA  . ARG A 1 14 ? 9.465   8.548   -1.623  1.00 11.97 ? 14   ARG A CA  1 
ATOM   88  C  C   . ARG A 1 14 ? 8.639   9.816   -1.790  1.00 11.84 ? 14   ARG A C   1 
ATOM   89  O  O   . ARG A 1 14 ? 8.153   10.452  -0.830  1.00 12.42 ? 14   ARG A O   1 
ATOM   90  C  CB  . ARG A 1 14 ? 10.929  8.692   -2.091  1.00 14.91 ? 14   ARG A CB  1 
ATOM   91  C  CG  . ARG A 1 14 ? 11.790  7.537   -1.575  1.00 20.21 ? 14   ARG A CG  1 
ATOM   92  C  CD  . ARG A 1 14 ? 13.305  7.638   -1.712  1.00 26.75 ? 14   ARG A CD  1 
ATOM   93  N  NE  . ARG A 1 14 ? 13.682  7.410   -3.079  1.00 37.50 ? 14   ARG A NE  1 
ATOM   94  C  CZ  . ARG A 1 14 ? 14.095  6.638   -4.023  1.00 37.49 ? 14   ARG A CZ  1 
ATOM   95  N  NH1 . ARG A 1 14 ? 14.318  5.352   -3.771  1.00 52.13 ? 14   ARG A NH1 1 
ATOM   96  N  NH2 . ARG A 1 14 ? 14.300  7.089   -5.265  1.00 55.31 ? 14   ARG A NH2 1 
ATOM   97  N  N   . GLU A 1 15 ? 8.416   10.252  -3.033  1.00 12.94 ? 15   GLU A N   1 
ATOM   98  C  CA  . GLU A 1 15 ? 7.824   11.560  -3.310  1.00 14.03 ? 15   GLU A CA  1 
ATOM   99  C  C   . GLU A 1 15 ? 6.420   11.724  -2.768  1.00 13.41 ? 15   GLU A C   1 
ATOM   100 O  O   . GLU A 1 15 ? 6.043   12.866  -2.386  1.00 14.56 ? 15   GLU A O   1 
ATOM   101 C  CB  . GLU A 1 15 ? 7.845   11.806  -4.828  1.00 19.30 ? 15   GLU A CB  1 
ATOM   102 C  CG  . GLU A 1 15 ? 9.210   11.883  -5.432  1.00 29.19 ? 15   GLU A CG  1 
ATOM   103 C  CD  . GLU A 1 15 ? 9.141   12.121  -6.927  1.00 41.69 ? 15   GLU A CD  1 
ATOM   104 O  OE1 . GLU A 1 15 ? 8.160   11.569  -7.521  1.00 50.44 ? 15   GLU A OE1 1 
ATOM   105 O  OE2 . GLU A 1 15 ? 10.054  12.803  -7.440  1.00 47.47 ? 15   GLU A OE2 1 
ATOM   106 N  N   . LYS A 1 16 ? 5.636   10.669  -2.767  1.00 12.01 ? 16   LYS A N   1 
ATOM   107 C  CA  . LYS A 1 16 ? 4.259   10.706  -2.320  1.00 12.16 ? 16   LYS A CA  1 
ATOM   108 C  C   . LYS A 1 16 ? 4.106   10.392  -0.813  1.00 11.99 ? 16   LYS A C   1 
ATOM   109 O  O   . LYS A 1 16 ? 3.001   10.272  -0.343  1.00 14.58 ? 16   LYS A O   1 
ATOM   110 C  CB  . LYS A 1 16 ? 3.371   9.775   -3.157  1.00 13.53 ? 16   LYS A CB  1 
ATOM   111 C  CG  . LYS A 1 16 ? 3.388   10.111  -4.633  1.00 17.32 ? 16   LYS A CG  1 
ATOM   112 C  CD  . LYS A 1 16 ? 2.637   11.418  -4.840  1.00 19.42 ? 16   LYS A CD  1 
ATOM   113 C  CE  . LYS A 1 16 ? 2.433   11.731  -6.307  1.00 26.56 ? 16   LYS A CE  1 
ATOM   114 N  NZ  . LYS A 1 16 ? 1.833   13.081  -6.478  1.00 34.25 ? 16   LYS A NZ  1 
ATOM   115 N  N   . ALA A 1 17 ? 5.212   10.283  -0.114  1.00 11.45 ? 17   ALA A N   1 
ATOM   116 C  CA  . ALA A 1 17 ? 5.268   10.206  1.353   1.00 11.69 ? 17   ALA A CA  1 
ATOM   117 C  C   . ALA A 1 17 ? 4.967   8.824   1.916   1.00 8.99  ? 17   ALA A C   1 
ATOM   118 O  O   . ALA A 1 17 ? 4.887   8.705   3.123   1.00 9.76  ? 17   ALA A O   1 
ATOM   119 C  CB  . ALA A 1 17 ? 4.375   11.276  1.984   1.00 15.22 ? 17   ALA A CB  1 
ATOM   120 N  N   . CYS A 1 18 ? 4.821   7.803   1.081   1.00 9.22  ? 18   CYS A N   1 
ATOM   121 C  CA  . CYS A 1 18 ? 4.501   6.468   1.603   1.00 9.57  ? 18   CYS A CA  1 
ATOM   122 C  C   . CYS A 1 18 ? 5.531   6.014   2.631   1.00 9.37  ? 18   CYS A C   1 
ATOM   123 O  O   . CYS A 1 18 ? 5.184   5.384   3.605   1.00 9.17  ? 18   CYS A O   1 
ATOM   124 C  CB  . CYS A 1 18 ? 4.445   5.449   0.464   1.00 10.15 ? 18   CYS A CB  1 
ATOM   125 S  SG  . CYS A 1 18 ? 3.616   5.944   -1.049  1.00 10.64 ? 18   CYS A SG  1 
ATOM   126 N  N   . PHE A 1 19 ? 6.790   6.369   2.367   1.00 9.53  ? 19   PHE A N   1 
ATOM   127 C  CA  . PHE A 1 19 ? 7.876   5.959   3.223   1.00 9.23  ? 19   PHE A CA  1 
ATOM   128 C  C   . PHE A 1 19 ? 7.656   6.358   4.673   1.00 8.78  ? 19   PHE A C   1 
ATOM   129 O  O   . PHE A 1 19 ? 8.272   5.800   5.580   1.00 11.39 ? 19   PHE A O   1 
ATOM   130 C  CB  . PHE A 1 19 ? 9.212   6.566   2.782   1.00 9.94  ? 19   PHE A CB  1 
ATOM   131 C  CG  . PHE A 1 19 ? 9.291   8.062   3.056   1.00 9.81  ? 19   PHE A CG  1 
ATOM   132 C  CD1 . PHE A 1 19 ? 8.786   8.987   2.169   1.00 10.09 ? 19   PHE A CD1 1 
ATOM   133 C  CD2 . PHE A 1 19 ? 9.858   8.595   4.213   1.00 11.81 ? 19   PHE A CD2 1 
ATOM   134 C  CE1 . PHE A 1 19 ? 8.797   10.342  2.425   1.00 11.19 ? 19   PHE A CE1 1 
ATOM   135 C  CE2 . PHE A 1 19 ? 9.869   9.917   4.487   1.00 12.00 ? 19   PHE A CE2 1 
ATOM   136 C  CZ  . PHE A 1 19 ? 9.329   10.809  3.598   1.00 11.95 ? 19   PHE A CZ  1 
ATOM   137 N  N   . SER A 1 20 ? 6.930   7.426   4.899   1.00 8.76  ? 20   SER A N   1 
ATOM   138 C  CA  . SER A 1 20 ? 6.787   7.987   6.223   1.00 9.67  ? 20   SER A CA  1 
ATOM   139 C  C   . SER A 1 20 ? 5.966   7.067   7.126   1.00 10.48 ? 20   SER A C   1 
ATOM   140 O  O   . SER A 1 20 ? 6.074   7.132   8.367   1.00 13.63 ? 20   SER A O   1 
ATOM   141 C  CB  . SER A 1 20 ? 6.214   9.393   6.191   1.00 11.23 ? 20   SER A CB  1 
ATOM   142 O  OG  . SER A 1 20 ? 4.894   9.481   5.727   1.00 12.44 ? 20   SER A OG  1 
ATOM   143 N  N   . CYS A 1 21 ? 5.130   6.240   6.549   1.00 8.96  ? 21   CYS A N   1 
ATOM   144 C  CA  . CYS A 1 21 ? 4.246   5.354   7.302   1.00 9.40  ? 21   CYS A CA  1 
ATOM   145 C  C   . CYS A 1 21 ? 4.465   3.879   6.987   1.00 8.65  ? 21   CYS A C   1 
ATOM   146 O  O   . CYS A 1 21 ? 3.957   3.054   7.729   1.00 10.56 ? 21   CYS A O   1 
ATOM   147 C  CB  . CYS A 1 21 ? 2.774   5.711   7.038   1.00 9.15  ? 21   CYS A CB  1 
ATOM   148 S  SG  . CYS A 1 21 ? 2.374   7.369   7.646   1.00 10.43 ? 21   CYS A SG  1 
ATOM   149 N  N   . HIS A 1 22 ? 5.171   3.569   5.896   1.00 10.46 ? 22   HIS A N   1 
ATOM   150 C  CA  . HIS A 1 22 ? 5.339   2.169   5.463   1.00 11.00 ? 22   HIS A CA  1 
ATOM   151 C  C   . HIS A 1 22 ? 6.804   1.891   5.174   1.00 12.23 ? 22   HIS A C   1 
ATOM   152 O  O   . HIS A 1 22 ? 7.376   2.520   4.252   1.00 13.63 ? 22   HIS A O   1 
ATOM   153 C  CB  . HIS A 1 22 ? 4.566   1.949   4.146   1.00 11.13 ? 22   HIS A CB  1 
ATOM   154 C  CG  . HIS A 1 22 ? 3.075   2.029   4.255   1.00 9.52  ? 22   HIS A CG  1 
ATOM   155 N  ND1 . HIS A 1 22 ? 2.308   1.065   4.859   1.00 11.45 ? 22   HIS A ND1 1 
ATOM   156 C  CD2 . HIS A 1 22 ? 2.218   2.969   3.772   1.00 7.49  ? 22   HIS A CD2 1 
ATOM   157 C  CE1 . HIS A 1 22 ? 1.017   1.425   4.744   1.00 6.68  ? 22   HIS A CE1 1 
ATOM   158 N  NE2 . HIS A 1 22 ? 0.963   2.574   4.090   1.00 12.08 ? 22   HIS A NE2 1 
ATOM   159 N  N   . SER A 1 23 ? 7.379   0.944   5.884   1.00 11.21 ? 23   SER A N   1 
ATOM   160 C  CA  . SER A 1 23 ? 8.733   0.495   5.680   1.00 11.90 ? 23   SER A CA  1 
ATOM   161 C  C   . SER A 1 23 ? 8.783   -0.527  4.551   1.00 12.07 ? 23   SER A C   1 
ATOM   162 O  O   . SER A 1 23 ? 7.776   -1.033  4.110   1.00 13.09 ? 23   SER A O   1 
ATOM   163 C  CB  . SER A 1 23 ? 9.308   -0.094  6.937   1.00 14.02 ? 23   SER A CB  1 
ATOM   164 O  OG  . SER A 1 23 ? 8.735   -1.389  7.109   1.00 15.21 ? 23   SER A OG  1 
ATOM   165 N  N   . ILE A 1 24 ? 10.020  -0.821  4.132   1.00 13.36 ? 24   ILE A N   1 
ATOM   166 C  CA  . ILE A 1 24 ? 10.204  -1.936  3.179   1.00 15.34 ? 24   ILE A CA  1 
ATOM   167 C  C   . ILE A 1 24 ? 11.085  -3.002  3.787   1.00 17.40 ? 24   ILE A C   1 
ATOM   168 O  O   . ILE A 1 24 ? 11.491  -3.964  3.109   1.00 21.89 ? 24   ILE A O   1 
ATOM   169 C  CB  . ILE A 1 24 ? 10.736  -1.451  1.832   1.00 16.21 ? 24   ILE A CB  1 
ATOM   170 C  CG1 . ILE A 1 24 ? 12.036  -0.642  1.871   1.00 21.08 ? 24   ILE A CG1 1 
ATOM   171 C  CG2 . ILE A 1 24 ? 9.654   -0.671  1.122   1.00 16.79 ? 24   ILE A CG2 1 
ATOM   172 C  CD1 . ILE A 1 24 ? 12.649  -0.471  0.487   1.00 23.23 ? 24   ILE A CD1 1 
ATOM   173 N  N   . ASP A 1 25 ? 11.377  -2.924  5.092   1.00 19.10 ? 25   ASP A N   1 
ATOM   174 C  CA  . ASP A 1 25 ? 12.289  -3.878  5.746   1.00 20.74 ? 25   ASP A CA  1 
ATOM   175 C  C   . ASP A 1 25 ? 11.638  -4.740  6.834   1.00 21.79 ? 25   ASP A C   1 
ATOM   176 O  O   . ASP A 1 25 ? 12.296  -5.416  7.617   1.00 24.05 ? 25   ASP A O   1 
ATOM   177 C  CB  . ASP A 1 25 ? 13.519  -3.176  6.377   1.00 24.06 ? 25   ASP A CB  1 
ATOM   178 C  CG  . ASP A 1 25 ? 13.096  -2.304  7.532   1.00 20.77 ? 25   ASP A CG  1 
ATOM   179 O  OD1 . ASP A 1 25 ? 11.876  -2.105  7.807   1.00 20.69 ? 25   ASP A OD1 1 
ATOM   180 O  OD2 . ASP A 1 25 ? 14.015  -1.792  8.188   1.00 31.02 ? 25   ASP A OD2 1 
ATOM   181 N  N   . GLY A 1 26 ? 10.307  -4.734  6.868   1.00 20.13 ? 26   GLY A N   1 
ATOM   182 C  CA  . GLY A 1 26 ? 9.553   -5.497  7.808   1.00 19.49 ? 26   GLY A CA  1 
ATOM   183 C  C   . GLY A 1 26 ? 9.174   -4.812  9.077   1.00 18.70 ? 26   GLY A C   1 
ATOM   184 O  O   . GLY A 1 26 ? 8.341   -5.339  9.807   1.00 22.94 ? 26   GLY A O   1 
ATOM   185 N  N   . SER A 1 27 ? 9.730   -3.655  9.348   1.00 18.64 ? 27   SER A N   1 
ATOM   186 C  CA  . SER A 1 27 ? 9.439   -2.896  10.558  1.00 18.67 ? 27   SER A CA  1 
ATOM   187 C  C   . SER A 1 27 ? 8.064   -2.239  10.480  1.00 16.50 ? 27   SER A C   1 
ATOM   188 O  O   . SER A 1 27 ? 7.573   -1.809  9.468   1.00 15.20 ? 27   SER A O   1 
ATOM   189 C  CB  . SER A 1 27 ? 10.496  -1.831  10.836  1.00 20.28 ? 27   SER A CB  1 
ATOM   190 O  OG  . SER A 1 27 ? 10.591  -0.885  9.767   1.00 23.21 ? 27   SER A OG  1 
ATOM   191 N  N   . ARG A 1 28 ? 7.375   -2.189  11.598  1.00 17.41 ? 28   ARG A N   1 
ATOM   192 C  CA  . ARG A 1 28 ? 6.130   -1.502  11.755  1.00 15.33 ? 28   ARG A CA  1 
ATOM   193 C  C   . ARG A 1 28 ? 6.359   -0.034  12.049  1.00 14.46 ? 28   ARG A C   1 
ATOM   194 O  O   . ARG A 1 28 ? 7.085   0.331   12.961  1.00 21.07 ? 28   ARG A O   1 
ATOM   195 C  CB  . ARG A 1 28 ? 5.321   -2.158  12.911  1.00 19.23 ? 28   ARG A CB  1 
ATOM   196 C  CG  . ARG A 1 28 ? 3.980   -1.490  13.130  1.00 18.53 ? 28   ARG A CG  1 
ATOM   197 C  CD  . ARG A 1 28 ? 3.081   -2.268  14.100  1.00 19.45 ? 28   ARG A CD  1 
ATOM   198 N  NE  . ARG A 1 28 ? 1.925   -1.433  14.446  1.00 18.81 ? 28   ARG A NE  1 
ATOM   199 C  CZ  . ARG A 1 28 ? 0.638   -1.729  14.560  1.00 17.86 ? 28   ARG A CZ  1 
ATOM   200 N  NH1 . ARG A 1 28 ? 0.246   -2.993  14.380  1.00 19.98 ? 28   ARG A NH1 1 
ATOM   201 N  NH2 . ARG A 1 28 ? -0.232  -0.746  14.876  1.00 19.09 ? 28   ARG A NH2 1 
ATOM   202 N  N   . LEU A 1 29 ? 5.746   0.848   11.291  1.00 12.95 ? 29   LEU A N   1 
ATOM   203 C  CA  . LEU A 1 29 ? 5.799   2.285   11.508  1.00 12.70 ? 29   LEU A CA  1 
ATOM   204 C  C   . LEU A 1 29 ? 4.360   2.672   11.859  1.00 13.23 ? 29   LEU A C   1 
ATOM   205 O  O   . LEU A 1 29 ? 3.623   1.874   12.457  1.00 13.87 ? 29   LEU A O   1 
ATOM   206 C  CB  . LEU A 1 29 ? 6.314   2.957   10.271  1.00 12.95 ? 29   LEU A CB  1 
ATOM   207 C  CG  . LEU A 1 29 ? 7.727   2.611   9.862   1.00 15.28 ? 29   LEU A CG  1 
ATOM   208 C  CD1 . LEU A 1 29 ? 8.076   3.403   8.599   1.00 17.66 ? 29   LEU A CD1 1 
ATOM   209 C  CD2 . LEU A 1 29 ? 8.678   2.910   11.023  1.00 26.17 ? 29   LEU A CD2 1 
ATOM   210 N  N   . VAL A 1 30 ? 3.828   3.784   11.454  1.00 13.33 ? 30   VAL A N   1 
ATOM   211 C  CA  . VAL A 1 30 ? 2.420   4.069   11.632  1.00 11.85 ? 30   VAL A CA  1 
ATOM   212 C  C   . VAL A 1 30 ? 1.575   3.021   10.939  1.00 9.58  ? 30   VAL A C   1 
ATOM   213 O  O   . VAL A 1 30 ? 0.567   2.566   11.455  1.00 11.28 ? 30   VAL A O   1 
ATOM   214 C  CB  . VAL A 1 30 ? 2.146   5.501   11.162  1.00 14.71 ? 30   VAL A CB  1 
ATOM   215 C  CG1 . VAL A 1 30 ? 0.678   5.778   11.031  1.00 16.42 ? 30   VAL A CG1 1 
ATOM   216 C  CG2 . VAL A 1 30 ? 2.739   6.516   12.154  1.00 23.30 ? 30   VAL A CG2 1 
ATOM   217 N  N   . GLY A 1 31 ? 1.960   2.649   9.740   1.00 10.99 ? 31   GLY A N   1 
ATOM   218 C  CA  . GLY A 1 31 ? 1.304   1.617   8.963   1.00 9.90  ? 31   GLY A CA  1 
ATOM   219 C  C   . GLY A 1 31 ? 2.161   0.345   8.860   1.00 9.64  ? 31   GLY A C   1 
ATOM   220 O  O   . GLY A 1 31 ? 3.307   0.290   9.335   1.00 10.96 ? 31   GLY A O   1 
ATOM   221 N  N   . PRO A 1 32 ? 1.564   -0.656  8.265   1.00 9.81  ? 32   PRO A N   1 
ATOM   222 C  CA  . PRO A 1 32 ? 2.244   -1.958  8.086   1.00 10.27 ? 32   PRO A CA  1 
ATOM   223 C  C   . PRO A 1 32 ? 3.351   -1.886  7.055   1.00 10.55 ? 32   PRO A C   1 
ATOM   224 O  O   . PRO A 1 32 ? 3.334   -1.124  6.108   1.00 11.04 ? 32   PRO A O   1 
ATOM   225 C  CB  . PRO A 1 32 ? 1.139   -2.879  7.653   1.00 11.81 ? 32   PRO A CB  1 
ATOM   226 C  CG  . PRO A 1 32 ? 0.099   -1.969  7.057   1.00 14.23 ? 32   PRO A CG  1 
ATOM   227 C  CD  . PRO A 1 32 ? 0.184   -0.677  7.807   1.00 10.04 ? 32   PRO A CD  1 
ATOM   228 N  N   . SER A 1 33 ? 4.336   -2.777  7.233   1.00 12.57 ? 33   SER A N   1 
ATOM   229 C  CA  . SER A 1 33 ? 5.402   -2.810  6.250   1.00 12.38 ? 33   SER A CA  1 
ATOM   230 C  C   . SER A 1 33 ? 4.898   -3.336  4.917   1.00 11.98 ? 33   SER A C   1 
ATOM   231 O  O   . SER A 1 33 ? 4.008   -4.191  4.843   1.00 13.46 ? 33   SER A O   1 
ATOM   232 C  CB  . SER A 1 33 ? 6.515   -3.721  6.770   1.00 14.74 ? 33   SER A CB  1 
ATOM   233 O  OG  . SER A 1 33 ? 7.672   -3.638  5.959   1.00 14.78 ? 33   SER A OG  1 
ATOM   234 N  N   . PHE A 1 34 ? 5.518   -2.859  3.829   1.00 11.32 ? 34   PHE A N   1 
ATOM   235 C  CA  . PHE A 1 34 ? 5.265   -3.414  2.506   1.00 11.21 ? 34   PHE A CA  1 
ATOM   236 C  C   . PHE A 1 34 ? 6.006   -4.699  2.219   1.00 12.74 ? 34   PHE A C   1 
ATOM   237 O  O   . PHE A 1 34 ? 5.684   -5.421  1.311   1.00 14.36 ? 34   PHE A O   1 
ATOM   238 C  CB  . PHE A 1 34 ? 5.666   -2.411  1.434   1.00 11.60 ? 34   PHE A CB  1 
ATOM   239 C  CG  . PHE A 1 34 ? 4.783   -1.193  1.290   1.00 9.93  ? 34   PHE A CG  1 
ATOM   240 C  CD1 . PHE A 1 34 ? 3.483   -1.156  1.779   1.00 10.53 ? 34   PHE A CD1 1 
ATOM   241 C  CD2 . PHE A 1 34 ? 5.262   -0.085  0.652   1.00 11.44 ? 34   PHE A CD2 1 
ATOM   242 C  CE1 . PHE A 1 34 ? 2.698   -0.047  1.556   1.00 10.25 ? 34   PHE A CE1 1 
ATOM   243 C  CE2 . PHE A 1 34 ? 4.454   1.019   0.421   1.00 11.20 ? 34   PHE A CE2 1 
ATOM   244 C  CZ  . PHE A 1 34 ? 3.184   1.045   0.900   1.00 9.75  ? 34   PHE A CZ  1 
ATOM   245 N  N   . LYS A 1 35 ? 7.036   -5.062  2.899   1.00 15.77 ? 35   LYS A N   1 
ATOM   246 C  CA  . LYS A 1 35 ? 7.762   -6.307  2.814   1.00 15.00 ? 35   LYS A CA  1 
ATOM   247 C  C   . LYS A 1 35 ? 6.843   -7.488  3.062   1.00 16.86 ? 35   LYS A C   1 
ATOM   248 O  O   . LYS A 1 35 ? 6.271   -7.700  4.117   1.00 18.63 ? 35   LYS A O   1 
ATOM   249 C  CB  . LYS A 1 35 ? 8.981   -6.311  3.744   1.00 16.46 ? 35   LYS A CB  1 
ATOM   250 C  CG  . LYS A 1 35 ? 9.847   -7.565  3.527   1.00 23.08 ? 35   LYS A CG  1 
ATOM   251 C  CD  . LYS A 1 35 ? 11.025  -7.615  4.474   1.00 26.40 ? 35   LYS A CD  1 
ATOM   252 C  CE  . LYS A 1 35 ? 11.755  -8.958  4.419   1.00 29.64 ? 35   LYS A CE  1 
ATOM   253 N  NZ  . LYS A 1 35 ? 12.686  -9.108  5.555   1.00 43.75 ? 35   LYS A NZ  1 
ATOM   254 N  N   . GLY A 1 36 ? 6.714   -8.305  1.985   1.00 18.42 ? 36   GLY A N   1 
ATOM   255 C  CA  . GLY A 1 36 ? 5.882   -9.474  2.074   1.00 19.44 ? 36   GLY A CA  1 
ATOM   256 C  C   . GLY A 1 36 ? 4.384   -9.207  1.931   1.00 16.31 ? 36   GLY A C   1 
ATOM   257 O  O   . GLY A 1 36 ? 3.546   -10.120 2.091   1.00 20.67 ? 36   GLY A O   1 
ATOM   258 N  N   . LEU A 1 37 ? 3.978   -7.962  1.677   1.00 14.91 ? 37   LEU A N   1 
ATOM   259 C  CA  . LEU A 1 37 ? 2.583   -7.621  1.642   1.00 12.90 ? 37   LEU A CA  1 
ATOM   260 C  C   . LEU A 1 37 ? 1.835   -8.309  0.505   1.00 12.37 ? 37   LEU A C   1 
ATOM   261 O  O   . LEU A 1 37 ? 0.808   -8.959  0.679   1.00 13.89 ? 37   LEU A O   1 
ATOM   262 C  CB  . LEU A 1 37 ? 2.407   -6.098  1.544   1.00 12.46 ? 37   LEU A CB  1 
ATOM   263 C  CG  . LEU A 1 37 ? 1.022   -5.592  1.224   1.00 13.18 ? 37   LEU A CG  1 
ATOM   264 C  CD1 . LEU A 1 37 ? -0.014  -6.117  2.221   1.00 14.90 ? 37   LEU A CD1 1 
ATOM   265 C  CD2 . LEU A 1 37 ? 0.996   -4.068  1.176   1.00 12.83 ? 37   LEU A CD2 1 
ATOM   266 N  N   . TYR A 1 38 ? 2.320   -8.173  -0.736  1.00 12.85 ? 38   TYR A N   1 
ATOM   267 C  CA  . TYR A 1 38 ? 1.647   -8.746  -1.879  1.00 12.45 ? 38   TYR A CA  1 
ATOM   268 C  C   . TYR A 1 38 ? 1.606   -10.258 -1.774  1.00 13.25 ? 38   TYR A C   1 
ATOM   269 O  O   . TYR A 1 38 ? 2.654   -10.888 -1.653  1.00 15.21 ? 38   TYR A O   1 
ATOM   270 C  CB  . TYR A 1 38 ? 2.337   -8.324  -3.173  1.00 14.52 ? 38   TYR A CB  1 
ATOM   271 C  CG  . TYR A 1 38 ? 1.667   -8.861  -4.405  1.00 12.85 ? 38   TYR A CG  1 
ATOM   272 C  CD1 . TYR A 1 38 ? 0.407   -8.423  -4.813  1.00 14.15 ? 38   TYR A CD1 1 
ATOM   273 C  CD2 . TYR A 1 38 ? 2.245   -9.828  -5.221  1.00 12.75 ? 38   TYR A CD2 1 
ATOM   274 C  CE1 . TYR A 1 38 ? -0.225  -8.902  -5.935  1.00 13.08 ? 38   TYR A CE1 1 
ATOM   275 C  CE2 . TYR A 1 38 ? 1.647   -10.306 -6.355  1.00 13.15 ? 38   TYR A CE2 1 
ATOM   276 C  CZ  . TYR A 1 38 ? 0.412   -9.862  -6.725  1.00 12.13 ? 38   TYR A CZ  1 
ATOM   277 O  OH  . TYR A 1 38 ? -0.161  -10.356 -7.855  1.00 14.76 ? 38   TYR A OH  1 
ATOM   278 N  N   . GLY A 1 39 ? 0.395   -10.781 -1.855  1.00 13.46 ? 39   GLY A N   1 
ATOM   279 C  CA  . GLY A 1 39 ? 0.134   -12.202 -1.720  1.00 17.39 ? 39   GLY A CA  1 
ATOM   280 C  C   . GLY A 1 39 ? -0.044  -12.694 -0.308  1.00 16.30 ? 39   GLY A C   1 
ATOM   281 O  O   . GLY A 1 39 ? -0.287  -13.890 -0.162  1.00 20.20 ? 39   GLY A O   1 
ATOM   282 N  N   . SER A 1 40 ? -0.013  -11.814 0.686   1.00 17.13 ? 40   SER A N   1 
ATOM   283 C  CA  . SER A 1 40 ? -0.271  -12.169 2.076   1.00 18.99 ? 40   SER A CA  1 
ATOM   284 C  C   . SER A 1 40 ? -1.743  -12.103 2.411   1.00 18.31 ? 40   SER A C   1 
ATOM   285 O  O   . SER A 1 40 ? -2.498  -11.465 1.682   1.00 22.41 ? 40   SER A O   1 
ATOM   286 C  CB  . SER A 1 40 ? 0.536   -11.263 3.003   1.00 18.86 ? 40   SER A CB  1 
ATOM   287 O  OG  . SER A 1 40 ? 0.052   -9.938  3.015   1.00 19.33 ? 40   SER A OG  1 
ATOM   288 N  N   . THR A 1 41 ? -2.229  -12.722 3.462   1.00 21.50 ? 41   THR A N   1 
ATOM   289 C  CA  . THR A 1 41 ? -3.611  -12.593 3.932   1.00 21.39 ? 41   THR A CA  1 
ATOM   290 C  C   . THR A 1 41 ? -3.714  -11.420 4.914   1.00 19.54 ? 41   THR A C   1 
ATOM   291 O  O   . THR A 1 41 ? -2.834  -11.281 5.752   1.00 22.19 ? 41   THR A O   1 
ATOM   292 C  CB  . THR A 1 41 ? -4.076  -13.911 4.586   1.00 29.20 ? 41   THR A CB  1 
ATOM   293 O  OG1 . THR A 1 41 ? -4.153  -14.879 3.532   1.00 33.18 ? 41   THR A OG1 1 
ATOM   294 C  CG2 . THR A 1 41 ? -5.458  -13.811 5.173   1.00 28.04 ? 41   THR A CG2 1 
ATOM   295 N  N   . ARG A 1 42 ? -4.722  -10.582 4.762   1.00 17.80 ? 42   ARG A N   1 
ATOM   296 C  CA  . ARG A 1 42 ? -5.016  -9.456  5.614   1.00 16.02 ? 42   ARG A CA  1 
ATOM   297 C  C   . ARG A 1 42 ? -6.286  -9.698  6.432   1.00 17.75 ? 42   ARG A C   1 
ATOM   298 O  O   . ARG A 1 42 ? -7.260  -10.211 5.898   1.00 20.67 ? 42   ARG A O   1 
ATOM   299 C  CB  . ARG A 1 42 ? -5.167  -8.162  4.815   1.00 16.17 ? 42   ARG A CB  1 
ATOM   300 C  CG  . ARG A 1 42 ? -4.184  -7.936  3.711   1.00 14.27 ? 42   ARG A CG  1 
ATOM   301 C  CD  . ARG A 1 42 ? -2.740  -8.106  4.059   1.00 13.62 ? 42   ARG A CD  1 
ATOM   302 N  NE  . ARG A 1 42 ? -2.245  -7.189  5.054   1.00 14.20 ? 42   ARG A NE  1 
ATOM   303 C  CZ  . ARG A 1 42 ? -1.656  -7.409  6.196   1.00 15.46 ? 42   ARG A CZ  1 
ATOM   304 N  NH1 . ARG A 1 42 ? -1.269  -6.364  6.925   1.00 16.70 ? 42   ARG A NH1 1 
ATOM   305 N  NH2 . ARG A 1 42 ? -1.432  -8.649  6.648   1.00 19.75 ? 42   ARG A NH2 1 
ATOM   306 N  N   . THR A 1 43 ? -6.260  -9.257  7.671   1.00 17.31 ? 43   THR A N   1 
ATOM   307 C  CA  . THR A 1 43 ? -7.450  -9.260  8.522   1.00 19.55 ? 43   THR A CA  1 
ATOM   308 C  C   . THR A 1 43 ? -7.858  -7.823  8.797   1.00 16.63 ? 43   THR A C   1 
ATOM   309 O  O   . THR A 1 43 ? -6.980  -7.029  9.191   1.00 18.54 ? 43   THR A O   1 
ATOM   310 C  CB  . THR A 1 43 ? -7.198  -9.992  9.849   1.00 20.22 ? 43   THR A CB  1 
ATOM   311 O  OG1 . THR A 1 43 ? -6.836  -11.324 9.486   1.00 26.27 ? 43   THR A OG1 1 
ATOM   312 C  CG2 . THR A 1 43 ? -8.475  -10.024 10.690  1.00 22.14 ? 43   THR A CG2 1 
ATOM   313 N  N   . PHE A 1 44 ? -9.115  -7.492  8.630   1.00 18.25 ? 44   PHE A N   1 
ATOM   314 C  CA  . PHE A 1 44 ? -9.596  -6.132  8.825   1.00 18.12 ? 44   PHE A CA  1 
ATOM   315 C  C   . PHE A 1 44 ? -10.240 -5.917  10.166  1.00 16.92 ? 44   PHE A C   1 
ATOM   316 O  O   . PHE A 1 44 ? -10.489 -6.835  10.935  1.00 18.42 ? 44   PHE A O   1 
ATOM   317 C  CB  . PHE A 1 44 ? -10.562 -5.803  7.670   1.00 20.96 ? 44   PHE A CB  1 
ATOM   318 C  CG  . PHE A 1 44 ? -9.903  -6.029  6.335   1.00 19.20 ? 44   PHE A CG  1 
ATOM   319 C  CD1 . PHE A 1 44 ? -8.815  -5.287  5.980   1.00 19.02 ? 44   PHE A CD1 1 
ATOM   320 C  CD2 . PHE A 1 44 ? -10.365 -6.995  5.484   1.00 22.75 ? 44   PHE A CD2 1 
ATOM   321 C  CE1 . PHE A 1 44 ? -8.173  -5.517  4.791   1.00 18.51 ? 44   PHE A CE1 1 
ATOM   322 C  CE2 . PHE A 1 44 ? -9.750  -7.238  4.260   1.00 26.16 ? 44   PHE A CE2 1 
ATOM   323 C  CZ  . PHE A 1 44 ? -8.640  -6.479  3.931   1.00 23.48 ? 44   PHE A CZ  1 
ATOM   324 N  N   . GLU A 1 45 ? -10.557 -4.641  10.460  1.00 19.90 ? 45   GLU A N   1 
ATOM   325 C  CA  . GLU A 1 45 ? -11.042 -4.284  11.779  1.00 22.48 ? 45   GLU A CA  1 
ATOM   326 C  C   . GLU A 1 45 ? -12.352 -5.043  12.083  1.00 25.24 ? 45   GLU A C   1 
ATOM   327 O  O   . GLU A 1 45 ? -12.596 -5.216  13.261  1.00 30.78 ? 45   GLU A O   1 
ATOM   328 C  CB  . GLU A 1 45 ? -11.260 -2.802  11.968  1.00 29.10 ? 45   GLU A CB  1 
ATOM   329 C  CG  . GLU A 1 45 ? -10.545 -1.748  11.211  1.00 40.34 ? 45   GLU A CG  1 
ATOM   330 C  CD  . GLU A 1 45 ? -11.222 -0.387  11.371  1.00 44.41 ? 45   GLU A CD  1 
ATOM   331 O  OE1 . GLU A 1 45 ? -10.724 0.395   12.207  1.00 48.25 ? 45   GLU A OE1 1 
ATOM   332 O  OE2 . GLU A 1 45 ? -12.249 -0.160  10.666  1.00 42.64 ? 45   GLU A OE2 1 
ATOM   333 N  N   . ASP A 1 46 ? -13.100 -5.428  11.069  1.00 26.85 ? 46   ASP A N   1 
ATOM   334 C  CA  . ASP A 1 46 ? -14.347 -6.168  11.245  1.00 30.70 ? 46   ASP A CA  1 
ATOM   335 C  C   . ASP A 1 46 ? -14.176 -7.679  11.318  1.00 30.46 ? 46   ASP A C   1 
ATOM   336 O  O   . ASP A 1 46 ? -15.186 -8.375  11.444  1.00 36.94 ? 46   ASP A O   1 
ATOM   337 C  CB  . ASP A 1 46 ? -15.318 -5.915  10.088  1.00 40.21 ? 46   ASP A CB  1 
ATOM   338 C  CG  . ASP A 1 46 ? -14.526 -5.935  8.778   1.00 42.29 ? 46   ASP A CG  1 
ATOM   339 O  OD1 . ASP A 1 46 ? -13.860 -6.948  8.496   1.00 45.08 ? 46   ASP A OD1 1 
ATOM   340 O  OD2 . ASP A 1 46 ? -14.553 -4.931  8.035   1.00 70.02 ? 46   ASP A OD2 1 
ATOM   341 N  N   . GLY A 1 47 ? -12.961 -8.195  11.255  1.00 28.19 ? 47   GLY A N   1 
ATOM   342 C  CA  . GLY A 1 47 ? -12.713 -9.604  11.417  1.00 31.66 ? 47   GLY A CA  1 
ATOM   343 C  C   . GLY A 1 47 ? -12.720 -10.356 10.096  1.00 32.29 ? 47   GLY A C   1 
ATOM   344 O  O   . GLY A 1 47 ? -12.307 -11.520 10.029  1.00 33.09 ? 47   GLY A O   1 
ATOM   345 N  N   . THR A 1 48 ? -13.137 -9.674  9.018   1.00 29.34 ? 48   THR A N   1 
ATOM   346 C  CA  . THR A 1 48 ? -13.083 -10.271 7.685   1.00 30.43 ? 48   THR A CA  1 
ATOM   347 C  C   . THR A 1 48 ? -11.629 -10.312 7.221   1.00 26.07 ? 48   THR A C   1 
ATOM   348 O  O   . THR A 1 48 ? -10.790 -9.640  7.778   1.00 24.48 ? 48   THR A O   1 
ATOM   349 C  CB  . THR A 1 48 ? -13.971 -9.491  6.702   1.00 35.36 ? 48   THR A CB  1 
ATOM   350 O  OG1 . THR A 1 48 ? -13.505 -8.149  6.576   1.00 38.36 ? 48   THR A OG1 1 
ATOM   351 C  CG2 . THR A 1 48 ? -15.421 -9.460  7.202   1.00 40.90 ? 48   THR A CG2 1 
ATOM   352 N  N   . THR A 1 49 ? -11.358 -11.106 6.212   1.00 31.47 ? 49   THR A N   1 
ATOM   353 C  CA  . THR A 1 49 ? -10.028 -11.289 5.685   1.00 27.06 ? 49   THR A CA  1 
ATOM   354 C  C   . THR A 1 49 ? -10.077 -11.244 4.171   1.00 29.56 ? 49   THR A C   1 
ATOM   355 O  O   . THR A 1 49 ? -11.125 -11.476 3.557   1.00 34.56 ? 49   THR A O   1 
ATOM   356 C  CB  . THR A 1 49 ? -9.450  -12.646 6.118   1.00 32.29 ? 49   THR A CB  1 
ATOM   357 O  OG1 . THR A 1 49 ? -10.245 -13.646 5.506   1.00 44.90 ? 49   THR A OG1 1 
ATOM   358 C  CG2 . THR A 1 49 ? -9.614  -12.899 7.610   1.00 44.59 ? 49   THR A CG2 1 
ATOM   359 N  N   . ALA A 1 50 ? -8.928  -10.995 3.607   1.00 27.12 ? 50   ALA A N   1 
ATOM   360 C  CA  . ALA A 1 50 ? -8.790  -11.008 2.169   1.00 27.75 ? 50   ALA A CA  1 
ATOM   361 C  C   . ALA A 1 50 ? -7.322  -11.182 1.833   1.00 21.11 ? 50   ALA A C   1 
ATOM   362 O  O   . ALA A 1 50 ? -6.447  -10.776 2.596   1.00 21.32 ? 50   ALA A O   1 
ATOM   363 C  CB  . ALA A 1 50 ? -9.241  -9.710  1.513   1.00 31.27 ? 50   ALA A CB  1 
ATOM   364 N  N   . VAL A 1 51 ? -7.063  -11.675 0.644   1.00 20.94 ? 51   VAL A N   1 
ATOM   365 C  CA  . VAL A 1 51 ? -5.686  -11.699 0.171   1.00 18.35 ? 51   VAL A CA  1 
ATOM   366 C  C   . VAL A 1 51 ? -5.311  -10.391 -0.461  1.00 14.17 ? 51   VAL A C   1 
ATOM   367 O  O   . VAL A 1 51 ? -6.114  -9.684  -1.078  1.00 13.93 ? 51   VAL A O   1 
ATOM   368 C  CB  . VAL A 1 51 ? -5.495  -12.871 -0.789  1.00 22.88 ? 51   VAL A CB  1 
ATOM   369 C  CG1 . VAL A 1 51 ? -5.925  -12.689 -2.213  1.00 23.99 ? 51   VAL A CG1 1 
ATOM   370 C  CG2 . VAL A 1 51 ? -4.061  -13.389 -0.664  1.00 45.79 ? 51   VAL A CG2 1 
ATOM   371 N  N   . ALA A 1 52 ? -4.056  -9.991  -0.234  1.00 14.37 ? 52   ALA A N   1 
ATOM   372 C  CA  . ALA A 1 52 ? -3.515  -8.779  -0.810  1.00 11.52 ? 52   ALA A CA  1 
ATOM   373 C  C   . ALA A 1 52 ? -3.076  -8.998  -2.252  1.00 11.07 ? 52   ALA A C   1 
ATOM   374 O  O   . ALA A 1 52 ? -1.904  -9.160  -2.570  1.00 13.81 ? 52   ALA A O   1 
ATOM   375 C  CB  . ALA A 1 52 ? -2.379  -8.213  0.054   1.00 13.09 ? 52   ALA A CB  1 
ATOM   376 N  N   . ASP A 1 53 ? -4.064  -8.972  -3.124  1.00 10.66 ? 53   ASP A N   1 
ATOM   377 C  CA  . ASP A 1 53 ? -3.881  -9.047  -4.576  1.00 10.55 ? 53   ASP A CA  1 
ATOM   378 C  C   . ASP A 1 53 ? -3.855  -7.622  -5.158  1.00 9.88  ? 53   ASP A C   1 
ATOM   379 O  O   . ASP A 1 53 ? -3.883  -6.633  -4.446  1.00 10.42 ? 53   ASP A O   1 
ATOM   380 C  CB  . ASP A 1 53 ? -4.945  -9.936  -5.189  1.00 10.55 ? 53   ASP A CB  1 
ATOM   381 C  CG  . ASP A 1 53 ? -6.360  -9.473  -4.970  1.00 11.40 ? 53   ASP A CG  1 
ATOM   382 O  OD1 . ASP A 1 53 ? -6.597  -8.329  -4.565  1.00 11.74 ? 53   ASP A OD1 1 
ATOM   383 O  OD2 . ASP A 1 53 ? -7.288  -10.288 -5.239  1.00 16.28 ? 53   ASP A OD2 1 
ATOM   384 N  N   . GLU A 1 54 ? -3.713  -7.561  -6.479  1.00 10.77 ? 54   GLU A N   1 
ATOM   385 C  CA  . GLU A 1 54 ? -3.588  -6.267  -7.132  1.00 11.44 ? 54   GLU A CA  1 
ATOM   386 C  C   . GLU A 1 54 ? -4.764  -5.363  -6.836  1.00 10.47 ? 54   GLU A C   1 
ATOM   387 O  O   . GLU A 1 54 ? -4.610  -4.163  -6.554  1.00 11.78 ? 54   GLU A O   1 
ATOM   388 C  CB  . GLU A 1 54 ? -3.459  -6.447  -8.634  1.00 16.32 ? 54   GLU A CB  1 
ATOM   389 C  CG  . GLU A 1 54 ? -2.813  -5.391  -9.439  1.00 27.70 ? 54   GLU A CG  1 
ATOM   390 C  CD  . GLU A 1 54 ? -1.636  -5.771  -10.330 1.00 26.96 ? 54   GLU A CD  1 
ATOM   391 O  OE1 . GLU A 1 54 ? -0.902  -6.787  -10.130 1.00 29.19 ? 54   GLU A OE1 1 
ATOM   392 O  OE2 . GLU A 1 54 ? -1.320  -5.050  -11.277 1.00 36.62 ? 54   GLU A OE2 1 
ATOM   393 N  N   . ASN A 1 55 ? -5.991  -5.934  -6.914  1.00 9.73  ? 55   ASN A N   1 
ATOM   394 C  CA  . ASN A 1 55 ? -7.176  -5.150  -6.616  1.00 10.39 ? 55   ASN A CA  1 
ATOM   395 C  C   . ASN A 1 55 ? -7.190  -4.627  -5.196  1.00 9.46  ? 55   ASN A C   1 
ATOM   396 O  O   . ASN A 1 55 ? -7.626  -3.486  -4.932  1.00 10.96 ? 55   ASN A O   1 
ATOM   397 C  CB  . ASN A 1 55 ? -8.449  -5.935  -6.889  1.00 11.28 ? 55   ASN A CB  1 
ATOM   398 C  CG  . ASN A 1 55 ? -8.782  -5.962  -8.366  1.00 13.95 ? 55   ASN A CG  1 
ATOM   399 O  OD1 . ASN A 1 55 ? -8.322  -5.128  -9.096  1.00 26.72 ? 55   ASN A OD1 1 
ATOM   400 N  ND2 . ASN A 1 55 ? -9.531  -6.917  -8.778  1.00 18.80 ? 55   ASN A ND2 1 
ATOM   401 N  N   . TYR A 1 56 ? -6.750  -5.429  -4.236  1.00 9.82  ? 56   TYR A N   1 
ATOM   402 C  CA  . TYR A 1 56 ? -6.692  -4.939  -2.869  1.00 9.73  ? 56   TYR A CA  1 
ATOM   403 C  C   . TYR A 1 56 ? -5.715  -3.790  -2.718  1.00 9.53  ? 56   TYR A C   1 
ATOM   404 O  O   . TYR A 1 56 ? -5.989  -2.825  -2.005  1.00 10.42 ? 56   TYR A O   1 
ATOM   405 C  CB  . TYR A 1 56 ? -6.333  -6.093  -1.908  1.00 10.49 ? 56   TYR A CB  1 
ATOM   406 C  CG  . TYR A 1 56 ? -5.982  -5.572  -0.532  1.00 9.94  ? 56   TYR A CG  1 
ATOM   407 C  CD1 . TYR A 1 56 ? -7.001  -5.140  0.302   1.00 11.64 ? 56   TYR A CD1 1 
ATOM   408 C  CD2 . TYR A 1 56 ? -4.700  -5.442  -0.090  1.00 9.97  ? 56   TYR A CD2 1 
ATOM   409 C  CE1 . TYR A 1 56 ? -6.729  -4.632  1.556   1.00 12.02 ? 56   TYR A CE1 1 
ATOM   410 C  CE2 . TYR A 1 56 ? -4.415  -4.934  1.166   1.00 9.83  ? 56   TYR A CE2 1 
ATOM   411 C  CZ  . TYR A 1 56 ? -5.434  -4.525  1.993   1.00 10.29 ? 56   TYR A CZ  1 
ATOM   412 O  OH  . TYR A 1 56 ? -5.192  -4.013  3.233   1.00 11.15 ? 56   TYR A OH  1 
ATOM   413 N  N   . LEU A 1 57 ? -4.560  -3.888  -3.345  1.00 9.87  ? 57   LEU A N   1 
ATOM   414 C  CA  . LEU A 1 57 ? -3.588  -2.807  -3.270  1.00 10.50 ? 57   LEU A CA  1 
ATOM   415 C  C   . LEU A 1 57 ? -4.163  -1.542  -3.898  1.00 10.45 ? 57   LEU A C   1 
ATOM   416 O  O   . LEU A 1 57 ? -4.026  -0.449  -3.365  1.00 11.77 ? 57   LEU A O   1 
ATOM   417 C  CB  . LEU A 1 57 ? -2.272  -3.225  -3.907  1.00 11.23 ? 57   LEU A CB  1 
ATOM   418 C  CG  . LEU A 1 57 ? -1.555  -4.400  -3.250  1.00 12.27 ? 57   LEU A CG  1 
ATOM   419 C  CD1 . LEU A 1 57 ? -0.274  -4.741  -4.016  1.00 14.91 ? 57   LEU A CD1 1 
ATOM   420 C  CD2 . LEU A 1 57 ? -1.251  -4.102  -1.800  1.00 13.75 ? 57   LEU A CD2 1 
ATOM   421 N  N   . ARG A 1 58 ? -4.813  -1.682  -5.046  1.00 11.09 ? 58   ARG A N   1 
ATOM   422 C  CA  . ARG A 1 58 ? -5.412  -0.560  -5.758  1.00 13.30 ? 58   ARG A CA  1 
ATOM   423 C  C   . ARG A 1 58 ? -6.469  0.090   -4.876  1.00 13.01 ? 58   ARG A C   1 
ATOM   424 O  O   . ARG A 1 58 ? -6.504  1.336   -4.756  1.00 14.15 ? 58   ARG A O   1 
ATOM   425 C  CB  . ARG A 1 58 ? -5.944  -0.989  -7.156  1.00 16.25 ? 58   ARG A CB  1 
ATOM   426 C  CG  . ARG A 1 58 ? -6.621  0.038   -8.012  1.00 16.08 ? 58   ARG A CG  1 
ATOM   427 C  CD  . ARG A 1 58 ? -7.210  -0.690  -9.264  1.00 21.15 ? 58   ARG A CD  1 
ATOM   428 N  NE  . ARG A 1 58 ? -7.923  0.406   -9.940  1.00 21.91 ? 58   ARG A NE  1 
ATOM   429 C  CZ  . ARG A 1 58 ? -7.434  1.320   -10.715 1.00 23.56 ? 58   ARG A CZ  1 
ATOM   430 N  NH1 . ARG A 1 58 ? -6.112  1.269   -10.958 1.00 28.13 ? 58   ARG A NH1 1 
ATOM   431 N  NH2 . ARG A 1 58 ? -8.233  2.263   -11.258 1.00 37.48 ? 58   ARG A NH2 1 
ATOM   432 N  N   . GLU A 1 59 ? -7.335  -0.698  -4.298  1.00 12.30 ? 59   GLU A N   1 
ATOM   433 C  CA  . GLU A 1 59 ? -8.435  -0.233  -3.451  1.00 13.95 ? 59   GLU A CA  1 
ATOM   434 C  C   . GLU A 1 59 ? -7.862  0.487   -2.216  1.00 12.47 ? 59   GLU A C   1 
ATOM   435 O  O   . GLU A 1 59 ? -8.354  1.501   -1.746  1.00 13.11 ? 59   GLU A O   1 
ATOM   436 C  CB  . GLU A 1 59 ? -9.363  -1.318  -2.967  1.00 17.02 ? 59   GLU A CB  1 
ATOM   437 C  CG  . GLU A 1 59 ? -10.468 -1.000  -1.986  1.00 28.53 ? 59   GLU A CG  1 
ATOM   438 C  CD  . GLU A 1 59 ? -11.099 -2.024  -1.081  1.00 35.22 ? 59   GLU A CD  1 
ATOM   439 O  OE1 . GLU A 1 59 ? -10.453 -2.905  -0.431  1.00 31.28 ? 59   GLU A OE1 1 
ATOM   440 O  OE2 . GLU A 1 59 ? -12.357 -1.983  -0.956  1.00 43.99 ? 59   GLU A OE2 1 
ATOM   441 N  N   . SER A 1 60 ? -6.796  -0.057  -1.648  1.00 11.10 ? 60   SER A N   1 
ATOM   442 C  CA  . SER A 1 60 ? -6.171  0.506   -0.478  1.00 10.53 ? 60   SER A CA  1 
ATOM   443 C  C   . SER A 1 60 ? -5.611  1.911   -0.758  1.00 11.10 ? 60   SER A C   1 
ATOM   444 O  O   . SER A 1 60 ? -5.685  2.781   0.139   1.00 13.31 ? 60   SER A O   1 
ATOM   445 C  CB  . SER A 1 60 ? -5.043  -0.402  0.019   1.00 11.40 ? 60   SER A CB  1 
ATOM   446 O  OG  . SER A 1 60 ? -5.526  -1.614  0.523   1.00 13.52 ? 60   SER A OG  1 
ATOM   447 N  N   . ILE A 1 61 ? -5.109  2.123   -1.940  1.00 10.88 ? 61   ILE A N   1 
ATOM   448 C  CA  . ILE A 1 61 ? -4.499  3.395   -2.322  1.00 11.46 ? 61   ILE A CA  1 
ATOM   449 C  C   . ILE A 1 61 ? -5.552  4.392   -2.773  1.00 12.68 ? 61   ILE A C   1 
ATOM   450 O  O   . ILE A 1 61 ? -5.534  5.564   -2.361  1.00 15.09 ? 61   ILE A O   1 
ATOM   451 C  CB  . ILE A 1 61 ? -3.435  3.139   -3.430  1.00 12.99 ? 61   ILE A CB  1 
ATOM   452 C  CG1 . ILE A 1 61 ? -2.289  2.287   -2.893  1.00 13.09 ? 61   ILE A CG1 1 
ATOM   453 C  CG2 . ILE A 1 61 ? -2.928  4.456   -3.992  1.00 14.31 ? 61   ILE A CG2 1 
ATOM   454 C  CD1 . ILE A 1 61 ? -1.371  1.735   -3.964  1.00 14.74 ? 61   ILE A CD1 1 
ATOM   455 N  N   . LEU A 1 62 ? -6.474  3.979   -3.624  1.00 12.99 ? 62   LEU A N   1 
ATOM   456 C  CA  . LEU A 1 62 ? -7.479  4.819   -4.249  1.00 13.55 ? 62   LEU A CA  1 
ATOM   457 C  C   . LEU A 1 62 ? -8.755  4.995   -3.491  1.00 14.30 ? 62   LEU A C   1 
ATOM   458 O  O   . LEU A 1 62 ? -9.454  6.000   -3.715  1.00 19.40 ? 62   LEU A O   1 
ATOM   459 C  CB  . LEU A 1 62 ? -7.883  4.330   -5.642  1.00 14.86 ? 62   LEU A CB  1 
ATOM   460 C  CG  . LEU A 1 62 ? -6.775  4.415   -6.685  1.00 16.19 ? 62   LEU A CG  1 
ATOM   461 C  CD1 . LEU A 1 62 ? -7.228  3.762   -7.966  1.00 17.76 ? 62   LEU A CD1 1 
ATOM   462 C  CD2 . LEU A 1 62 ? -6.413  5.878   -6.953  1.00 18.57 ? 62   LEU A CD2 1 
ATOM   463 N  N   . GLN A 1 63 ? -9.019  4.096   -2.571  1.00 13.56 ? 63   GLN A N   1 
ATOM   464 C  CA  . GLN A 1 63 ? -10.165 4.190   -1.682  1.00 15.83 ? 63   GLN A CA  1 
ATOM   465 C  C   . GLN A 1 63 ? -9.662  4.062   -0.257  1.00 18.30 ? 63   GLN A C   1 
ATOM   466 O  O   . GLN A 1 63 ? -10.133 3.196   0.455   1.00 21.66 ? 63   GLN A O   1 
ATOM   467 C  CB  . GLN A 1 63 ? -11.253 3.154   -2.031  1.00 18.35 ? 63   GLN A CB  1 
ATOM   468 C  CG  . GLN A 1 63 ? -11.775 3.168   -3.462  1.00 27.88 ? 63   GLN A CG  1 
ATOM   469 C  CD  . GLN A 1 63 ? -12.631 1.903   -3.670  1.00 32.61 ? 63   GLN A CD  1 
ATOM   470 O  OE1 . GLN A 1 63 ? -12.268 1.016   -4.432  1.00 29.22 ? 63   GLN A OE1 1 
ATOM   471 N  NE2 . GLN A 1 63 ? -13.731 1.860   -2.949  1.00 47.85 ? 63   GLN A NE2 1 
ATOM   472 N  N   . PRO A 1 64 ? -8.792  5.002   0.178   1.00 21.05 ? 64   PRO A N   1 
ATOM   473 C  CA  . PRO A 1 64 ? -8.227  4.946   1.520   1.00 24.31 ? 64   PRO A CA  1 
ATOM   474 C  C   . PRO A 1 64 ? -9.360  5.012   2.539   1.00 25.00 ? 64   PRO A C   1 
ATOM   475 O  O   . PRO A 1 64 ? -10.331 5.743   2.344   1.00 24.31 ? 64   PRO A O   1 
ATOM   476 C  CB  . PRO A 1 64 ? -7.382  6.216   1.492   1.00 25.90 ? 64   PRO A CB  1 
ATOM   477 C  CG  . PRO A 1 64 ? -8.157  7.183   0.659   1.00 26.62 ? 64   PRO A CG  1 
ATOM   478 C  CD  . PRO A 1 64 ? -8.410  6.249   -0.521  1.00 23.64 ? 64   PRO A CD  1 
ATOM   479 N  N   . GLY A 1 65 ? -9.196  4.223   3.589   1.00 28.07 ? 65   GLY A N   1 
ATOM   480 C  CA  . GLY A 1 65 ? -10.134 4.231   4.684   1.00 34.33 ? 65   GLY A CA  1 
ATOM   481 C  C   . GLY A 1 65 ? -11.284 3.282   4.395   1.00 33.61 ? 65   GLY A C   1 
ATOM   482 O  O   . GLY A 1 65 ? -12.010 3.026   5.346   1.00 40.74 ? 65   GLY A O   1 
ATOM   483 N  N   . ALA A 1 66 ? -11.479 2.762   3.180   1.00 32.85 ? 66   ALA A N   1 
ATOM   484 C  CA  . ALA A 1 66 ? -12.610 1.837   2.967   1.00 34.45 ? 66   ALA A CA  1 
ATOM   485 C  C   . ALA A 1 66 ? -12.495 0.481   3.650   1.00 31.84 ? 66   ALA A C   1 
ATOM   486 O  O   . ALA A 1 66 ? -13.504 0.016   4.197   1.00 41.95 ? 66   ALA A O   1 
ATOM   487 C  CB  . ALA A 1 66 ? -12.827 1.638   1.458   1.00 38.00 ? 66   ALA A CB  1 
ATOM   488 N  N   . LYS A 1 67 ? -11.370 -0.235  3.677   1.00 27.78 ? 67   LYS A N   1 
ATOM   489 C  CA  . LYS A 1 67 ? -11.196 -1.451  4.476   1.00 24.13 ? 67   LYS A CA  1 
ATOM   490 C  C   . LYS A 1 67 ? -9.905  -1.210  5.291   1.00 20.23 ? 67   LYS A C   1 
ATOM   491 O  O   . LYS A 1 67 ? -8.895  -0.826  4.646   1.00 22.20 ? 67   LYS A O   1 
ATOM   492 C  CB  . LYS A 1 67 ? -11.022 -2.762  3.750   1.00 29.99 ? 67   LYS A CB  1 
ATOM   493 C  CG  . LYS A 1 67 ? -12.265 -3.410  3.177   1.00 38.73 ? 67   LYS A CG  1 
ATOM   494 C  CD  . LYS A 1 67 ? -11.969 -4.751  2.523   1.00 45.99 ? 67   LYS A CD  1 
ATOM   495 C  CE  . LYS A 1 67 ? -13.000 -5.158  1.469   1.00 52.72 ? 67   LYS A CE  1 
ATOM   496 N  NZ  . LYS A 1 67 ? -13.034 -6.610  1.156   1.00 59.25 ? 67   LYS A NZ  1 
ATOM   497 N  N   . VAL A 1 68 ? -9.912  -1.370  6.563   1.00 17.24 ? 68   VAL A N   1 
ATOM   498 C  CA  . VAL A 1 68 ? -8.774  -1.017  7.414   1.00 14.93 ? 68   VAL A CA  1 
ATOM   499 C  C   . VAL A 1 68 ? -8.186  -2.238  8.098   1.00 14.40 ? 68   VAL A C   1 
ATOM   500 O  O   . VAL A 1 68 ? -8.910  -2.956  8.795   1.00 16.70 ? 68   VAL A O   1 
ATOM   501 C  CB  . VAL A 1 68 ? -9.215  0.008   8.477   1.00 16.36 ? 68   VAL A CB  1 
ATOM   502 C  CG1 . VAL A 1 68 ? -8.071  0.453   9.381   1.00 17.56 ? 68   VAL A CG1 1 
ATOM   503 C  CG2 . VAL A 1 68 ? -9.872  1.208   7.814   1.00 20.03 ? 68   VAL A CG2 1 
ATOM   504 N  N   . VAL A 1 69 ? -6.881  -2.444  7.957   1.00 12.11 ? 69   VAL A N   1 
ATOM   505 C  CA  . VAL A 1 69 ? -6.197  -3.577  8.605   1.00 13.42 ? 69   VAL A CA  1 
ATOM   506 C  C   . VAL A 1 69 ? -6.370  -3.496  10.111  1.00 14.02 ? 69   VAL A C   1 
ATOM   507 O  O   . VAL A 1 69 ? -6.195  -2.443  10.739  1.00 14.80 ? 69   VAL A O   1 
ATOM   508 C  CB  . VAL A 1 69 ? -4.713  -3.589  8.182   1.00 14.64 ? 69   VAL A CB  1 
ATOM   509 C  CG1 . VAL A 1 69 ? -3.946  -4.688  8.875   1.00 17.65 ? 69   VAL A CG1 1 
ATOM   510 C  CG2 . VAL A 1 69 ? -4.578  -3.691  6.674   1.00 18.01 ? 69   VAL A CG2 1 
ATOM   511 N  N   . GLN A 1 70 ? -6.714  -4.629  10.723  1.00 15.41 ? 70   GLN A N   1 
ATOM   512 C  CA  . GLN A 1 70 ? -6.907  -4.625  12.190  1.00 17.37 ? 70   GLN A CA  1 
ATOM   513 C  C   . GLN A 1 70 ? -5.636  -4.179  12.890  1.00 17.59 ? 70   GLN A C   1 
ATOM   514 O  O   . GLN A 1 70 ? -4.496  -4.522  12.573  1.00 18.09 ? 70   GLN A O   1 
ATOM   515 C  CB  . GLN A 1 70 ? -7.377  -6.011  12.570  1.00 21.61 ? 70   GLN A CB  1 
ATOM   516 C  CG  . GLN A 1 70 ? -6.365  -6.915  13.126  1.00 25.05 ? 70   GLN A CG  1 
ATOM   517 C  CD  . GLN A 1 70 ? -6.837  -8.271  13.613  1.00 20.17 ? 70   GLN A CD  1 
ATOM   518 O  OE1 . GLN A 1 70 ? -7.983  -8.436  14.010  1.00 22.88 ? 70   GLN A OE1 1 
ATOM   519 N  NE2 . GLN A 1 70 ? -5.911  -9.192  13.541  1.00 23.62 ? 70   GLN A NE2 1 
ATOM   520 N  N   . GLY A 1 71 ? -5.857  -3.425  13.956  1.00 16.72 ? 71   GLY A N   1 
ATOM   521 C  CA  . GLY A 1 71 ? -4.812  -2.995  14.853  1.00 16.14 ? 71   GLY A CA  1 
ATOM   522 C  C   . GLY A 1 71 ? -3.974  -1.857  14.329  1.00 15.25 ? 71   GLY A C   1 
ATOM   523 O  O   . GLY A 1 71 ? -2.908  -1.588  14.899  1.00 16.50 ? 71   GLY A O   1 
ATOM   524 N  N   . TYR A 1 72 ? -4.467  -1.154  13.341  1.00 14.16 ? 72   TYR A N   1 
ATOM   525 C  CA  . TYR A 1 72 ? -3.867  0.080   12.825  1.00 12.96 ? 72   TYR A CA  1 
ATOM   526 C  C   . TYR A 1 72 ? -4.843  1.220   12.890  1.00 13.49 ? 72   TYR A C   1 
ATOM   527 O  O   . TYR A 1 72 ? -6.054  1.048   12.723  1.00 16.60 ? 72   TYR A O   1 
ATOM   528 C  CB  . TYR A 1 72 ? -3.392  -0.131  11.377  1.00 12.28 ? 72   TYR A CB  1 
ATOM   529 C  CG  . TYR A 1 72 ? -2.149  -0.960  11.280  1.00 12.66 ? 72   TYR A CG  1 
ATOM   530 C  CD1 . TYR A 1 72 ? -0.924  -0.346  11.453  1.00 12.86 ? 72   TYR A CD1 1 
ATOM   531 C  CD2 . TYR A 1 72 ? -2.188  -2.328  11.048  1.00 14.88 ? 72   TYR A CD2 1 
ATOM   532 C  CE1 . TYR A 1 72 ? 0.212   -1.089  11.368  1.00 14.33 ? 72   TYR A CE1 1 
ATOM   533 C  CE2 . TYR A 1 72 ? -1.025  -3.076  10.982  1.00 15.43 ? 72   TYR A CE2 1 
ATOM   534 C  CZ  . TYR A 1 72 ? 0.198   -2.429  11.145  1.00 15.73 ? 72   TYR A CZ  1 
ATOM   535 O  OH  . TYR A 1 72 ? 1.406   -3.068  11.099  1.00 18.42 ? 72   TYR A OH  1 
ATOM   536 N  N   . PRO A 1 73 ? -4.342  2.454   13.023  1.00 12.35 ? 73   PRO A N   1 
ATOM   537 C  CA  . PRO A 1 73 ? -5.217  3.622   12.947  1.00 13.31 ? 73   PRO A CA  1 
ATOM   538 C  C   . PRO A 1 73 ? -5.642  3.904   11.512  1.00 11.76 ? 73   PRO A C   1 
ATOM   539 O  O   . PRO A 1 73 ? -4.915  3.621   10.568  1.00 12.44 ? 73   PRO A O   1 
ATOM   540 C  CB  . PRO A 1 73 ? -4.307  4.753   13.473  1.00 14.16 ? 73   PRO A CB  1 
ATOM   541 C  CG  . PRO A 1 73 ? -2.921  4.321   13.049  1.00 14.65 ? 73   PRO A CG  1 
ATOM   542 C  CD  . PRO A 1 73 ? -2.936  2.800   13.202  1.00 13.19 ? 73   PRO A CD  1 
ATOM   543 N  N   . ASN A 1 74 ? -6.819  4.504   11.358  1.00 12.87 ? 74   ASN A N   1 
ATOM   544 C  CA  . ASN A 1 74 ? -7.386  4.795   10.053  1.00 11.08 ? 74   ASN A CA  1 
ATOM   545 C  C   . ASN A 1 74 ? -6.949  6.158   9.557   1.00 11.26 ? 74   ASN A C   1 
ATOM   546 O  O   . ASN A 1 74 ? -7.661  7.119   9.644   1.00 14.11 ? 74   ASN A O   1 
ATOM   547 C  CB  . ASN A 1 74 ? -8.904  4.612   10.137  1.00 12.96 ? 74   ASN A CB  1 
ATOM   548 C  CG  . ASN A 1 74 ? -9.600  4.696   8.776   1.00 12.83 ? 74   ASN A CG  1 
ATOM   549 O  OD1 . ASN A 1 74 ? -8.927  4.864   7.771   1.00 14.35 ? 74   ASN A OD1 1 
ATOM   550 N  ND2 . ASN A 1 74 ? -10.901 4.630   8.759   1.00 16.31 ? 74   ASN A ND2 1 
ATOM   551 N  N   . VAL A 1 75 ? -5.696  6.224   9.098   1.00 9.87  ? 75   VAL A N   1 
ATOM   552 C  CA  . VAL A 1 75 ? -5.062  7.489   8.763   1.00 9.80  ? 75   VAL A CA  1 
ATOM   553 C  C   . VAL A 1 75 ? -4.497  7.517   7.353   1.00 9.49  ? 75   VAL A C   1 
ATOM   554 O  O   . VAL A 1 75 ? -3.804  8.466   7.027   1.00 11.53 ? 75   VAL A O   1 
ATOM   555 C  CB  . VAL A 1 75 ? -3.975  7.878   9.796   1.00 10.93 ? 75   VAL A CB  1 
ATOM   556 C  CG1 . VAL A 1 75 ? -4.605  8.146   11.147  1.00 12.87 ? 75   VAL A CG1 1 
ATOM   557 C  CG2 . VAL A 1 75 ? -2.850  6.863   9.877   1.00 11.44 ? 75   VAL A CG2 1 
ATOM   558 N  N   . MET A 1 76 ? -4.841  6.594   6.457   1.00 9.95  ? 76   MET A N   1 
ATOM   559 C  CA  . MET A 1 76 ? -4.377  6.678   5.064   1.00 10.17 ? 76   MET A CA  1 
ATOM   560 C  C   . MET A 1 76 ? -4.816  8.010   4.462   1.00 9.17  ? 76   MET A C   1 
ATOM   561 O  O   . MET A 1 76 ? -6.011  8.336   4.497   1.00 9.85  ? 76   MET A O   1 
ATOM   562 C  CB  . MET A 1 76 ? -4.928  5.506   4.229   1.00 12.33 ? 76   MET A CB  1 
ATOM   563 C  CG  . MET A 1 76 ? -4.037  4.292   4.092   1.00 12.96 ? 76   MET A CG  1 
ATOM   564 S  SD  . MET A 1 76 ? -2.667  4.579   2.982   1.00 10.55 ? 76   MET A SD  1 
ATOM   565 C  CE  . MET A 1 76 ? -3.206  4.207   1.404   1.00 13.63 ? 76   MET A CE  1 
ATOM   566 N  N   . PRO A 1 77 ? -3.919  8.767   3.833   1.00 9.36  ? 77   PRO A N   1 
ATOM   567 C  CA  . PRO A 1 77 ? -4.266  10.050  3.217   1.00 9.00  ? 77   PRO A CA  1 
ATOM   568 C  C   . PRO A 1 77 ? -5.316  10.014  2.150   1.00 9.51  ? 77   PRO A C   1 
ATOM   569 O  O   . PRO A 1 77 ? -5.359  9.147   1.313   1.00 11.28 ? 77   PRO A O   1 
ATOM   570 C  CB  . PRO A 1 77 ? -2.929  10.522  2.600   1.00 9.70  ? 77   PRO A CB  1 
ATOM   571 C  CG  . PRO A 1 77 ? -1.916  9.941   3.537   1.00 10.61 ? 77   PRO A CG  1 
ATOM   572 C  CD  . PRO A 1 77 ? -2.460  8.599   3.921   1.00 10.45 ? 77   PRO A CD  1 
ATOM   573 N  N   . ALA A 1 78 ? -6.135  11.077  2.158   1.00 10.16 ? 78   ALA A N   1 
ATOM   574 C  CA  . ALA A 1 78 ? -7.120  11.340  1.138   1.00 11.24 ? 78   ALA A CA  1 
ATOM   575 C  C   . ALA A 1 78 ? -6.523  11.632  -0.235  1.00 11.46 ? 78   ALA A C   1 
ATOM   576 O  O   . ALA A 1 78 ? -7.124  11.354  -1.257  1.00 13.09 ? 78   ALA A O   1 
ATOM   577 C  CB  . ALA A 1 78 ? -7.919  12.567  1.542   1.00 13.82 ? 78   ALA A CB  1 
ATOM   578 N  N   . SER A 1 79 ? -5.334  12.218  -0.238  1.00 10.77 ? 79   SER A N   1 
ATOM   579 C  CA  . SER A 1 79 ? -4.807  12.737  -1.477  1.00 11.72 ? 79   SER A CA  1 
ATOM   580 C  C   . SER A 1 79 ? -4.520  11.667  -2.532  1.00 12.43 ? 79   SER A C   1 
ATOM   581 O  O   . SER A 1 79 ? -4.494  11.989  -3.716  1.00 15.94 ? 79   SER A O   1 
ATOM   582 C  CB  . SER A 1 79 ? -3.569  13.601  -1.208  1.00 13.86 ? 79   SER A CB  1 
ATOM   583 O  OG  . SER A 1 79 ? -2.546  12.827  -0.633  1.00 14.13 ? 79   SER A OG  1 
ATOM   584 N  N   . TYR A 1 80 ? -4.327  10.437  -2.123  1.00 11.89 ? 80   TYR A N   1 
ATOM   585 C  CA  . TYR A 1 80 ? -3.975  9.405   -3.083  1.00 13.26 ? 80   TYR A CA  1 
ATOM   586 C  C   . TYR A 1 80 ? -5.143  9.019   -3.992  1.00 14.73 ? 80   TYR A C   1 
ATOM   587 O  O   . TYR A 1 80 ? -4.911  8.350   -5.010  1.00 14.82 ? 80   TYR A O   1 
ATOM   588 C  CB  . TYR A 1 80 ? -3.423  8.172   -2.367  1.00 14.32 ? 80   TYR A CB  1 
ATOM   589 C  CG  . TYR A 1 80 ? -2.244  8.524   -1.497  1.00 12.58 ? 80   TYR A CG  1 
ATOM   590 C  CD1 . TYR A 1 80 ? -1.276  9.443   -1.845  1.00 12.60 ? 80   TYR A CD1 1 
ATOM   591 C  CD2 . TYR A 1 80 ? -2.114  7.947   -0.249  1.00 11.83 ? 80   TYR A CD2 1 
ATOM   592 C  CE1 . TYR A 1 80 ? -0.237  9.749   -1.017  1.00 11.59 ? 80   TYR A CE1 1 
ATOM   593 C  CE2 . TYR A 1 80 ? -1.078  8.230   0.578   1.00 11.53 ? 80   TYR A CE2 1 
ATOM   594 C  CZ  . TYR A 1 80 ? -0.108  9.139   0.215   1.00 10.26 ? 80   TYR A CZ  1 
ATOM   595 O  OH  . TYR A 1 80 ? 0.927   9.396   1.068   1.00 12.34 ? 80   TYR A OH  1 
ATOM   596 N  N   . ALA A 1 81 ? -6.376  9.386   -3.644  1.00 15.89 ? 81   ALA A N   1 
ATOM   597 C  CA  . ALA A 1 81 ? -7.506  9.102   -4.502  1.00 17.96 ? 81   ALA A CA  1 
ATOM   598 C  C   . ALA A 1 81 ? -7.335  9.755   -5.864  1.00 19.68 ? 81   ALA A C   1 
ATOM   599 O  O   . ALA A 1 81 ? -8.017  9.278   -6.784  1.00 22.93 ? 81   ALA A O   1 
ATOM   600 C  CB  . ALA A 1 81 ? -8.796  9.616   -3.898  1.00 20.47 ? 81   ALA A CB  1 
ATOM   601 N  N   . SER A 1 82 ? -6.501  10.766  -5.978  1.00 20.89 ? 82   SER A N   1 
ATOM   602 C  CA  . SER A 1 82 ? -6.160  11.512  -7.170  1.00 26.43 ? 82   SER A CA  1 
ATOM   603 C  C   . SER A 1 82 ? -4.994  10.963  -7.962  1.00 23.96 ? 82   SER A C   1 
ATOM   604 O  O   . SER A 1 82 ? -4.712  11.443  -9.073  1.00 32.87 ? 82   SER A O   1 
ATOM   605 C  CB  . SER A 1 82 ? -5.896  12.970  -6.723  1.00 32.21 ? 82   SER A CB  1 
ATOM   606 O  OG  . SER A 1 82 ? -4.528  13.134  -6.415  1.00 52.12 ? 82   SER A OG  1 
ATOM   607 N  N   . LEU A 1 83 ? -4.327  9.888   -7.528  1.00 21.25 ? 83   LEU A N   1 
ATOM   608 C  CA  . LEU A 1 83 ? -3.224  9.349   -8.312  1.00 20.46 ? 83   LEU A CA  1 
ATOM   609 C  C   . LEU A 1 83 ? -3.695  8.836   -9.671  1.00 21.65 ? 83   LEU A C   1 
ATOM   610 O  O   . LEU A 1 83 ? -4.767  8.240   -9.811  1.00 20.96 ? 83   LEU A O   1 
ATOM   611 C  CB  . LEU A 1 83 ? -2.532  8.209   -7.551  1.00 17.42 ? 83   LEU A CB  1 
ATOM   612 C  CG  . LEU A 1 83 ? -1.778  8.613   -6.287  1.00 17.66 ? 83   LEU A CG  1 
ATOM   613 C  CD1 . LEU A 1 83 ? -1.448  7.390   -5.474  1.00 19.04 ? 83   LEU A CD1 1 
ATOM   614 C  CD2 . LEU A 1 83 ? -0.534  9.424   -6.627  1.00 23.55 ? 83   LEU A CD2 1 
ATOM   615 N  N   . SER A 1 84 ? -2.842  9.039   -10.665 1.00 22.29 ? 84   SER A N   1 
ATOM   616 C  CA  . SER A 1 84 ? -3.120  8.589   -12.024 1.00 21.70 ? 84   SER A CA  1 
ATOM   617 C  C   . SER A 1 84 ? -2.977  7.068   -12.167 1.00 20.48 ? 84   SER A C   1 
ATOM   618 O  O   . SER A 1 84 ? -2.389  6.412   -11.314 1.00 19.36 ? 84   SER A O   1 
ATOM   619 C  CB  . SER A 1 84 ? -2.160  9.214   -13.026 1.00 25.87 ? 84   SER A CB  1 
ATOM   620 O  OG  . SER A 1 84 ? -0.885  8.595   -12.870 1.00 25.07 ? 84   SER A OG  1 
ATOM   621 N  N   . GLU A 1 85 ? -3.522  6.506   -13.257 1.00 22.15 ? 85   GLU A N   1 
ATOM   622 C  CA  . GLU A 1 85 ? -3.433  5.076   -13.480 1.00 21.17 ? 85   GLU A CA  1 
ATOM   623 C  C   . GLU A 1 85 ? -1.970  4.610   -13.544 1.00 20.03 ? 85   GLU A C   1 
ATOM   624 O  O   . GLU A 1 85 ? -1.647  3.548   -13.009 1.00 18.27 ? 85   GLU A O   1 
ATOM   625 C  CB  . GLU A 1 85 ? -4.219  4.685   -14.742 1.00 25.66 ? 85   GLU A CB  1 
ATOM   626 C  CG  . GLU A 1 85 ? -5.730  4.688   -14.440 1.00 32.22 ? 85   GLU A CG  1 
ATOM   627 C  CD  . GLU A 1 85 ? -6.239  3.627   -13.483 1.00 37.94 ? 85   GLU A CD  1 
ATOM   628 O  OE1 . GLU A 1 85 ? -6.706  3.897   -12.353 1.00 42.54 ? 85   GLU A OE1 1 
ATOM   629 O  OE2 . GLU A 1 85 ? -6.221  2.422   -13.857 1.00 53.58 ? 85   GLU A OE2 1 
ATOM   630 N  N   . ARG A 1 86 ? -1.099  5.383   -14.168 1.00 20.11 ? 86   ARG A N   1 
ATOM   631 C  CA  . ARG A 1 86 ? 0.329   4.992   -14.275 1.00 20.29 ? 86   ARG A CA  1 
ATOM   632 C  C   . ARG A 1 86 ? 0.951   4.987   -12.893 1.00 17.91 ? 86   ARG A C   1 
ATOM   633 O  O   . ARG A 1 86 ? 1.700   4.096   -12.555 1.00 17.29 ? 86   ARG A O   1 
ATOM   634 C  CB  . ARG A 1 86 ? 1.082   5.933   -15.229 1.00 25.88 ? 86   ARG A CB  1 
ATOM   635 C  CG  . ARG A 1 86 ? 2.582   5.910   -15.307 1.00 24.17 ? 86   ARG A CG  1 
ATOM   636 C  CD  . ARG A 1 86 ? 3.130   6.822   -16.418 1.00 28.81 ? 86   ARG A CD  1 
ATOM   637 N  NE  . ARG A 1 86 ? 4.584   6.733   -16.484 1.00 34.33 ? 86   ARG A NE  1 
ATOM   638 C  CZ  . ARG A 1 86 ? 5.869   6.850   -16.501 1.00 39.62 ? 86   ARG A CZ  1 
ATOM   639 N  NH1 . ARG A 1 86 ? 6.477   8.059   -16.379 1.00 51.06 ? 86   ARG A NH1 1 
ATOM   640 N  NH2 . ARG A 1 86 ? 6.750   5.828   -16.647 1.00 40.44 ? 86   ARG A NH2 1 
ATOM   641 N  N   . GLU A 1 87 ? 0.652   6.012   -12.089 1.00 17.66 ? 87   GLU A N   1 
ATOM   642 C  CA  . GLU A 1 87 ? 1.245   6.109   -10.752 1.00 15.57 ? 87   GLU A CA  1 
ATOM   643 C  C   . GLU A 1 87 ? 0.775   4.966   -9.883  1.00 14.79 ? 87   GLU A C   1 
ATOM   644 O  O   . GLU A 1 87 ? 1.573   4.421   -9.140  1.00 13.19 ? 87   GLU A O   1 
ATOM   645 C  CB  . GLU A 1 87 ? 0.844   7.447   -10.126 1.00 18.10 ? 87   GLU A CB  1 
ATOM   646 C  CG  . GLU A 1 87 ? 1.579   8.624   -10.783 1.00 21.88 ? 87   GLU A CG  1 
ATOM   647 C  CD  . GLU A 1 87 ? 1.089   9.979   -10.291 1.00 27.41 ? 87   GLU A CD  1 
ATOM   648 O  OE1 . GLU A 1 87 ? -0.134  10.106  -10.019 1.00 28.24 ? 87   GLU A OE1 1 
ATOM   649 O  OE2 . GLU A 1 87 ? 1.883   10.946  -10.185 1.00 39.30 ? 87   GLU A OE2 1 
ATOM   650 N  N   . VAL A 1 88 ? -0.508  4.602   -9.935  1.00 14.42 ? 88   VAL A N   1 
ATOM   651 C  CA  . VAL A 1 88 ? -0.981  3.474   -9.119  1.00 13.62 ? 88   VAL A CA  1 
ATOM   652 C  C   . VAL A 1 88 ? -0.279  2.198   -9.568  1.00 12.88 ? 88   VAL A C   1 
ATOM   653 O  O   . VAL A 1 88 ? 0.161   1.394   -8.744  1.00 12.90 ? 88   VAL A O   1 
ATOM   654 C  CB  . VAL A 1 88 ? -2.516  3.330   -9.188  1.00 14.50 ? 88   VAL A CB  1 
ATOM   655 C  CG1 . VAL A 1 88 ? -2.990  2.067   -8.499  1.00 16.83 ? 88   VAL A CG1 1 
ATOM   656 C  CG2 . VAL A 1 88 ? -3.146  4.578   -8.557  1.00 17.00 ? 88   VAL A CG2 1 
ATOM   657 N  N   . ALA A 1 89 ? -0.222  1.985   -10.883 1.00 14.19 ? 89   ALA A N   1 
ATOM   658 C  CA  . ALA A 1 89 ? 0.410   0.790   -11.395 1.00 14.87 ? 89   ALA A CA  1 
ATOM   659 C  C   . ALA A 1 89 ? 1.874   0.708   -10.938 1.00 12.99 ? 89   ALA A C   1 
ATOM   660 O  O   . ALA A 1 89 ? 2.377   -0.382  -10.592 1.00 14.80 ? 89   ALA A O   1 
ATOM   661 C  CB  . ALA A 1 89 ? 0.337   0.733   -12.908 1.00 15.10 ? 89   ALA A CB  1 
ATOM   662 N  N   . ALA A 1 90 ? 2.564   1.835   -10.953 1.00 13.87 ? 90   ALA A N   1 
ATOM   663 C  CA  . ALA A 1 90 ? 3.964   1.904   -10.552 1.00 13.63 ? 90   ALA A CA  1 
ATOM   664 C  C   . ALA A 1 90 ? 4.148   1.598   -9.083  1.00 12.51 ? 90   ALA A C   1 
ATOM   665 O  O   . ALA A 1 90 ? 5.001   0.807   -8.710  1.00 13.05 ? 90   ALA A O   1 
ATOM   666 C  CB  . ALA A 1 90 ? 4.529   3.300   -10.859 1.00 15.19 ? 90   ALA A CB  1 
ATOM   667 N  N   . LEU A 1 91 ? 3.325   2.192   -8.244  1.00 11.92 ? 91   LEU A N   1 
ATOM   668 C  CA  . LEU A 1 91 ? 3.395   1.904   -6.816  1.00 11.54 ? 91   LEU A CA  1 
ATOM   669 C  C   . LEU A 1 91 ? 3.167   0.431   -6.563  1.00 11.58 ? 91   LEU A C   1 
ATOM   670 O  O   . LEU A 1 91 ? 3.807   -0.181  -5.732  1.00 12.62 ? 91   LEU A O   1 
ATOM   671 C  CB  . LEU A 1 91 ? 2.387   2.747   -6.025  1.00 10.20 ? 91   LEU A CB  1 
ATOM   672 C  CG  . LEU A 1 91 ? 2.806   4.208   -5.825  1.00 11.47 ? 91   LEU A CG  1 
ATOM   673 C  CD1 . LEU A 1 91 ? 1.606   5.059   -5.503  1.00 14.16 ? 91   LEU A CD1 1 
ATOM   674 C  CD2 . LEU A 1 91 ? 3.865   4.384   -4.763  1.00 13.86 ? 91   LEU A CD2 1 
ATOM   675 N  N   . ILE A 1 92 ? 2.185   -0.157  -7.245  1.00 11.67 ? 92   ILE A N   1 
ATOM   676 C  CA  . ILE A 1 92 ? 1.912   -1.588  -7.045  1.00 13.20 ? 92   ILE A CA  1 
ATOM   677 C  C   . ILE A 1 92 ? 3.071   -2.452  -7.512  1.00 13.67 ? 92   ILE A C   1 
ATOM   678 O  O   . ILE A 1 92 ? 3.397   -3.429  -6.833  1.00 14.31 ? 92   ILE A O   1 
ATOM   679 C  CB  . ILE A 1 92 ? 0.540   -1.922  -7.644  1.00 15.07 ? 92   ILE A CB  1 
ATOM   680 C  CG1 . ILE A 1 92 ? -0.516  -1.238  -6.775  1.00 17.17 ? 92   ILE A CG1 1 
ATOM   681 C  CG2 . ILE A 1 92 ? 0.341   -3.431  -7.709  1.00 22.36 ? 92   ILE A CG2 1 
ATOM   682 C  CD1 . ILE A 1 92 ? -1.942  -1.381  -7.249  1.00 20.87 ? 92   ILE A CD1 1 
ATOM   683 N  N   . GLU A 1 93 ? 3.681   -2.104  -8.650  1.00 14.09 ? 93   GLU A N   1 
ATOM   684 C  CA  . GLU A 1 93 ? 4.842   -2.872  -9.096  1.00 15.85 ? 93   GLU A CA  1 
ATOM   685 C  C   . GLU A 1 93 ? 5.961   -2.833  -8.051  1.00 15.04 ? 93   GLU A C   1 
ATOM   686 O  O   . GLU A 1 93 ? 6.601   -3.841  -7.733  1.00 18.52 ? 93   GLU A O   1 
ATOM   687 C  CB  . GLU A 1 93 ? 5.297   -2.393  -10.458 1.00 18.12 ? 93   GLU A CB  1 
ATOM   688 C  CG  . GLU A 1 93 ? 4.399   -2.926  -11.556 1.00 26.62 ? 93   GLU A CG  1 
ATOM   689 C  CD  . GLU A 1 93 ? 3.960   -4.375  -11.507 1.00 35.15 ? 93   GLU A CD  1 
ATOM   690 O  OE1 . GLU A 1 93 ? 2.747   -4.627  -11.322 1.00 45.75 ? 93   GLU A OE1 1 
ATOM   691 O  OE2 . GLU A 1 93 ? 4.831   -5.255  -11.604 1.00 46.12 ? 93   GLU A OE2 1 
ATOM   692 N  N   . PHE A 1 94 ? 6.179   -1.646  -7.492  1.00 14.76 ? 94   PHE A N   1 
ATOM   693 C  CA  . PHE A 1 94 ? 7.191   -1.513  -6.441  1.00 14.82 ? 94   PHE A CA  1 
ATOM   694 C  C   . PHE A 1 94 ? 6.815   -2.345  -5.219  1.00 13.90 ? 94   PHE A C   1 
ATOM   695 O  O   . PHE A 1 94 ? 7.639   -3.085  -4.670  1.00 16.06 ? 94   PHE A O   1 
ATOM   696 C  CB  . PHE A 1 94 ? 7.328   -0.048  -6.055  1.00 14.50 ? 94   PHE A CB  1 
ATOM   697 C  CG  . PHE A 1 94 ? 8.228   0.207   -4.868  1.00 16.32 ? 94   PHE A CG  1 
ATOM   698 C  CD1 . PHE A 1 94 ? 9.616   0.185   -5.042  1.00 20.35 ? 94   PHE A CD1 1 
ATOM   699 C  CD2 . PHE A 1 94 ? 7.758   0.431   -3.605  1.00 16.47 ? 94   PHE A CD2 1 
ATOM   700 C  CE1 . PHE A 1 94 ? 10.468  0.410   -3.964  1.00 20.82 ? 94   PHE A CE1 1 
ATOM   701 C  CE2 . PHE A 1 94 ? 8.596   0.666   -2.530  1.00 17.64 ? 94   PHE A CE2 1 
ATOM   702 C  CZ  . PHE A 1 94 ? 9.967   0.655   -2.693  1.00 19.21 ? 94   PHE A CZ  1 
ATOM   703 N  N   . ILE A 1 95 ? 5.555   -2.281  -4.792  1.00 13.41 ? 95   ILE A N   1 
ATOM   704 C  CA  . ILE A 1 95 ? 5.129   -3.096  -3.627  1.00 13.35 ? 95   ILE A CA  1 
ATOM   705 C  C   . ILE A 1 95 ? 5.304   -4.576  -3.898  1.00 14.92 ? 95   ILE A C   1 
ATOM   706 O  O   . ILE A 1 95 ? 5.782   -5.273  -2.990  1.00 17.13 ? 95   ILE A O   1 
ATOM   707 C  CB  . ILE A 1 95 ? 3.676   -2.796  -3.195  1.00 12.24 ? 95   ILE A CB  1 
ATOM   708 C  CG1 . ILE A 1 95 ? 3.563   -1.378  -2.688  1.00 13.91 ? 95   ILE A CG1 1 
ATOM   709 C  CG2 . ILE A 1 95 ? 3.155   -3.822  -2.205  1.00 14.73 ? 95   ILE A CG2 1 
ATOM   710 C  CD1 . ILE A 1 95 ? 2.125   -0.959  -2.492  1.00 14.82 ? 95   ILE A CD1 1 
ATOM   711 N  N   . LYS A 1 96 ? 4.917   -5.049  -5.070  1.00 16.27 ? 96   LYS A N   1 
ATOM   712 C  CA  . LYS A 1 96 ? 4.936   -6.493  -5.323  1.00 18.22 ? 96   LYS A CA  1 
ATOM   713 C  C   . LYS A 1 96 ? 6.311   -7.077  -5.184  1.00 22.25 ? 96   LYS A C   1 
ATOM   714 O  O   . LYS A 1 96 ? 6.431   -8.265  -4.877  1.00 25.02 ? 96   LYS A O   1 
ATOM   715 C  CB  . LYS A 1 96 ? 4.443   -6.821  -6.737  1.00 19.18 ? 96   LYS A CB  1 
ATOM   716 C  CG  . LYS A 1 96 ? 2.961   -6.690  -6.933  1.00 20.68 ? 96   LYS A CG  1 
ATOM   717 C  CD  . LYS A 1 96 ? 2.405   -7.078  -8.275  1.00 28.29 ? 96   LYS A CD  1 
ATOM   718 C  CE  . LYS A 1 96 ? 3.328   -7.677  -9.289  1.00 35.66 ? 96   LYS A CE  1 
ATOM   719 N  NZ  . LYS A 1 96 ? 2.457   -7.760  -10.548 1.00 45.05 ? 96   LYS A NZ  1 
ATOM   720 N  N   . GLN A 1 97 ? 7.325   -6.265  -5.469  1.00 22.32 ? 97   GLN A N   1 
ATOM   721 C  CA  . GLN A 1 97 ? 8.674   -6.803  -5.355  1.00 29.73 ? 97   GLN A CA  1 
ATOM   722 C  C   . GLN A 1 97 ? 9.291   -6.669  -3.967  1.00 24.97 ? 97   GLN A C   1 
ATOM   723 O  O   . GLN A 1 97 ? 10.442  -7.069  -3.736  1.00 31.41 ? 97   GLN A O   1 
ATOM   724 C  CB  . GLN A 1 97 ? 9.547   -6.107  -6.375  1.00 36.30 ? 97   GLN A CB  1 
ATOM   725 C  CG  . GLN A 1 97 ? 9.150   -4.848  -7.057  1.00 49.45 ? 97   GLN A CG  1 
ATOM   726 C  CD  . GLN A 1 97 ? 10.228  -4.454  -8.065  1.00 48.02 ? 97   GLN A CD  1 
ATOM   727 O  OE1 . GLN A 1 97 ? 10.985  -3.503  -7.873  1.00 57.61 ? 97   GLN A OE1 1 
ATOM   728 N  NE2 . GLN A 1 97 ? 10.267  -5.211  -9.151  1.00 51.34 ? 97   GLN A NE2 1 
ATOM   729 N  N   . GLN A 1 98 ? 8.577   -6.136  -2.981  1.00 21.91 ? 98   GLN A N   1 
ATOM   730 C  CA  . GLN A 1 98 ? 9.100   -6.121  -1.608  1.00 21.59 ? 98   GLN A CA  1 
ATOM   731 C  C   . GLN A 1 98 ? 8.754   -7.430  -0.936  1.00 22.34 ? 98   GLN A C   1 
ATOM   732 O  O   . GLN A 1 98 ? 7.612   -7.639  -0.501  1.00 21.99 ? 98   GLN A O   1 
ATOM   733 C  CB  . GLN A 1 98 ? 8.552   -4.939  -0.804  1.00 19.73 ? 98   GLN A CB  1 
ATOM   734 C  CG  . GLN A 1 98 ? 8.634   -3.633  -1.583  1.00 20.64 ? 98   GLN A CG  1 
ATOM   735 C  CD  . GLN A 1 98 ? 10.050  -3.327  -2.016  1.00 20.21 ? 98   GLN A CD  1 
ATOM   736 O  OE1 . GLN A 1 98 ? 11.019  -3.467  -1.241  1.00 24.46 ? 98   GLN A OE1 1 
ATOM   737 N  NE2 . GLN A 1 98 ? 10.133  -2.915  -3.267  1.00 22.52 ? 98   GLN A NE2 1 
ATOM   738 N  N   . GLN A 1 99 ? 9.677   -8.396  -0.919  1.00 27.63 ? 99   GLN A N   1 
ATOM   739 C  CA  . GLN A 1 99 ? 9.256   -9.754  -0.522  1.00 25.83 ? 99   GLN A CA  1 
ATOM   740 C  C   . GLN A 1 99 ? 10.173  -10.402 0.522   1.00 29.32 ? 99   GLN A C   1 
ATOM   741 O  O   . GLN A 1 99 ? 11.192  -9.710  0.835   1.00 34.87 ? 99   GLN A O   1 
ATOM   742 C  CB  . GLN A 1 99 ? 9.165   -10.643 -1.779  1.00 28.95 ? 99   GLN A CB  1 
ATOM   743 C  CG  . GLN A 1 99 ? 8.018   -10.403 -2.720  1.00 28.75 ? 99   GLN A CG  1 
ATOM   744 C  CD  . GLN A 1 99 ? 6.645   -10.583 -2.105  1.00 31.10 ? 99   GLN A CD  1 
ATOM   745 O  OE1 . GLN A 1 99 ? 5.579   -10.199 -2.587  1.00 32.13 ? 99   GLN A OE1 1 
ATOM   746 N  NE2 . GLN A 1 99 ? 6.561   -11.153 -0.916  1.00 28.36 ? 99   GLN A NE2 1 
HETATM 747 FE FE  . HEC B 2 .  ? -0.780  3.444   3.556   1.00 7.18  ? 1100 HEC A FE  1 
HETATM 748 C  CHA . HEC B 2 .  ? -2.493  0.719   4.699   1.00 8.36  ? 1100 HEC A CHA 1 
HETATM 749 C  CHB . HEC B 2 .  ? -0.406  1.928   0.526   1.00 7.75  ? 1100 HEC A CHB 1 
HETATM 750 C  CHC . HEC B 2 .  ? 0.837   6.195   2.408   1.00 7.91  ? 1100 HEC A CHC 1 
HETATM 751 C  CHD . HEC B 2 .  ? -0.837  4.786   6.700   1.00 7.88  ? 1100 HEC A CHD 1 
HETATM 752 N  NA  . HEC B 2 .  ? -1.364  1.674   2.769   1.00 7.68  ? 1100 HEC A NA  1 
HETATM 753 C  C1A . HEC B 2 .  ? -2.096  0.689   3.405   1.00 7.71  ? 1100 HEC A C1A 1 
HETATM 754 C  C2A . HEC B 2 .  ? -2.143  -0.447  2.520   1.00 8.00  ? 1100 HEC A C2A 1 
HETATM 755 C  C3A . HEC B 2 .  ? -1.610  -0.092  1.342   1.00 8.17  ? 1100 HEC A C3A 1 
HETATM 756 C  C4A . HEC B 2 .  ? -1.093  1.261   1.477   1.00 7.15  ? 1100 HEC A C4A 1 
HETATM 757 C  CMA . HEC B 2 .  ? -1.391  -0.949  0.095   1.00 9.86  ? 1100 HEC A CMA 1 
HETATM 758 C  CAA . HEC B 2 .  ? -2.654  -1.825  2.959   1.00 9.74  ? 1100 HEC A CAA 1 
HETATM 759 C  CBA . HEC B 2 .  ? -1.486  -2.477  3.695   1.00 10.88 ? 1100 HEC A CBA 1 
HETATM 760 C  CGA . HEC B 2 .  ? -1.722  -3.905  4.294   1.00 11.50 ? 1100 HEC A CGA 1 
HETATM 761 O  O1A . HEC B 2 .  ? -0.847  -4.246  5.053   1.00 13.30 ? 1100 HEC A O1A 1 
HETATM 762 O  O2A . HEC B 2 .  ? -2.788  -4.507  3.997   1.00 11.68 ? 1100 HEC A O2A 1 
HETATM 763 N  NB  . HEC B 2 .  ? 0.066   3.955   1.798   1.00 7.73  ? 1100 HEC A NB  1 
HETATM 764 C  C1B . HEC B 2 .  ? 0.138   3.185   0.728   1.00 7.88  ? 1100 HEC A C1B 1 
HETATM 765 C  C2B . HEC B 2 .  ? 0.869   3.875   -0.360  1.00 7.87  ? 1100 HEC A C2B 1 
HETATM 766 C  C3B . HEC B 2 .  ? 1.153   5.112   0.162   1.00 7.79  ? 1100 HEC A C3B 1 
HETATM 767 C  C4B . HEC B 2 .  ? 0.696   5.162   1.513   1.00 7.70  ? 1100 HEC A C4B 1 
HETATM 768 C  CMB . HEC B 2 .  ? 1.215   3.298   -1.671  1.00 9.64  ? 1100 HEC A CMB 1 
HETATM 769 C  CAB . HEC B 2 .  ? 1.853   6.270   -0.509  1.00 9.71  ? 1100 HEC A CAB 1 
HETATM 770 C  CBB . HEC B 2 .  ? 1.123   6.639   -1.823  1.00 10.75 ? 1100 HEC A CBB 1 
HETATM 771 N  NC  . HEC B 2 .  ? -0.170  5.163   4.351   1.00 8.06  ? 1100 HEC A NC  1 
HETATM 772 C  C1C . HEC B 2 .  ? 0.513   6.178   3.683   1.00 7.27  ? 1100 HEC A C1C 1 
HETATM 773 C  C2C . HEC B 2 .  ? 0.809   7.237   4.681   1.00 7.98  ? 1100 HEC A C2C 1 
HETATM 774 C  C3C . HEC B 2 .  ? 0.337   6.838   5.857   1.00 8.40  ? 1100 HEC A C3C 1 
HETATM 775 C  C4C . HEC B 2 .  ? -0.292  5.561   5.680   1.00 7.91  ? 1100 HEC A C4C 1 
HETATM 776 C  CMC . HEC B 2 .  ? 1.572   8.508   4.307   1.00 8.80  ? 1100 HEC A CMC 1 
HETATM 777 C  CAC . HEC B 2 .  ? 0.548   7.476   7.237   1.00 10.13 ? 1100 HEC A CAC 1 
HETATM 778 C  CBC . HEC B 2 .  ? 0.047   8.885   7.445   1.00 11.60 ? 1100 HEC A CBC 1 
HETATM 779 N  ND  . HEC B 2 .  ? -1.560  2.875   5.328   1.00 8.78  ? 1100 HEC A ND  1 
HETATM 780 C  C1D . HEC B 2 .  ? -1.439  3.549   6.506   1.00 8.11  ? 1100 HEC A C1D 1 
HETATM 781 C  C2D . HEC B 2 .  ? -2.032  2.790   7.583   1.00 7.97  ? 1100 HEC A C2D 1 
HETATM 782 C  C3D . HEC B 2 .  ? -2.500  1.689   6.996   1.00 7.79  ? 1100 HEC A C3D 1 
HETATM 783 C  C4D . HEC B 2 .  ? -2.228  1.712   5.607   1.00 7.82  ? 1100 HEC A C4D 1 
HETATM 784 C  CMD . HEC B 2 .  ? -2.049  3.207   8.993   1.00 9.75  ? 1100 HEC A CMD 1 
HETATM 785 C  CAD . HEC B 2 .  ? -3.244  0.498   7.718   1.00 10.08 ? 1100 HEC A CAD 1 
HETATM 786 C  CBD . HEC B 2 .  ? -4.724  0.803   7.934   1.00 10.62 ? 1100 HEC A CBD 1 
HETATM 787 C  CGD . HEC B 2 .  ? -5.497  0.629   6.670   1.00 10.76 ? 1100 HEC A CGD 1 
HETATM 788 O  O1D . HEC B 2 .  ? -6.006  1.627   6.084   1.00 12.80 ? 1100 HEC A O1D 1 
HETATM 789 O  O2D . HEC B 2 .  ? -5.589  -0.537  6.179   1.00 11.71 ? 1100 HEC A O2D 1 
HETATM 790 C  C   . TRS C 3 .  ? -0.459  -6.637  10.362  1.00 38.52 ? 1101 TRS A C   1 
HETATM 791 C  C1  . TRS C 3 .  ? -0.253  -7.734  9.218   1.00 49.10 ? 1101 TRS A C1  1 
HETATM 792 C  C2  . TRS C 3 .  ? 0.945   -6.530  11.065  1.00 42.44 ? 1101 TRS A C2  1 
HETATM 793 C  C3  . TRS C 3 .  ? -1.455  -7.122  11.409  1.00 39.99 ? 1101 TRS A C3  1 
HETATM 794 N  N   . TRS C 3 .  ? -0.853  -5.420  9.716   1.00 42.44 ? 1101 TRS A N   1 
HETATM 795 O  O1  . TRS C 3 .  ? 0.200   -6.954  8.051   1.00 61.11 ? 1101 TRS A O1  1 
HETATM 796 O  O2  . TRS C 3 .  ? 1.908   -5.995  10.075  1.00 32.78 ? 1101 TRS A O2  1 
HETATM 797 O  O3  . TRS C 3 .  ? -2.807  -7.301  10.866  1.00 46.40 ? 1101 TRS A O3  1 
HETATM 798 C  C   . ACT D 4 .  ? -3.615  -10.635 -8.398  1.00 14.75 ? 1102 ACT A C   1 
HETATM 799 O  O   . ACT D 4 .  ? -2.769  -9.857  -7.881  1.00 15.01 ? 1102 ACT A O   1 
HETATM 800 O  OXT . ACT D 4 .  ? -4.818  -10.542 -8.583  1.00 16.45 ? 1102 ACT A OXT 1 
HETATM 801 C  CH3 . ACT D 4 .  ? -2.990  -11.965 -8.921  1.00 18.88 ? 1102 ACT A CH3 1 
HETATM 802 O  O   . HOH E 5 .  ? 5.883   2.491   -18.040 1.00 36.83 ? 2001 HOH A O   1 
HETATM 803 O  O   . HOH E 5 .  ? 10.610  3.611   -19.700 1.00 36.07 ? 2002 HOH A O   1 
HETATM 804 O  O   . HOH E 5 .  ? 7.234   5.116   -20.757 1.00 50.29 ? 2003 HOH A O   1 
HETATM 805 O  O   . HOH E 5 .  ? 8.803   -2.166  -14.176 1.00 36.48 ? 2004 HOH A O   1 
HETATM 806 O  O   . HOH E 5 .  ? 12.163  -0.301  -7.913  1.00 38.54 ? 2005 HOH A O   1 
HETATM 807 O  O   . HOH E 5 .  ? 15.345  5.298   -10.679 1.00 70.89 ? 2006 HOH A O   1 
HETATM 808 O  O   . HOH E 5 .  ? 13.789  4.733   -8.708  1.00 36.06 ? 2007 HOH A O   1 
HETATM 809 O  O   . HOH E 5 .  ? 15.969  5.869   -0.433  1.00 40.89 ? 2008 HOH A O   1 
HETATM 810 O  O   . HOH E 5 .  ? 5.473   16.154  -6.892  1.00 80.76 ? 2009 HOH A O   1 
HETATM 811 O  O   . HOH E 5 .  ? 11.610  4.251   8.523   1.00 28.44 ? 2010 HOH A O   1 
HETATM 812 O  O   . HOH E 5 .  ? 3.202   10.126  9.969   1.00 39.93 ? 2011 HOH A O   1 
HETATM 813 O  O   . HOH E 5 .  ? -10.866 -11.875 -4.428  1.00 60.01 ? 2012 HOH A O   1 
HETATM 814 O  O   . HOH E 5 .  ? 14.774  -1.014  4.360   1.00 48.00 ? 2013 HOH A O   1 
HETATM 815 O  O   . HOH E 5 .  ? 11.809  3.236   3.791   1.00 27.16 ? 2014 HOH A O   1 
HETATM 816 O  O   . HOH E 5 .  ? 4.682   -5.679  13.655  1.00 30.97 ? 2015 HOH A O   1 
HETATM 817 O  O   . HOH E 5 .  ? 6.403   -4.673  15.658  1.00 45.48 ? 2016 HOH A O   1 
HETATM 818 O  O   . HOH E 5 .  ? 15.023  5.107   -6.573  1.00 47.64 ? 2017 HOH A O   1 
HETATM 819 O  O   . HOH E 5 .  ? 13.335  4.290   -1.102  1.00 42.02 ? 2018 HOH A O   1 
HETATM 820 O  O   . HOH E 5 .  ? 1.376   9.218   -18.916 1.00 40.70 ? 2019 HOH A O   1 
HETATM 821 O  O   . HOH E 5 .  ? 5.917   12.365  -7.421  1.00 49.18 ? 2020 HOH A O   1 
HETATM 822 O  O   . HOH E 5 .  ? 5.905   15.514  -3.320  1.00 50.81 ? 2021 HOH A O   1 
HETATM 823 O  O   . HOH E 5 .  ? 8.403   14.878  -6.495  1.00 43.20 ? 2022 HOH A O   1 
HETATM 824 O  O   . HOH E 5 .  ? 10.926  13.530  -9.434  1.00 69.42 ? 2023 HOH A O   1 
HETATM 825 O  O   . HOH E 5 .  ? 3.182   -11.834 5.520   1.00 55.16 ? 2024 HOH A O   1 
HETATM 826 O  O   . HOH E 5 .  ? 2.498   15.018  -4.674  1.00 45.49 ? 2025 HOH A O   1 
HETATM 827 O  O   . HOH E 5 .  ? 2.018   13.144  -1.635  1.00 37.10 ? 2026 HOH A O   1 
HETATM 828 O  O   . HOH E 5 .  ? -6.472  -17.565 4.879   1.00 40.21 ? 2027 HOH A O   1 
HETATM 829 O  O   . HOH E 5 .  ? 10.515  4.341   6.056   1.00 28.13 ? 2028 HOH A O   1 
HETATM 830 O  O   . HOH E 5 .  ? -17.262 -5.096  14.416  1.00 49.78 ? 2029 HOH A O   1 
HETATM 831 O  O   . HOH E 5 .  ? 5.458   6.249   10.840  1.00 25.88 ? 2030 HOH A O   1 
HETATM 832 O  O   . HOH E 5 .  ? 3.306   11.025  7.573   1.00 21.89 ? 2031 HOH A O   1 
HETATM 833 O  O   . HOH E 5 .  ? 8.343   8.219   9.511   1.00 27.53 ? 2032 HOH A O   1 
HETATM 834 O  O   . HOH E 5 .  ? -8.428  -15.746 -1.598  1.00 29.46 ? 2033 HOH A O   1 
HETATM 835 O  O   . HOH E 5 .  ? -10.017 -6.404  -1.869  1.00 40.23 ? 2034 HOH A O   1 
HETATM 836 O  O   . HOH E 5 .  ? -10.441 -12.416 -7.125  1.00 58.49 ? 2035 HOH A O   1 
HETATM 837 O  O   . HOH E 5 .  ? -10.563 5.883   -8.423  1.00 38.36 ? 2036 HOH A O   1 
HETATM 838 O  O   . HOH E 5 .  ? 11.542  -5.053  0.809   1.00 32.35 ? 2037 HOH A O   1 
HETATM 839 O  O   . HOH E 5 .  ? 12.242  0.639   5.178   1.00 22.43 ? 2038 HOH A O   1 
HETATM 840 O  O   . HOH E 5 .  ? 12.876  -5.861  9.777   1.00 84.40 ? 2039 HOH A O   1 
HETATM 841 O  O   . HOH E 5 .  ? 5.970   -5.622  11.084  1.00 35.34 ? 2040 HOH A O   1 
HETATM 842 O  O   . HOH E 5 .  ? 11.749  1.571   9.904   1.00 33.07 ? 2041 HOH A O   1 
HETATM 843 O  O   . HOH E 5 .  ? 5.878   0.011   8.174   1.00 12.60 ? 2042 HOH A O   1 
HETATM 844 O  O   . HOH E 5 .  ? 8.458   -3.720  13.866  1.00 32.51 ? 2043 HOH A O   1 
HETATM 845 O  O   . HOH E 5 .  ? 1.631   -5.421  13.603  1.00 33.52 ? 2044 HOH A O   1 
HETATM 846 O  O   . HOH E 5 .  ? 0.353   2.169   14.188  1.00 14.12 ? 2045 HOH A O   1 
HETATM 847 O  O   . HOH E 5 .  ? 1.738   -5.537  5.376   1.00 21.35 ? 2046 HOH A O   1 
HETATM 848 O  O   . HOH E 5 .  ? 0.151   9.341   -16.726 1.00 44.68 ? 2047 HOH A O   1 
HETATM 849 O  O   . HOH E 5 .  ? 11.514  -8.728  7.988   1.00 61.30 ? 2048 HOH A O   1 
HETATM 850 O  O   . HOH E 5 .  ? 3.837   -8.742  5.316   1.00 44.66 ? 2049 HOH A O   1 
HETATM 851 O  O   . HOH E 5 .  ? 6.872   -7.587  6.716   1.00 38.14 ? 2050 HOH A O   1 
HETATM 852 O  O   . HOH E 5 .  ? 4.082   -12.353 3.470   1.00 37.86 ? 2051 HOH A O   1 
HETATM 853 O  O   . HOH E 5 .  ? 1.537   -10.695 -9.967  1.00 27.49 ? 2052 HOH A O   1 
HETATM 854 O  O   . HOH E 5 .  ? 16.441  -8.198  -2.390  1.00 63.31 ? 2053 HOH A O   1 
HETATM 855 O  O   . HOH E 5 .  ? 1.089   -16.035 1.164   1.00 39.45 ? 2054 HOH A O   1 
HETATM 856 O  O   . HOH E 5 .  ? 1.553   -8.612  5.109   1.00 33.37 ? 2055 HOH A O   1 
HETATM 857 O  O   . HOH E 5 .  ? 0.125   -14.374 4.782   1.00 38.73 ? 2056 HOH A O   1 
HETATM 858 O  O   . HOH E 5 .  ? -6.096  -16.120 2.610   1.00 43.47 ? 2057 HOH A O   1 
HETATM 859 O  O   . HOH E 5 .  ? 0.888   -9.819  7.878   1.00 51.91 ? 2058 HOH A O   1 
HETATM 860 O  O   . HOH E 5 .  ? -8.278  -13.385 10.429  1.00 46.04 ? 2059 HOH A O   1 
HETATM 861 O  O   . HOH E 5 .  ? -4.286  -12.015 8.506   1.00 41.02 ? 2060 HOH A O   1 
HETATM 862 O  O   . HOH E 5 .  ? -14.352 -4.900  15.064  1.00 43.35 ? 2061 HOH A O   1 
HETATM 863 O  O   . HOH E 5 .  ? -15.395 -8.748  14.158  1.00 97.10 ? 2062 HOH A O   1 
HETATM 864 O  O   . HOH E 5 .  ? -16.567 -10.764 10.632  1.00 41.63 ? 2063 HOH A O   1 
HETATM 865 O  O   . HOH E 5 .  ? -11.410 -12.845 0.261   1.00 46.24 ? 2064 HOH A O   1 
HETATM 866 O  O   . HOH E 5 .  ? -13.734 -12.842 5.556   1.00 43.48 ? 2065 HOH A O   1 
HETATM 867 O  O   . HOH E 5 .  ? -8.925  -14.346 2.818   1.00 42.49 ? 2066 HOH A O   1 
HETATM 868 O  O   . HOH E 5 .  ? -9.115  -13.093 -0.579  1.00 27.48 ? 2067 HOH A O   1 
HETATM 869 O  O   . HOH E 5 .  ? -8.476  -9.447  -2.197  1.00 30.66 ? 2068 HOH A O   1 
HETATM 870 O  O   . HOH E 5 .  ? -8.995  -9.576  -7.275  1.00 27.71 ? 2069 HOH A O   1 
HETATM 871 O  O   . HOH E 5 .  ? -6.838  -12.772 -5.982  1.00 32.33 ? 2070 HOH A O   1 
HETATM 872 O  O   . HOH E 5 .  ? -9.301  -8.162  -4.061  1.00 35.37 ? 2071 HOH A O   1 
HETATM 873 O  O   . HOH E 5 .  ? -1.687  -2.777  -10.373 1.00 36.07 ? 2072 HOH A O   1 
HETATM 874 O  O   . HOH E 5 .  ? -9.676  -2.194  -6.875  1.00 43.01 ? 2073 HOH A O   1 
HETATM 875 O  O   . HOH E 5 .  ? -9.441  5.575   -10.495 1.00 49.10 ? 2074 HOH A O   1 
HETATM 876 O  O   . HOH E 5 .  ? -10.257 -0.397  -8.387  1.00 34.10 ? 2075 HOH A O   1 
HETATM 877 O  O   . HOH E 5 .  ? -10.868 3.215   -9.065  1.00 64.75 ? 2076 HOH A O   1 
HETATM 878 O  O   . HOH E 5 .  ? -10.382 -3.987  -2.927  1.00 42.49 ? 2077 HOH A O   1 
HETATM 879 O  O   . HOH E 5 .  ? -8.425  -1.699  1.073   1.00 19.31 ? 2078 HOH A O   1 
HETATM 880 O  O   . HOH E 5 .  ? -5.698  1.473   2.658   1.00 18.67 ? 2079 HOH A O   1 
HETATM 881 O  O   . HOH E 5 .  ? -10.265 7.147   -6.153  1.00 32.10 ? 2080 HOH A O   1 
HETATM 882 O  O   . HOH E 5 .  ? -11.738 7.487   -3.223  1.00 53.98 ? 2081 HOH A O   1 
HETATM 883 O  O   . HOH E 5 .  ? -9.369  0.793   1.738   1.00 23.12 ? 2082 HOH A O   1 
HETATM 884 O  O   . HOH E 5 .  ? -10.137 1.242   -6.261  1.00 31.68 ? 2083 HOH A O   1 
HETATM 885 O  O   . HOH E 5 .  ? -11.643 6.956   0.353   1.00 39.06 ? 2084 HOH A O   1 
HETATM 886 O  O   . HOH E 5 .  ? -12.489 6.674   3.920   1.00 34.31 ? 2085 HOH A O   1 
HETATM 887 O  O   . HOH E 5 .  ? -12.992 5.262   6.771   1.00 27.37 ? 2086 HOH A O   1 
HETATM 888 O  O   . HOH E 5 .  ? -12.906 -8.348  2.948   1.00 50.78 ? 2087 HOH A O   1 
HETATM 889 O  O   . HOH E 5 .  ? -11.701 -7.938  -1.720  1.00 87.81 ? 2088 HOH A O   1 
HETATM 890 O  O   . HOH E 5 .  ? -10.505 -5.848  0.406   1.00 34.58 ? 2089 HOH A O   1 
HETATM 891 O  O   . HOH E 5 .  ? -12.425 -2.176  7.855   1.00 35.40 ? 2090 HOH A O   1 
HETATM 892 O  O   . HOH E 5 .  ? -10.664 -7.878  13.863  1.00 31.71 ? 2091 HOH A O   1 
HETATM 893 O  O   . HOH E 5 .  ? -6.040  -12.034 13.575  1.00 29.29 ? 2092 HOH A O   1 
HETATM 894 O  O   . HOH E 5 .  ? -9.469  -10.814 14.119  1.00 37.77 ? 2093 HOH A O   1 
HETATM 895 O  O   . HOH E 5 .  ? -1.981  -4.901  13.906  1.00 22.41 ? 2094 HOH A O   1 
HETATM 896 O  O   . HOH E 5 .  ? -8.357  -2.376  14.652  1.00 35.25 ? 2095 HOH A O   1 
HETATM 897 O  O   . HOH E 5 .  ? -2.077  -3.556  17.202  1.00 28.72 ? 2096 HOH A O   1 
HETATM 898 O  O   . HOH E 5 .  ? -8.456  1.915   13.887  1.00 53.39 ? 2097 HOH A O   1 
HETATM 899 O  O   . HOH E 5 .  ? -7.943  -0.774  12.384  1.00 28.87 ? 2098 HOH A O   1 
HETATM 900 O  O   . HOH E 5 .  ? -8.407  5.169   13.734  1.00 31.13 ? 2099 HOH A O   1 
HETATM 901 O  O   . HOH E 5 .  ? -14.223 3.916   10.111  1.00 83.30 ? 2100 HOH A O   1 
HETATM 902 O  O   . HOH E 5 .  ? -12.270 4.702   11.326  1.00 45.05 ? 2101 HOH A O   1 
HETATM 903 O  O   . HOH E 5 .  ? -8.124  7.452   6.203   1.00 12.83 ? 2102 HOH A O   1 
HETATM 904 O  O   . HOH E 5 .  ? -8.876  13.159  -2.653  1.00 44.57 ? 2103 HOH A O   1 
HETATM 905 O  O   . HOH E 5 .  ? -10.209 10.774  -0.683  1.00 30.95 ? 2104 HOH A O   1 
HETATM 906 O  O   . HOH E 5 .  ? -1.509  12.005  -4.892  1.00 29.89 ? 2105 HOH A O   1 
HETATM 907 O  O   . HOH E 5 .  ? -0.504  12.910  -2.587  1.00 23.27 ? 2106 HOH A O   1 
HETATM 908 O  O   . HOH E 5 .  ? -7.457  8.925   -9.411  1.00 31.92 ? 2107 HOH A O   1 
HETATM 909 O  O   . HOH E 5 .  ? -6.320  8.151   -1.130  1.00 28.07 ? 2108 HOH A O   1 
HETATM 910 O  O   . HOH E 5 .  ? 1.048   9.799   -14.664 1.00 42.86 ? 2109 HOH A O   1 
HETATM 911 O  O   . HOH E 5 .  ? -3.332  1.223   -12.570 1.00 23.21 ? 2110 HOH A O   1 
HETATM 912 O  O   . HOH E 5 .  ? -5.088  8.485   -15.897 1.00 45.03 ? 2111 HOH A O   1 
HETATM 913 O  O   . HOH E 5 .  ? -1.728  7.475   -16.135 1.00 27.95 ? 2112 HOH A O   1 
HETATM 914 O  O   . HOH E 5 .  ? 4.811   4.343   -17.153 1.00 40.60 ? 2113 HOH A O   1 
HETATM 915 O  O   . HOH E 5 .  ? 8.363   8.885   -18.882 1.00 59.71 ? 2114 HOH A O   1 
HETATM 916 O  O   . HOH E 5 .  ? 4.391   10.750  -11.548 1.00 37.54 ? 2115 HOH A O   1 
HETATM 917 O  O   . HOH E 5 .  ? -1.323  12.589  -9.782  1.00 47.13 ? 2116 HOH A O   1 
HETATM 918 O  O   . HOH E 5 .  ? 1.100   -2.788  -11.236 1.00 31.54 ? 2117 HOH A O   1 
HETATM 919 O  O   . HOH E 5 .  ? 7.009   -5.765  -9.680  1.00 39.68 ? 2118 HOH A O   1 
HETATM 920 O  O   . HOH E 5 .  ? 0.985   -6.272  -12.054 1.00 51.76 ? 2119 HOH A O   1 
HETATM 921 O  O   . HOH E 5 .  ? 4.516   -7.544  -11.948 1.00 47.80 ? 2120 HOH A O   1 
HETATM 922 O  O   . HOH E 5 .  ? 4.982   -4.743  -14.737 1.00 49.23 ? 2121 HOH A O   1 
HETATM 923 O  O   . HOH E 5 .  ? 4.912   -7.115  -1.306  1.00 18.53 ? 2122 HOH A O   1 
HETATM 924 O  O   . HOH E 5 .  ? 12.490  -7.080  -2.137  1.00 76.11 ? 2123 HOH A O   1 
HETATM 925 O  O   . HOH E 5 .  ? -6.307  -1.226  3.601   1.00 16.82 ? 2124 HOH A O   1 
HETATM 926 O  O   . HOH E 5 .  ? -7.744  1.872   4.240   1.00 25.75 ? 2125 HOH A O   1 
HETATM 927 O  O   . HOH E 5 .  ? -6.342  4.183   6.831   1.00 15.38 ? 2126 HOH A O   1 
HETATM 928 O  O   . HOH E 5 .  ? -3.745  -8.523  8.905   1.00 23.34 ? 2127 HOH A O   1 
HETATM 929 O  O   . HOH E 5 .  ? 2.073   -6.442  8.078   1.00 38.92 ? 2128 HOH A O   1 
HETATM 930 O  O   . HOH E 5 .  ? 4.214   -4.619  9.477   1.00 29.62 ? 2129 HOH A O   1 
HETATM 931 O  O   . HOH E 5 .  ? -6.475  -8.467  -8.372  1.00 12.87 ? 2130 HOH A O   1 
HETATM 932 O  O   . HOH E 5 .  ? -6.566  -12.493 -8.535  1.00 24.93 ? 2131 HOH A O   1 
# 
